data_9UIH
#
_entry.id   9UIH
#
loop_
_entity.id
_entity.type
_entity.pdbx_description
1 polymer 'Spike glycoprotein E1'
2 polymer 'Spike glycoprotein E2'
#
loop_
_entity_poly.entity_id
_entity_poly.type
_entity_poly.pdbx_seq_one_letter_code
_entity_poly.pdbx_strand_id
1 'polypeptide(L)'
;FEHATTVPNVPGIPYKALVERAGYAPLNLEITVVSSELTPSTNKEYVTCKFHTVIPSPQVKCCGSLECKASSKADYTCRV
FGGVYPFMWGGAQCFCDSENTQLSEAYVEFAPDCTIDHAVALKVHTAALKVGLRIVYGNTTAHLDTFVNGVTPGSSRDLK
VIAGPISAAFSPFDHKVVIRKGLVYNYDFPEYGAMKPGAFGDIQASSLYATDIVARTDIRLLKPSVKNIHVPYTQAVSGY
EMWKNNSGRPLQETAPFGCKIEVEPLRASNCAYGHIPISIDIPDAAFVRSSESPTILEVSCTVADCIYSADFGGSLTLQY
KADREGHCPVHSHSTTAVLKEATTHVTATGSITLHFSTSSPQANFIVSLCGKKTTCNAECKPPADHIIGEPHKVDQEFQA
AVSKTSWNWLLALFGGASSLIVVGLIVLVCSSMLINTRR
;
A,C,E
2 'polypeptide(L)'
;SITDDFTLTSPYLGFCPYCRHSAPCFSPIKIENVWDESDDGSIRIQVSAQFGYNQAGTADVTKFRYMSYDHDHDIKEDSM
EKIAISTSGPCRRLGHKGYFLLAQCPPGDSVTVSITSGASENSCTVEKKIRRKFVGREEYLFPPVHGKLLKCHIYDHLKE
TSAGYITMHRPGPHAYKSYLKEASGEVYIKPPSGKNVTYECKCGDYSTGIVSTQTKMNGCTKARQCIAYTRDQTKWVFNS
PDLIRHTDHSVQGKLHIPFRLTPTVCRVPLAHTPTVTKWFKGITLHLTATRPTLLTTRKLGLRADATAEWITGTTSRNFS
VGREGLEYVWGNHEPVRVWAQESAPGDPHGWPHEIIIHYYHRHPVYTVIVLCGVALAILVGTASSAACIAKARRDCLTPY
ALAPNATVPTALAVLCCI
;
B,D,F
#
# COMPACT_ATOMS: atom_id res chain seq x y z
N PHE A 1 -65.21 -27.44 -13.55
CA PHE A 1 -64.74 -28.22 -12.40
C PHE A 1 -63.60 -27.50 -11.70
N GLU A 2 -63.59 -27.57 -10.38
CA GLU A 2 -62.68 -26.77 -9.55
C GLU A 2 -61.51 -27.64 -9.09
N HIS A 3 -60.30 -27.15 -9.30
CA HIS A 3 -59.09 -27.86 -8.90
C HIS A 3 -58.20 -26.90 -8.12
N ALA A 4 -57.71 -27.34 -6.97
CA ALA A 4 -56.89 -26.52 -6.09
C ALA A 4 -55.52 -27.15 -5.95
N THR A 5 -54.52 -26.52 -6.54
CA THR A 5 -53.14 -26.99 -6.49
C THR A 5 -52.31 -26.07 -5.60
N THR A 6 -51.00 -26.34 -5.56
CA THR A 6 -50.05 -25.51 -4.85
C THR A 6 -48.77 -25.52 -5.68
N VAL A 7 -48.63 -24.54 -6.56
CA VAL A 7 -47.52 -24.46 -7.49
C VAL A 7 -46.29 -23.89 -6.78
N PRO A 8 -45.15 -24.56 -6.85
CA PRO A 8 -43.92 -23.95 -6.34
C PRO A 8 -43.55 -22.73 -7.17
N ASN A 9 -43.21 -21.64 -6.49
CA ASN A 9 -42.92 -20.38 -7.16
C ASN A 9 -41.46 -20.35 -7.60
N VAL A 10 -41.17 -21.16 -8.62
CA VAL A 10 -39.89 -21.15 -9.30
C VAL A 10 -40.18 -20.93 -10.79
N PRO A 11 -39.64 -19.88 -11.40
CA PRO A 11 -40.01 -19.58 -12.78
C PRO A 11 -39.36 -20.51 -13.79
N GLY A 12 -40.17 -21.21 -14.58
CA GLY A 12 -39.66 -22.06 -15.63
C GLY A 12 -39.94 -23.54 -15.42
N ILE A 13 -40.07 -23.98 -14.18
CA ILE A 13 -40.27 -25.39 -13.88
C ILE A 13 -41.76 -25.72 -14.02
N PRO A 14 -42.13 -26.63 -14.90
CA PRO A 14 -43.54 -27.00 -15.02
C PRO A 14 -44.00 -27.82 -13.82
N TYR A 15 -45.21 -27.51 -13.35
CA TYR A 15 -45.87 -28.26 -12.29
C TYR A 15 -46.99 -29.06 -12.91
N LYS A 16 -46.95 -30.38 -12.73
CA LYS A 16 -47.88 -31.29 -13.36
C LYS A 16 -48.86 -31.83 -12.33
N ALA A 17 -50.13 -31.94 -12.73
CA ALA A 17 -51.15 -32.53 -11.89
C ALA A 17 -52.20 -33.18 -12.78
N LEU A 18 -52.87 -34.17 -12.23
CA LEU A 18 -53.93 -34.89 -12.94
C LEU A 18 -55.25 -34.64 -12.26
N VAL A 19 -56.23 -34.17 -13.02
CA VAL A 19 -57.57 -33.91 -12.50
C VAL A 19 -58.47 -35.03 -12.98
N GLU A 20 -59.06 -35.76 -12.03
CA GLU A 20 -59.93 -36.89 -12.32
C GLU A 20 -61.33 -36.58 -11.84
N ARG A 21 -62.27 -36.47 -12.77
CA ARG A 21 -63.68 -36.37 -12.45
C ARG A 21 -64.32 -37.74 -12.59
N ALA A 22 -65.32 -38.01 -11.77
CA ALA A 22 -66.04 -39.28 -11.88
C ALA A 22 -66.78 -39.34 -13.21
N GLY A 23 -66.53 -40.41 -13.97
CA GLY A 23 -67.14 -40.57 -15.27
C GLY A 23 -66.46 -39.83 -16.40
N TYR A 24 -65.39 -39.10 -16.12
CA TYR A 24 -64.68 -38.32 -17.13
C TYR A 24 -63.21 -38.71 -17.16
N ALA A 25 -62.68 -38.82 -18.38
CA ALA A 25 -61.31 -39.25 -18.57
C ALA A 25 -60.33 -38.24 -17.94
N PRO A 26 -59.25 -38.72 -17.34
CA PRO A 26 -58.32 -37.81 -16.67
C PRO A 26 -57.76 -36.76 -17.61
N LEU A 27 -57.62 -35.56 -17.09
CA LEU A 27 -57.12 -34.42 -17.84
C LEU A 27 -55.76 -34.01 -17.28
N ASN A 28 -54.82 -33.74 -18.17
CA ASN A 28 -53.50 -33.31 -17.75
C ASN A 28 -53.47 -31.81 -17.51
N LEU A 29 -52.92 -31.42 -16.36
CA LEU A 29 -52.75 -30.01 -16.01
C LEU A 29 -51.27 -29.69 -15.95
N GLU A 30 -50.91 -28.50 -16.42
CA GLU A 30 -49.52 -28.12 -16.55
C GLU A 30 -49.43 -26.62 -16.28
N ILE A 31 -48.89 -26.26 -15.13
CA ILE A 31 -48.80 -24.87 -14.70
C ILE A 31 -47.34 -24.47 -14.65
N THR A 32 -46.99 -23.41 -15.37
CA THR A 32 -45.62 -22.89 -15.41
C THR A 32 -45.65 -21.41 -15.06
N VAL A 33 -44.68 -20.97 -14.27
CA VAL A 33 -44.51 -19.55 -13.98
C VAL A 33 -43.49 -19.03 -15.01
N VAL A 34 -44.00 -18.42 -16.08
CA VAL A 34 -43.11 -17.89 -17.11
C VAL A 34 -42.32 -16.70 -16.57
N SER A 35 -42.99 -15.82 -15.84
CA SER A 35 -42.35 -14.63 -15.31
C SER A 35 -43.07 -14.22 -14.03
N SER A 36 -42.42 -13.35 -13.26
CA SER A 36 -42.98 -12.82 -12.03
C SER A 36 -42.49 -11.39 -11.82
N GLU A 37 -43.36 -10.56 -11.27
CA GLU A 37 -43.06 -9.17 -10.97
C GLU A 37 -43.41 -8.89 -9.52
N LEU A 38 -42.46 -8.36 -8.76
CA LEU A 38 -42.70 -7.91 -7.39
C LEU A 38 -42.65 -6.39 -7.42
N THR A 39 -43.82 -5.77 -7.57
CA THR A 39 -43.88 -4.32 -7.77
C THR A 39 -44.35 -3.66 -6.49
N PRO A 40 -43.51 -2.87 -5.82
CA PRO A 40 -43.96 -2.13 -4.64
C PRO A 40 -44.63 -0.82 -5.02
N SER A 41 -45.40 -0.30 -4.07
CA SER A 41 -46.02 1.01 -4.22
C SER A 41 -45.00 2.07 -3.85
N THR A 42 -44.71 2.98 -4.77
CA THR A 42 -43.62 3.94 -4.59
C THR A 42 -44.17 5.33 -4.28
N ASN A 43 -43.31 6.14 -3.65
CA ASN A 43 -43.61 7.54 -3.37
C ASN A 43 -42.30 8.31 -3.47
N LYS A 44 -42.21 9.21 -4.44
CA LYS A 44 -40.98 9.96 -4.64
C LYS A 44 -40.92 11.13 -3.66
N GLU A 45 -39.85 11.17 -2.86
CA GLU A 45 -39.65 12.31 -1.97
C GLU A 45 -38.97 13.48 -2.69
N TYR A 46 -37.75 13.27 -3.17
CA TYR A 46 -37.00 14.38 -3.76
C TYR A 46 -35.99 13.81 -4.75
N VAL A 47 -35.27 14.72 -5.40
CA VAL A 47 -34.21 14.40 -6.35
C VAL A 47 -32.95 15.12 -5.88
N THR A 48 -31.84 14.38 -5.77
CA THR A 48 -30.59 14.96 -5.32
C THR A 48 -29.50 14.67 -6.35
N CYS A 49 -28.51 15.53 -6.37
CA CYS A 49 -27.37 15.42 -7.28
C CYS A 49 -26.28 16.39 -6.79
N LYS A 50 -25.24 16.56 -7.61
CA LYS A 50 -24.16 17.47 -7.25
C LYS A 50 -24.65 18.91 -7.33
N PHE A 51 -24.21 19.73 -6.38
CA PHE A 51 -24.62 21.12 -6.33
C PHE A 51 -23.60 22.01 -7.03
N HIS A 52 -24.08 23.13 -7.57
CA HIS A 52 -23.25 24.13 -8.21
C HIS A 52 -23.24 25.36 -7.33
N THR A 53 -22.11 25.63 -6.68
CA THR A 53 -21.99 26.79 -5.81
C THR A 53 -21.96 28.05 -6.66
N VAL A 54 -23.02 28.85 -6.57
CA VAL A 54 -23.14 30.08 -7.35
C VAL A 54 -22.72 31.24 -6.46
N ILE A 55 -21.59 31.85 -6.80
CA ILE A 55 -21.15 33.06 -6.11
C ILE A 55 -21.39 34.24 -7.04
N PRO A 56 -22.35 35.11 -6.75
CA PRO A 56 -22.59 36.26 -7.61
C PRO A 56 -21.42 37.23 -7.57
N SER A 57 -21.53 38.27 -8.39
CA SER A 57 -20.53 39.32 -8.37
C SER A 57 -20.61 40.07 -7.03
N PRO A 58 -19.49 40.29 -6.35
CA PRO A 58 -19.52 41.02 -5.09
C PRO A 58 -20.10 42.41 -5.27
N GLN A 59 -20.89 42.83 -4.28
CA GLN A 59 -21.45 44.18 -4.24
C GLN A 59 -20.66 45.00 -3.23
N VAL A 60 -20.19 46.17 -3.66
CA VAL A 60 -19.48 47.09 -2.80
C VAL A 60 -20.19 48.44 -2.90
N LYS A 61 -21.08 48.71 -1.96
CA LYS A 61 -21.49 50.08 -1.66
C LYS A 61 -20.41 50.58 -0.71
N CYS A 62 -19.27 50.95 -1.29
CA CYS A 62 -18.03 51.02 -0.53
C CYS A 62 -17.68 52.43 -0.11
N CYS A 63 -18.68 53.24 0.24
CA CYS A 63 -18.49 54.32 1.19
C CYS A 63 -19.86 54.47 1.86
N GLY A 64 -20.06 53.75 2.95
CA GLY A 64 -21.36 53.46 3.50
C GLY A 64 -21.41 52.03 3.96
N SER A 65 -22.61 51.50 4.14
CA SER A 65 -22.79 50.17 4.69
C SER A 65 -23.91 49.43 3.94
N LEU A 66 -23.82 48.10 3.97
CA LEU A 66 -24.79 47.21 3.36
C LEU A 66 -25.44 46.33 4.41
N GLU A 67 -26.64 45.86 4.10
CA GLU A 67 -27.42 45.04 5.02
C GLU A 67 -27.69 43.67 4.41
N CYS A 68 -27.50 42.64 5.22
CA CYS A 68 -27.80 41.27 4.78
C CYS A 68 -29.31 41.07 4.72
N LYS A 69 -29.78 40.51 3.62
CA LYS A 69 -31.20 40.26 3.42
C LYS A 69 -31.49 38.77 3.48
N ALA A 70 -32.74 38.41 3.23
CA ALA A 70 -33.18 37.02 3.23
C ALA A 70 -33.68 36.65 1.84
N SER A 71 -33.23 35.50 1.35
CA SER A 71 -33.60 35.01 0.03
C SER A 71 -33.98 33.55 0.13
N SER A 72 -34.80 33.11 -0.83
CA SER A 72 -35.27 31.74 -0.88
C SER A 72 -34.36 30.82 -1.68
N LYS A 73 -33.22 31.34 -2.16
CA LYS A 73 -32.28 30.50 -2.87
C LYS A 73 -31.68 29.47 -1.93
N ALA A 74 -31.26 28.35 -2.51
CA ALA A 74 -30.84 27.20 -1.71
C ALA A 74 -29.53 27.51 -0.97
N ASP A 75 -29.57 27.36 0.35
CA ASP A 75 -28.41 27.62 1.21
C ASP A 75 -27.84 29.01 0.98
N TYR A 76 -28.71 30.01 0.96
CA TYR A 76 -28.31 31.38 0.71
C TYR A 76 -27.53 31.90 1.92
N THR A 77 -26.23 32.12 1.74
CA THR A 77 -25.36 32.61 2.79
C THR A 77 -24.89 34.01 2.42
N CYS A 78 -24.90 34.91 3.40
CA CYS A 78 -24.51 36.29 3.18
C CYS A 78 -23.61 36.73 4.32
N ARG A 79 -22.76 37.72 4.05
CA ARG A 79 -21.90 38.28 5.09
C ARG A 79 -21.44 39.66 4.65
N VAL A 80 -21.39 40.57 5.61
CA VAL A 80 -21.01 41.96 5.41
C VAL A 80 -19.66 42.19 6.05
N PHE A 81 -18.72 42.73 5.29
CA PHE A 81 -17.34 42.88 5.73
C PHE A 81 -16.98 44.34 5.87
N GLY A 82 -16.21 44.66 6.91
CA GLY A 82 -16.10 46.02 7.43
C GLY A 82 -15.44 47.05 6.54
N GLY A 83 -14.13 46.92 6.32
CA GLY A 83 -13.40 47.84 5.46
C GLY A 83 -12.50 47.09 4.52
N VAL A 84 -12.69 47.24 3.21
CA VAL A 84 -12.10 46.35 2.22
C VAL A 84 -11.13 47.09 1.29
N TYR A 85 -11.59 48.19 0.67
CA TYR A 85 -10.83 48.84 -0.40
C TYR A 85 -10.44 47.83 -1.46
N PRO A 86 -11.39 47.34 -2.26
CA PRO A 86 -11.08 46.31 -3.25
C PRO A 86 -10.41 46.89 -4.48
N PHE A 87 -9.62 46.04 -5.13
CA PHE A 87 -8.88 46.40 -6.34
C PHE A 87 -9.32 45.50 -7.49
N MET A 88 -9.22 46.04 -8.71
CA MET A 88 -9.38 45.26 -9.92
C MET A 88 -8.29 45.68 -10.90
N TRP A 89 -8.38 45.24 -12.15
CA TRP A 89 -7.45 45.72 -13.17
C TRP A 89 -7.83 47.15 -13.52
N GLY A 90 -7.17 48.11 -12.88
CA GLY A 90 -7.57 49.49 -13.01
C GLY A 90 -7.43 50.25 -11.71
N GLY A 91 -7.01 49.57 -10.65
CA GLY A 91 -6.69 50.24 -9.41
C GLY A 91 -7.85 50.32 -8.43
N ALA A 92 -7.88 51.41 -7.66
CA ALA A 92 -8.89 51.56 -6.61
C ALA A 92 -10.28 51.58 -7.20
N GLN A 93 -11.21 50.89 -6.55
CA GLN A 93 -12.57 50.77 -7.06
C GLN A 93 -13.53 51.79 -6.45
N CYS A 94 -13.12 52.52 -5.42
CA CYS A 94 -13.92 53.63 -4.89
C CYS A 94 -13.00 54.53 -4.07
N PHE A 95 -13.61 55.45 -3.34
CA PHE A 95 -12.92 56.66 -2.89
C PHE A 95 -12.62 56.66 -1.39
N CYS A 96 -13.64 56.47 -0.54
CA CYS A 96 -13.38 56.44 0.90
C CYS A 96 -12.48 55.26 1.26
N ASP A 97 -11.62 55.47 2.25
CA ASP A 97 -10.52 54.54 2.51
C ASP A 97 -11.00 53.30 3.24
N SER A 98 -11.46 53.45 4.48
CA SER A 98 -11.86 52.31 5.29
C SER A 98 -13.36 52.25 5.55
N GLU A 99 -14.14 53.07 4.84
CA GLU A 99 -15.60 53.06 4.97
C GLU A 99 -16.25 52.18 3.93
N ASN A 100 -15.59 51.11 3.51
CA ASN A 100 -15.98 50.33 2.35
C ASN A 100 -16.55 48.98 2.80
N THR A 101 -17.77 48.68 2.38
CA THR A 101 -18.45 47.45 2.78
C THR A 101 -18.63 46.54 1.57
N GLN A 102 -18.26 45.28 1.73
CA GLN A 102 -18.45 44.26 0.70
C GLN A 102 -19.46 43.23 1.17
N LEU A 103 -20.38 42.85 0.30
CA LEU A 103 -21.40 41.85 0.59
C LEU A 103 -21.09 40.58 -0.19
N SER A 104 -20.88 39.49 0.52
CA SER A 104 -20.57 38.20 -0.08
C SER A 104 -21.84 37.34 -0.10
N GLU A 105 -22.20 36.87 -1.29
CA GLU A 105 -23.36 36.00 -1.46
C GLU A 105 -22.90 34.65 -2.00
N ALA A 106 -23.59 33.60 -1.56
CA ALA A 106 -23.25 32.24 -2.01
C ALA A 106 -24.47 31.37 -1.81
N TYR A 107 -25.07 30.91 -2.91
CA TYR A 107 -26.14 29.92 -2.80
C TYR A 107 -25.78 28.70 -3.65
N VAL A 108 -26.69 27.76 -3.76
CA VAL A 108 -26.42 26.47 -4.36
C VAL A 108 -27.48 26.18 -5.41
N GLU A 109 -27.07 25.56 -6.50
CA GLU A 109 -27.93 25.26 -7.64
C GLU A 109 -27.84 23.76 -7.96
N PHE A 110 -28.49 23.38 -9.06
CA PHE A 110 -28.35 22.06 -9.65
C PHE A 110 -27.33 22.13 -10.78
N ALA A 111 -26.41 21.17 -10.80
CA ALA A 111 -25.39 21.16 -11.83
C ALA A 111 -26.03 20.94 -13.20
N PRO A 112 -25.42 21.45 -14.27
CA PRO A 112 -26.01 21.27 -15.61
C PRO A 112 -26.13 19.82 -16.02
N ASP A 113 -25.21 18.95 -15.59
CA ASP A 113 -25.25 17.54 -15.94
C ASP A 113 -26.12 16.72 -15.00
N CYS A 114 -26.92 17.38 -14.16
CA CYS A 114 -27.75 16.66 -13.19
C CYS A 114 -28.96 16.00 -13.83
N THR A 115 -29.36 16.41 -15.03
CA THR A 115 -30.50 15.78 -15.68
C THR A 115 -30.19 14.35 -16.11
N ILE A 116 -28.92 13.93 -16.05
CA ILE A 116 -28.51 12.57 -16.38
C ILE A 116 -27.95 11.85 -15.16
N ASP A 117 -27.08 12.52 -14.41
CA ASP A 117 -26.45 11.92 -13.22
C ASP A 117 -27.13 12.49 -11.98
N HIS A 118 -28.22 11.86 -11.59
CA HIS A 118 -28.95 12.24 -10.39
C HIS A 118 -29.52 10.99 -9.73
N ALA A 119 -29.94 11.15 -8.48
CA ALA A 119 -30.56 10.08 -7.73
C ALA A 119 -31.98 10.47 -7.36
N VAL A 120 -32.83 9.47 -7.21
CA VAL A 120 -34.22 9.65 -6.82
C VAL A 120 -34.44 8.91 -5.51
N ALA A 121 -34.96 9.62 -4.51
CA ALA A 121 -35.24 9.05 -3.21
C ALA A 121 -36.70 8.60 -3.16
N LEU A 122 -36.93 7.36 -2.77
CA LEU A 122 -38.25 6.76 -2.80
C LEU A 122 -38.56 6.06 -1.49
N LYS A 123 -39.82 6.09 -1.09
CA LYS A 123 -40.34 5.22 -0.06
C LYS A 123 -41.28 4.20 -0.71
N VAL A 124 -41.04 2.92 -0.44
CA VAL A 124 -41.79 1.84 -1.07
C VAL A 124 -42.54 1.07 0.01
N HIS A 125 -43.84 0.89 -0.19
CA HIS A 125 -44.74 0.20 0.71
C HIS A 125 -44.80 -1.28 0.34
N THR A 126 -45.80 -1.97 0.87
CA THR A 126 -45.99 -3.39 0.62
C THR A 126 -45.97 -3.70 -0.87
N ALA A 127 -45.26 -4.77 -1.22
CA ALA A 127 -45.09 -5.18 -2.60
C ALA A 127 -46.20 -6.14 -3.03
N ALA A 128 -46.51 -6.10 -4.32
CA ALA A 128 -47.51 -6.96 -4.92
C ALA A 128 -46.84 -7.92 -5.88
N LEU A 129 -47.27 -9.18 -5.85
CA LEU A 129 -46.72 -10.19 -6.74
C LEU A 129 -47.68 -10.42 -7.90
N LYS A 130 -47.14 -10.43 -9.11
CA LYS A 130 -47.89 -10.71 -10.31
C LYS A 130 -47.12 -11.74 -11.12
N VAL A 131 -47.81 -12.74 -11.64
CA VAL A 131 -47.14 -13.86 -12.29
C VAL A 131 -47.74 -14.09 -13.67
N GLY A 132 -46.91 -14.61 -14.57
CA GLY A 132 -47.38 -15.10 -15.85
C GLY A 132 -47.47 -16.60 -15.83
N LEU A 133 -48.63 -17.15 -16.17
CA LEU A 133 -48.86 -18.58 -16.08
C LEU A 133 -49.08 -19.18 -17.47
N ARG A 134 -48.73 -20.45 -17.59
CA ARG A 134 -48.79 -21.19 -18.85
C ARG A 134 -49.61 -22.46 -18.68
N ILE A 135 -50.82 -22.30 -18.13
CA ILE A 135 -51.71 -23.44 -17.91
C ILE A 135 -51.93 -24.19 -19.22
N VAL A 136 -51.65 -25.49 -19.20
CA VAL A 136 -51.88 -26.38 -20.33
C VAL A 136 -52.83 -27.47 -19.86
N TYR A 137 -54.07 -27.42 -20.33
CA TYR A 137 -55.09 -28.39 -19.98
C TYR A 137 -55.59 -29.04 -21.26
N GLY A 138 -55.62 -30.37 -21.27
CA GLY A 138 -55.95 -31.08 -22.50
C GLY A 138 -54.93 -30.83 -23.58
N ASN A 139 -55.38 -30.33 -24.72
CA ASN A 139 -54.48 -29.96 -25.82
C ASN A 139 -54.56 -28.47 -26.10
N THR A 140 -55.01 -27.68 -25.13
CA THR A 140 -55.12 -26.24 -25.27
C THR A 140 -54.18 -25.55 -24.29
N THR A 141 -53.40 -24.60 -24.80
CA THR A 141 -52.47 -23.81 -24.00
C THR A 141 -53.03 -22.41 -23.82
N ALA A 142 -53.04 -21.93 -22.58
CA ALA A 142 -53.51 -20.59 -22.28
C ALA A 142 -52.45 -19.83 -21.51
N HIS A 143 -52.10 -18.64 -22.02
CA HIS A 143 -51.21 -17.71 -21.35
C HIS A 143 -52.04 -16.63 -20.68
N LEU A 144 -51.63 -16.23 -19.48
CA LEU A 144 -52.42 -15.29 -18.68
C LEU A 144 -51.58 -14.76 -17.52
N ASP A 145 -51.89 -13.55 -17.11
CA ASP A 145 -51.23 -12.88 -15.99
C ASP A 145 -52.23 -12.68 -14.86
N THR A 146 -51.84 -13.08 -13.66
CA THR A 146 -52.71 -12.97 -12.48
C THR A 146 -51.98 -12.27 -11.36
N PHE A 147 -52.77 -11.58 -10.54
CA PHE A 147 -52.28 -10.97 -9.30
C PHE A 147 -52.29 -12.04 -8.21
N VAL A 148 -51.21 -12.12 -7.44
CA VAL A 148 -51.10 -13.09 -6.34
C VAL A 148 -51.60 -12.36 -5.10
N ASN A 149 -52.91 -12.42 -4.90
CA ASN A 149 -53.53 -11.92 -3.68
C ASN A 149 -54.59 -12.84 -3.10
N GLY A 150 -55.23 -13.68 -3.91
CA GLY A 150 -56.23 -14.61 -3.46
C GLY A 150 -57.65 -14.25 -3.83
N VAL A 151 -57.88 -13.07 -4.39
CA VAL A 151 -59.24 -12.65 -4.74
C VAL A 151 -59.40 -12.25 -6.19
N THR A 152 -58.35 -11.82 -6.90
CA THR A 152 -58.52 -11.28 -8.24
C THR A 152 -58.54 -12.40 -9.27
N PRO A 153 -59.59 -12.51 -10.08
CA PRO A 153 -59.68 -13.61 -11.08
C PRO A 153 -59.08 -13.24 -12.43
N GLY A 154 -57.76 -13.24 -12.51
CA GLY A 154 -57.10 -13.05 -13.79
C GLY A 154 -57.43 -14.20 -14.73
N SER A 155 -57.99 -13.87 -15.90
CA SER A 155 -58.49 -14.89 -16.80
C SER A 155 -58.16 -14.51 -18.24
N SER A 156 -57.70 -15.48 -19.02
CA SER A 156 -57.40 -15.22 -20.43
C SER A 156 -58.65 -15.26 -21.29
N ARG A 157 -59.25 -16.44 -21.44
CA ARG A 157 -60.53 -16.57 -22.15
C ARG A 157 -61.61 -17.15 -21.26
N ASP A 158 -61.42 -18.37 -20.74
CA ASP A 158 -62.43 -19.03 -19.92
C ASP A 158 -61.80 -19.87 -18.82
N LEU A 159 -60.60 -19.52 -18.38
CA LEU A 159 -59.90 -20.37 -17.42
C LEU A 159 -60.27 -20.02 -15.99
N LYS A 160 -60.33 -18.73 -15.66
CA LYS A 160 -60.75 -18.27 -14.35
C LYS A 160 -59.86 -18.84 -13.25
N VAL A 161 -58.59 -18.45 -13.30
CA VAL A 161 -57.59 -18.92 -12.34
C VAL A 161 -57.40 -17.83 -11.28
N ILE A 162 -57.51 -18.22 -10.02
CA ILE A 162 -57.37 -17.32 -8.89
C ILE A 162 -56.10 -17.70 -8.15
N ALA A 163 -55.12 -16.79 -8.15
CA ALA A 163 -53.83 -17.06 -7.54
C ALA A 163 -53.91 -16.75 -6.06
N GLY A 164 -53.78 -17.80 -5.24
CA GLY A 164 -53.92 -17.66 -3.81
C GLY A 164 -52.78 -16.87 -3.19
N PRO A 165 -52.92 -16.52 -1.92
CA PRO A 165 -51.89 -15.71 -1.26
C PRO A 165 -50.55 -16.43 -1.23
N ILE A 166 -49.47 -15.67 -1.43
CA ILE A 166 -48.14 -16.25 -1.38
C ILE A 166 -47.82 -16.67 0.05
N SER A 167 -47.19 -17.85 0.18
CA SER A 167 -46.95 -18.43 1.50
C SER A 167 -46.01 -17.57 2.32
N ALA A 168 -44.97 -17.01 1.69
CA ALA A 168 -43.99 -16.18 2.38
C ALA A 168 -44.09 -14.76 1.87
N ALA A 169 -44.19 -13.80 2.79
CA ALA A 169 -44.23 -12.38 2.44
C ALA A 169 -42.80 -11.87 2.39
N PHE A 170 -42.30 -11.62 1.19
CA PHE A 170 -40.91 -11.22 0.98
C PHE A 170 -40.87 -10.00 0.08
N SER A 171 -39.98 -9.07 0.41
CA SER A 171 -39.76 -7.86 -0.37
C SER A 171 -38.28 -7.49 -0.32
N PRO A 172 -37.58 -7.52 -1.44
CA PRO A 172 -36.13 -7.23 -1.40
C PRO A 172 -35.81 -5.79 -1.10
N PHE A 173 -36.80 -4.90 -1.14
CA PHE A 173 -36.58 -3.48 -0.91
C PHE A 173 -36.86 -3.12 0.54
N ASP A 174 -36.08 -2.20 1.08
CA ASP A 174 -36.30 -1.66 2.41
C ASP A 174 -37.41 -0.62 2.33
N HIS A 175 -37.60 0.15 3.40
CA HIS A 175 -38.59 1.22 3.34
C HIS A 175 -38.11 2.37 2.46
N LYS A 176 -36.82 2.66 2.48
CA LYS A 176 -36.25 3.78 1.74
C LYS A 176 -35.28 3.24 0.69
N VAL A 177 -35.49 3.64 -0.56
CA VAL A 177 -34.77 3.12 -1.71
C VAL A 177 -34.26 4.29 -2.55
N VAL A 178 -33.02 4.19 -3.02
CA VAL A 178 -32.38 5.20 -3.83
C VAL A 178 -32.09 4.61 -5.21
N ILE A 179 -32.51 5.32 -6.25
CA ILE A 179 -32.33 4.88 -7.64
C ILE A 179 -31.39 5.86 -8.33
N ARG A 180 -30.30 5.33 -8.88
CA ARG A 180 -29.31 6.16 -9.57
C ARG A 180 -28.90 5.47 -10.86
N LYS A 181 -29.33 6.02 -12.00
CA LYS A 181 -28.97 5.51 -13.32
C LYS A 181 -29.27 4.02 -13.45
N GLY A 182 -30.44 3.62 -12.95
CA GLY A 182 -30.91 2.27 -13.08
C GLY A 182 -30.44 1.32 -12.00
N LEU A 183 -29.55 1.74 -11.13
CA LEU A 183 -29.07 0.90 -10.04
C LEU A 183 -29.82 1.25 -8.77
N VAL A 184 -30.30 0.22 -8.06
CA VAL A 184 -31.18 0.39 -6.92
C VAL A 184 -30.40 0.08 -5.64
N TYR A 185 -30.39 1.03 -4.71
CA TYR A 185 -29.68 0.88 -3.45
C TYR A 185 -30.67 1.01 -2.29
N ASN A 186 -30.38 0.32 -1.20
CA ASN A 186 -31.18 0.39 0.02
C ASN A 186 -30.47 1.36 0.96
N TYR A 187 -30.85 2.63 0.88
CA TYR A 187 -30.22 3.69 1.65
C TYR A 187 -31.27 4.40 2.50
N ASP A 188 -30.86 4.80 3.71
CA ASP A 188 -31.74 5.53 4.63
C ASP A 188 -31.49 7.02 4.45
N PHE A 189 -32.12 7.57 3.41
CA PHE A 189 -31.90 8.97 3.10
C PHE A 189 -32.59 9.86 4.13
N PRO A 190 -32.07 11.07 4.34
CA PRO A 190 -32.76 12.01 5.23
C PRO A 190 -34.09 12.44 4.66
N GLU A 191 -35.03 12.73 5.56
CA GLU A 191 -36.36 13.14 5.15
C GLU A 191 -36.29 14.49 4.42
N TYR A 192 -37.41 14.88 3.82
CA TYR A 192 -37.48 16.15 3.12
C TYR A 192 -37.46 17.28 4.15
N GLY A 193 -36.40 18.08 4.13
CA GLY A 193 -36.21 19.14 5.10
C GLY A 193 -35.08 18.92 6.08
N ALA A 194 -34.65 17.68 6.28
CA ALA A 194 -33.56 17.38 7.21
C ALA A 194 -32.24 17.18 6.45
N MET A 195 -31.76 18.22 5.80
CA MET A 195 -30.54 18.13 5.01
C MET A 195 -29.33 18.14 5.93
N LYS A 196 -28.54 17.07 5.87
CA LYS A 196 -27.28 17.00 6.60
C LYS A 196 -26.14 17.39 5.67
N PRO A 197 -25.32 18.39 6.01
CA PRO A 197 -24.18 18.71 5.17
C PRO A 197 -23.20 17.54 5.08
N GLY A 198 -22.67 17.32 3.87
CA GLY A 198 -21.71 16.28 3.67
C GLY A 198 -22.25 14.87 3.56
N ALA A 199 -23.57 14.71 3.53
CA ALA A 199 -24.19 13.40 3.41
C ALA A 199 -25.20 13.41 2.27
N PHE A 200 -25.68 12.22 1.91
CA PHE A 200 -26.66 12.10 0.84
C PHE A 200 -27.91 12.91 1.15
N GLY A 201 -28.39 13.65 0.16
CA GLY A 201 -29.56 14.47 0.36
C GLY A 201 -29.31 15.83 0.95
N ASP A 202 -28.07 16.34 0.86
CA ASP A 202 -27.81 17.69 1.36
C ASP A 202 -28.45 18.75 0.49
N ILE A 203 -28.76 18.44 -0.76
CA ILE A 203 -29.54 19.31 -1.62
C ILE A 203 -30.76 18.53 -2.10
N GLN A 204 -31.94 19.10 -1.92
CA GLN A 204 -33.19 18.43 -2.21
C GLN A 204 -34.09 19.33 -3.03
N ALA A 205 -34.86 18.71 -3.92
CA ALA A 205 -35.88 19.40 -4.69
C ALA A 205 -36.91 18.38 -5.12
N SER A 206 -38.13 18.86 -5.32
CA SER A 206 -39.19 17.96 -5.81
C SER A 206 -38.87 17.44 -7.20
N SER A 207 -38.35 18.27 -8.08
CA SER A 207 -37.95 17.86 -9.41
C SER A 207 -36.64 18.55 -9.76
N LEU A 208 -36.09 18.17 -10.92
CA LEU A 208 -34.87 18.82 -11.40
C LEU A 208 -35.13 20.23 -11.90
N TYR A 209 -36.34 20.47 -12.42
CA TYR A 209 -36.73 21.78 -12.95
C TYR A 209 -37.53 22.59 -11.95
N ALA A 210 -37.30 22.37 -10.66
CA ALA A 210 -38.06 23.03 -9.60
C ALA A 210 -37.33 24.29 -9.15
N THR A 211 -38.11 25.28 -8.74
CA THR A 211 -37.58 26.53 -8.22
C THR A 211 -37.64 26.63 -6.71
N ASP A 212 -37.98 25.54 -6.02
CA ASP A 212 -38.06 25.51 -4.57
C ASP A 212 -36.97 24.64 -3.95
N ILE A 213 -35.77 24.69 -4.53
CA ILE A 213 -34.67 23.86 -4.04
C ILE A 213 -34.32 24.26 -2.61
N VAL A 214 -34.13 23.25 -1.76
CA VAL A 214 -33.66 23.45 -0.39
C VAL A 214 -32.31 22.75 -0.26
N ALA A 215 -31.36 23.40 0.40
CA ALA A 215 -30.02 22.84 0.52
C ALA A 215 -29.41 23.24 1.85
N ARG A 216 -28.42 22.45 2.26
CA ARG A 216 -27.62 22.74 3.46
C ARG A 216 -26.24 22.12 3.22
N THR A 217 -25.32 22.95 2.73
CA THR A 217 -24.01 22.49 2.27
C THR A 217 -22.87 23.11 3.05
N ASP A 218 -23.16 23.80 4.16
CA ASP A 218 -22.14 24.33 5.06
C ASP A 218 -21.22 25.32 4.36
N ILE A 219 -21.81 26.39 3.86
CA ILE A 219 -21.05 27.45 3.19
C ILE A 219 -20.62 28.47 4.24
N ARG A 220 -19.30 28.61 4.42
CA ARG A 220 -18.75 29.60 5.32
C ARG A 220 -18.02 30.65 4.50
N LEU A 221 -18.48 31.89 4.60
CA LEU A 221 -17.91 33.00 3.85
C LEU A 221 -16.79 33.62 4.66
N LEU A 222 -15.61 33.71 4.07
CA LEU A 222 -14.40 34.12 4.76
C LEU A 222 -14.08 35.59 4.47
N LYS A 223 -13.42 36.24 5.41
CA LYS A 223 -13.06 37.63 5.25
C LYS A 223 -11.97 37.77 4.20
N PRO A 224 -12.16 38.60 3.18
CA PRO A 224 -11.13 38.75 2.16
C PRO A 224 -9.82 39.26 2.75
N SER A 225 -8.72 38.71 2.27
CA SER A 225 -7.38 39.13 2.67
C SER A 225 -6.64 39.89 1.57
N VAL A 226 -6.70 39.40 0.34
CA VAL A 226 -5.97 40.04 -0.74
C VAL A 226 -6.66 41.34 -1.15
N LYS A 227 -5.92 42.19 -1.84
CA LYS A 227 -6.45 43.47 -2.25
C LYS A 227 -7.43 43.34 -3.42
N ASN A 228 -7.20 42.40 -4.32
CA ASN A 228 -8.09 42.20 -5.45
C ASN A 228 -9.43 41.66 -4.98
N ILE A 229 -10.49 42.04 -5.70
CA ILE A 229 -11.83 41.65 -5.31
C ILE A 229 -11.94 40.13 -5.32
N HIS A 230 -12.49 39.59 -4.23
CA HIS A 230 -12.50 38.15 -4.04
C HIS A 230 -13.65 37.77 -3.12
N VAL A 231 -14.22 36.60 -3.36
CA VAL A 231 -15.16 36.00 -2.42
C VAL A 231 -14.55 34.70 -1.93
N PRO A 232 -13.77 34.73 -0.84
CA PRO A 232 -13.23 33.48 -0.30
C PRO A 232 -14.33 32.72 0.45
N TYR A 233 -14.45 31.44 0.12
CA TYR A 233 -15.48 30.61 0.72
C TYR A 233 -14.94 29.22 0.92
N THR A 234 -15.60 28.49 1.81
CA THR A 234 -15.29 27.09 2.03
C THR A 234 -16.60 26.33 2.22
N GLN A 235 -16.58 25.05 1.87
CA GLN A 235 -17.81 24.29 1.75
C GLN A 235 -17.53 22.82 2.06
N ALA A 236 -18.60 22.11 2.40
CA ALA A 236 -18.50 20.68 2.61
C ALA A 236 -18.52 19.94 1.28
N VAL A 237 -18.03 18.71 1.29
CA VAL A 237 -18.02 17.91 0.07
C VAL A 237 -19.44 17.58 -0.34
N SER A 238 -19.61 17.27 -1.62
CA SER A 238 -20.93 16.90 -2.13
C SER A 238 -21.36 15.59 -1.50
N GLY A 239 -22.53 15.59 -0.85
CA GLY A 239 -23.04 14.37 -0.27
C GLY A 239 -23.36 13.33 -1.32
N TYR A 240 -23.82 13.76 -2.49
CA TYR A 240 -24.04 12.84 -3.60
C TYR A 240 -22.74 12.15 -4.00
N GLU A 241 -21.65 12.91 -4.14
CA GLU A 241 -20.38 12.32 -4.52
C GLU A 241 -19.84 11.40 -3.43
N MET A 242 -19.97 11.80 -2.16
CA MET A 242 -19.50 10.97 -1.07
C MET A 242 -20.28 9.65 -1.01
N TRP A 243 -21.60 9.72 -1.18
CA TRP A 243 -22.40 8.50 -1.24
C TRP A 243 -22.03 7.66 -2.44
N LYS A 244 -21.75 8.28 -3.58
CA LYS A 244 -21.35 7.53 -4.76
C LYS A 244 -20.06 6.77 -4.50
N ASN A 245 -19.13 7.37 -3.78
CA ASN A 245 -17.89 6.66 -3.44
C ASN A 245 -18.14 5.58 -2.38
N ASN A 246 -19.12 5.78 -1.50
CA ASN A 246 -19.39 4.81 -0.44
C ASN A 246 -20.78 4.21 -0.55
N SER A 247 -21.20 3.82 -1.76
CA SER A 247 -22.57 3.34 -1.95
C SER A 247 -22.70 1.84 -1.72
N GLY A 248 -21.62 1.09 -1.85
CA GLY A 248 -21.71 -0.35 -1.73
C GLY A 248 -22.26 -0.98 -3.00
N ARG A 249 -22.57 -2.27 -2.89
CA ARG A 249 -23.07 -2.86 -4.11
C ARG A 249 -24.60 -2.77 -4.16
N PRO A 250 -25.19 -2.65 -5.34
CA PRO A 250 -26.63 -2.43 -5.42
C PRO A 250 -27.43 -3.68 -5.08
N LEU A 251 -28.75 -3.47 -4.97
CA LEU A 251 -29.68 -4.57 -4.77
C LEU A 251 -29.67 -5.54 -5.94
N GLN A 252 -29.31 -5.08 -7.14
CA GLN A 252 -29.19 -5.98 -8.28
C GLN A 252 -28.19 -7.09 -8.03
N GLU A 253 -27.25 -6.88 -7.11
CA GLU A 253 -26.25 -7.88 -6.78
C GLU A 253 -26.33 -8.38 -5.34
N THR A 254 -27.07 -7.71 -4.47
CA THR A 254 -27.24 -8.18 -3.09
C THR A 254 -28.67 -8.66 -2.81
N ALA A 255 -29.46 -8.89 -3.85
CA ALA A 255 -30.84 -9.32 -3.65
C ALA A 255 -30.90 -10.81 -3.28
N PRO A 256 -31.87 -11.20 -2.47
CA PRO A 256 -32.07 -12.62 -2.16
C PRO A 256 -32.97 -13.28 -3.20
N PHE A 257 -32.97 -14.61 -3.16
CA PHE A 257 -33.84 -15.46 -3.98
C PHE A 257 -33.63 -15.25 -5.47
N GLY A 258 -32.44 -14.79 -5.87
CA GLY A 258 -32.15 -14.60 -7.28
C GLY A 258 -33.05 -13.59 -7.96
N CYS A 259 -33.40 -12.52 -7.26
CA CYS A 259 -34.30 -11.51 -7.81
C CYS A 259 -33.54 -10.58 -8.74
N LYS A 260 -34.20 -10.22 -9.84
CA LYS A 260 -33.65 -9.31 -10.84
C LYS A 260 -34.27 -7.95 -10.62
N ILE A 261 -33.48 -7.02 -10.09
CA ILE A 261 -34.00 -5.70 -9.73
C ILE A 261 -34.02 -4.82 -10.97
N GLU A 262 -35.20 -4.31 -11.33
CA GLU A 262 -35.39 -3.53 -12.53
C GLU A 262 -36.13 -2.24 -12.19
N VAL A 263 -35.95 -1.23 -13.04
CA VAL A 263 -36.50 0.09 -12.81
C VAL A 263 -37.45 0.44 -13.95
N GLU A 264 -38.26 1.48 -13.70
CA GLU A 264 -39.24 2.00 -14.66
C GLU A 264 -40.27 0.95 -15.08
N PRO A 265 -41.15 0.51 -14.17
CA PRO A 265 -41.27 0.84 -12.75
C PRO A 265 -40.32 0.00 -11.90
N LEU A 266 -40.19 0.31 -10.61
CA LEU A 266 -39.34 -0.48 -9.75
C LEU A 266 -39.97 -1.84 -9.48
N ARG A 267 -39.22 -2.91 -9.71
CA ARG A 267 -39.75 -4.25 -9.56
C ARG A 267 -38.61 -5.23 -9.31
N ALA A 268 -38.96 -6.36 -8.74
CA ALA A 268 -38.04 -7.49 -8.54
C ALA A 268 -38.61 -8.67 -9.32
N SER A 269 -38.01 -8.96 -10.47
CA SER A 269 -38.56 -9.93 -11.40
C SER A 269 -37.93 -11.30 -11.20
N ASN A 270 -38.74 -12.34 -11.41
CA ASN A 270 -38.30 -13.73 -11.41
C ASN A 270 -37.68 -14.12 -10.06
N CYS A 271 -38.47 -13.93 -9.00
CA CYS A 271 -38.06 -14.30 -7.65
C CYS A 271 -38.59 -15.67 -7.31
N ALA A 272 -37.71 -16.53 -6.79
CA ALA A 272 -38.03 -17.92 -6.50
C ALA A 272 -38.21 -18.07 -5.00
N TYR A 273 -39.46 -17.99 -4.54
CA TYR A 273 -39.74 -18.12 -3.11
C TYR A 273 -41.20 -18.48 -2.91
N GLY A 274 -41.45 -19.39 -1.97
CA GLY A 274 -42.81 -19.66 -1.54
C GLY A 274 -43.60 -20.56 -2.47
N HIS A 275 -44.87 -20.73 -2.10
CA HIS A 275 -45.83 -21.54 -2.84
C HIS A 275 -47.06 -20.71 -3.14
N ILE A 276 -47.71 -21.00 -4.26
CA ILE A 276 -48.86 -20.24 -4.73
C ILE A 276 -50.05 -21.20 -4.81
N PRO A 277 -51.13 -20.96 -4.06
CA PRO A 277 -52.31 -21.82 -4.17
C PRO A 277 -53.21 -21.48 -5.35
N ILE A 278 -52.90 -22.01 -6.53
CA ILE A 278 -53.70 -21.74 -7.71
C ILE A 278 -55.01 -22.51 -7.65
N SER A 279 -56.08 -21.89 -8.16
CA SER A 279 -57.39 -22.53 -8.27
C SER A 279 -57.91 -22.30 -9.68
N ILE A 280 -58.08 -23.38 -10.43
CA ILE A 280 -58.48 -23.32 -11.83
C ILE A 280 -59.87 -23.92 -11.98
N ASP A 281 -60.75 -23.21 -12.67
CA ASP A 281 -62.06 -23.72 -13.03
C ASP A 281 -62.00 -24.05 -14.52
N ILE A 282 -61.63 -25.30 -14.81
CA ILE A 282 -61.45 -25.73 -16.19
C ILE A 282 -62.80 -25.72 -16.90
N PRO A 283 -62.89 -25.27 -18.15
CA PRO A 283 -64.17 -25.34 -18.88
C PRO A 283 -64.62 -26.78 -19.04
N ASP A 284 -65.94 -26.96 -19.08
CA ASP A 284 -66.52 -28.29 -19.13
C ASP A 284 -66.18 -29.03 -20.42
N ALA A 285 -66.09 -28.33 -21.55
CA ALA A 285 -65.90 -29.01 -22.84
C ALA A 285 -64.53 -29.68 -22.92
N ALA A 286 -63.55 -29.21 -22.16
CA ALA A 286 -62.22 -29.81 -22.21
C ALA A 286 -62.25 -31.26 -21.75
N PHE A 287 -63.03 -31.57 -20.73
CA PHE A 287 -63.19 -32.95 -20.29
C PHE A 287 -63.94 -33.77 -21.32
N VAL A 288 -63.57 -35.04 -21.43
CA VAL A 288 -64.21 -35.96 -22.35
C VAL A 288 -64.74 -37.15 -21.56
N ARG A 289 -65.79 -37.77 -22.09
CA ARG A 289 -66.42 -38.90 -21.43
C ARG A 289 -65.41 -40.03 -21.26
N SER A 290 -65.56 -40.80 -20.19
CA SER A 290 -64.67 -41.92 -19.94
C SER A 290 -64.78 -42.98 -21.04
N SER A 291 -65.89 -42.97 -21.78
CA SER A 291 -66.04 -43.89 -22.90
C SER A 291 -65.16 -43.50 -24.08
N GLU A 292 -64.93 -42.20 -24.28
CA GLU A 292 -64.24 -41.76 -25.49
C GLU A 292 -62.75 -42.05 -25.43
N SER A 293 -62.16 -42.04 -24.23
CA SER A 293 -60.73 -42.28 -24.12
C SER A 293 -60.44 -43.78 -24.09
N PRO A 294 -59.31 -44.20 -24.66
CA PRO A 294 -58.99 -45.63 -24.68
C PRO A 294 -58.74 -46.18 -23.28
N THR A 295 -59.06 -47.46 -23.11
CA THR A 295 -59.02 -48.12 -21.80
C THR A 295 -57.86 -49.11 -21.76
N ILE A 296 -57.06 -49.01 -20.70
CA ILE A 296 -55.90 -49.87 -20.53
C ILE A 296 -56.35 -51.16 -19.86
N LEU A 297 -56.04 -52.29 -20.51
CA LEU A 297 -56.34 -53.60 -19.92
C LEU A 297 -55.39 -53.92 -18.78
N GLU A 298 -54.09 -53.90 -19.05
CA GLU A 298 -53.10 -54.10 -17.99
C GLU A 298 -51.78 -53.48 -18.44
N VAL A 299 -51.04 -52.96 -17.46
CA VAL A 299 -49.75 -52.35 -17.72
C VAL A 299 -48.84 -52.68 -16.55
N SER A 300 -47.53 -52.59 -16.78
CA SER A 300 -46.53 -52.85 -15.76
C SER A 300 -45.33 -51.97 -16.00
N CYS A 301 -44.77 -51.41 -14.94
CA CYS A 301 -43.68 -50.44 -15.02
C CYS A 301 -42.34 -51.09 -14.73
N THR A 302 -41.41 -50.99 -15.69
CA THR A 302 -40.02 -51.34 -15.45
C THR A 302 -39.18 -50.08 -15.68
N VAL A 303 -38.23 -49.85 -14.79
CA VAL A 303 -37.42 -48.63 -14.81
C VAL A 303 -35.99 -49.03 -15.12
N ALA A 304 -35.41 -48.39 -16.14
CA ALA A 304 -34.14 -48.85 -16.68
C ALA A 304 -32.98 -48.50 -15.75
N ASP A 305 -32.76 -47.21 -15.53
CA ASP A 305 -31.69 -46.77 -14.64
C ASP A 305 -31.94 -45.32 -14.28
N CYS A 306 -31.86 -45.04 -12.98
CA CYS A 306 -32.27 -43.73 -12.50
C CYS A 306 -31.18 -43.14 -11.60
N ILE A 307 -31.04 -41.83 -11.68
CA ILE A 307 -30.29 -41.05 -10.71
C ILE A 307 -31.20 -39.94 -10.22
N TYR A 308 -30.90 -39.42 -9.04
CA TYR A 308 -31.68 -38.30 -8.51
C TYR A 308 -30.88 -37.02 -8.70
N SER A 309 -31.26 -36.24 -9.70
CA SER A 309 -30.57 -35.00 -10.03
C SER A 309 -31.61 -33.95 -10.42
N ALA A 310 -31.11 -32.76 -10.74
CA ALA A 310 -32.00 -31.67 -11.14
C ALA A 310 -32.71 -31.97 -12.45
N ASP A 311 -32.00 -32.48 -13.44
CA ASP A 311 -32.57 -32.71 -14.76
C ASP A 311 -33.35 -34.02 -14.77
N PHE A 312 -33.76 -34.47 -15.96
CA PHE A 312 -34.56 -35.67 -16.10
C PHE A 312 -33.68 -36.91 -16.18
N GLY A 313 -33.09 -37.25 -15.03
CA GLY A 313 -32.19 -38.38 -14.94
C GLY A 313 -32.89 -39.67 -14.59
N GLY A 314 -33.84 -40.09 -15.42
CA GLY A 314 -34.55 -41.33 -15.17
C GLY A 314 -35.31 -41.76 -16.40
N SER A 315 -35.43 -43.06 -16.58
CA SER A 315 -36.14 -43.64 -17.71
C SER A 315 -37.06 -44.74 -17.22
N LEU A 316 -38.12 -45.01 -17.99
CA LEU A 316 -39.20 -45.85 -17.51
C LEU A 316 -40.00 -46.34 -18.69
N THR A 317 -40.07 -47.65 -18.87
CA THR A 317 -40.87 -48.26 -19.94
C THR A 317 -41.97 -49.09 -19.31
N LEU A 318 -43.18 -48.95 -19.83
CA LEU A 318 -44.32 -49.73 -19.35
C LEU A 318 -45.01 -50.41 -20.52
N GLN A 319 -45.18 -51.72 -20.41
CA GLN A 319 -45.83 -52.53 -21.43
C GLN A 319 -47.33 -52.55 -21.16
N TYR A 320 -48.12 -52.04 -22.10
CA TYR A 320 -49.55 -51.89 -21.91
C TYR A 320 -50.30 -52.70 -22.95
N LYS A 321 -51.60 -52.88 -22.70
CA LYS A 321 -52.50 -53.53 -23.65
C LYS A 321 -53.76 -52.68 -23.70
N ALA A 322 -54.00 -52.03 -24.83
CA ALA A 322 -55.18 -51.19 -25.01
C ALA A 322 -56.07 -51.78 -26.10
N ASP A 323 -57.38 -51.67 -25.90
CA ASP A 323 -58.33 -52.19 -26.88
C ASP A 323 -58.62 -51.20 -28.01
N ARG A 324 -58.08 -49.98 -27.94
CA ARG A 324 -58.31 -49.00 -28.98
C ARG A 324 -57.19 -47.96 -28.93
N GLU A 325 -56.81 -47.46 -30.09
CA GLU A 325 -55.78 -46.43 -30.15
C GLU A 325 -56.34 -45.08 -29.68
N GLY A 326 -55.44 -44.20 -29.30
CA GLY A 326 -55.82 -42.90 -28.81
C GLY A 326 -54.71 -42.30 -27.97
N HIS A 327 -55.05 -41.19 -27.31
CA HIS A 327 -54.11 -40.45 -26.48
C HIS A 327 -54.49 -40.59 -25.02
N CYS A 328 -53.51 -40.88 -24.18
CA CYS A 328 -53.74 -41.12 -22.76
C CYS A 328 -52.84 -40.22 -21.94
N PRO A 329 -53.35 -39.50 -20.95
CA PRO A 329 -52.49 -38.69 -20.09
C PRO A 329 -51.67 -39.57 -19.14
N VAL A 330 -50.41 -39.20 -18.98
CA VAL A 330 -49.50 -39.88 -18.07
C VAL A 330 -49.19 -38.95 -16.91
N HIS A 331 -49.20 -39.50 -15.70
CA HIS A 331 -48.93 -38.71 -14.52
C HIS A 331 -48.25 -39.59 -13.48
N SER A 332 -47.35 -38.98 -12.71
CA SER A 332 -46.69 -39.66 -11.59
C SER A 332 -47.41 -39.25 -10.31
N HIS A 333 -48.01 -40.23 -9.64
CA HIS A 333 -48.72 -39.97 -8.38
C HIS A 333 -47.74 -39.96 -7.21
N SER A 334 -46.87 -38.96 -7.21
CA SER A 334 -45.86 -38.83 -6.19
C SER A 334 -45.35 -37.39 -6.17
N THR A 335 -44.92 -36.96 -4.99
CA THR A 335 -44.38 -35.62 -4.83
C THR A 335 -42.89 -35.55 -5.11
N THR A 336 -42.19 -36.68 -5.19
CA THR A 336 -40.77 -36.70 -5.43
C THR A 336 -40.38 -37.20 -6.81
N ALA A 337 -41.34 -37.43 -7.71
CA ALA A 337 -41.08 -37.83 -9.08
C ALA A 337 -42.02 -37.08 -10.00
N VAL A 338 -41.45 -36.43 -11.02
CA VAL A 338 -42.21 -35.65 -11.99
C VAL A 338 -41.85 -36.15 -13.38
N LEU A 339 -42.87 -36.35 -14.21
CA LEU A 339 -42.68 -36.85 -15.56
C LEU A 339 -42.39 -35.71 -16.52
N LYS A 340 -41.55 -35.97 -17.53
CA LYS A 340 -41.32 -35.00 -18.58
C LYS A 340 -42.50 -34.94 -19.55
N GLU A 341 -43.21 -36.05 -19.69
CA GLU A 341 -44.30 -36.16 -20.64
C GLU A 341 -45.64 -35.87 -19.96
N ALA A 342 -46.62 -35.55 -20.79
CA ALA A 342 -47.99 -35.32 -20.33
C ALA A 342 -49.02 -36.14 -21.08
N THR A 343 -48.83 -36.34 -22.39
CA THR A 343 -49.74 -37.13 -23.21
C THR A 343 -48.91 -38.03 -24.11
N THR A 344 -49.44 -39.21 -24.40
CA THR A 344 -48.74 -40.19 -25.21
C THR A 344 -49.74 -40.98 -26.04
N HIS A 345 -49.22 -41.67 -27.05
CA HIS A 345 -50.04 -42.39 -28.01
C HIS A 345 -49.95 -43.88 -27.71
N VAL A 346 -51.10 -44.50 -27.43
CA VAL A 346 -51.18 -45.92 -27.13
C VAL A 346 -51.83 -46.62 -28.32
N THR A 347 -51.25 -47.76 -28.72
CA THR A 347 -51.71 -48.50 -29.90
C THR A 347 -51.69 -49.99 -29.55
N ALA A 348 -52.86 -50.52 -29.17
CA ALA A 348 -53.01 -51.93 -28.88
C ALA A 348 -51.95 -52.40 -27.89
N THR A 349 -51.05 -53.27 -28.35
CA THR A 349 -49.93 -53.70 -27.53
C THR A 349 -48.72 -52.81 -27.84
N GLY A 350 -48.10 -52.28 -26.81
CA GLY A 350 -46.94 -51.42 -27.03
C GLY A 350 -46.20 -51.17 -25.73
N SER A 351 -45.16 -50.36 -25.85
CA SER A 351 -44.36 -49.93 -24.70
C SER A 351 -43.77 -48.58 -25.02
N ILE A 352 -43.81 -47.68 -24.04
CA ILE A 352 -43.42 -46.28 -24.24
C ILE A 352 -42.40 -45.91 -23.17
N THR A 353 -41.50 -44.98 -23.50
CA THR A 353 -40.46 -44.54 -22.58
C THR A 353 -40.83 -43.19 -21.99
N LEU A 354 -40.92 -43.12 -20.67
CA LEU A 354 -41.23 -41.90 -19.95
C LEU A 354 -40.04 -41.50 -19.10
N HIS A 355 -39.56 -40.27 -19.30
CA HIS A 355 -38.43 -39.75 -18.54
C HIS A 355 -38.94 -38.96 -17.34
N PHE A 356 -38.31 -39.14 -16.19
CA PHE A 356 -38.72 -38.44 -14.98
C PHE A 356 -37.50 -37.89 -14.25
N SER A 357 -37.77 -37.18 -13.16
CA SER A 357 -36.76 -36.61 -12.30
C SER A 357 -37.10 -36.95 -10.85
N THR A 358 -36.08 -37.13 -10.04
CA THR A 358 -36.29 -37.64 -8.69
C THR A 358 -35.35 -36.94 -7.73
N SER A 359 -35.78 -36.81 -6.47
CA SER A 359 -34.94 -36.31 -5.40
C SER A 359 -34.63 -37.36 -4.35
N SER A 360 -35.37 -38.44 -4.32
CA SER A 360 -35.21 -39.62 -3.48
C SER A 360 -34.32 -40.64 -4.17
N PRO A 361 -33.61 -41.47 -3.43
CA PRO A 361 -32.81 -42.51 -4.11
C PRO A 361 -33.63 -43.75 -4.41
N GLN A 362 -34.88 -43.59 -4.81
CA GLN A 362 -35.76 -44.72 -5.11
C GLN A 362 -36.87 -44.28 -6.06
N ALA A 363 -37.00 -45.01 -7.17
CA ALA A 363 -38.20 -44.93 -8.00
C ALA A 363 -39.29 -45.80 -7.38
N ASN A 364 -39.87 -45.29 -6.29
CA ASN A 364 -40.88 -45.99 -5.52
C ASN A 364 -42.26 -45.33 -5.68
N PHE A 365 -42.56 -44.84 -6.87
CA PHE A 365 -43.75 -44.05 -7.10
C PHE A 365 -44.76 -44.82 -7.95
N ILE A 366 -45.87 -44.16 -8.26
CA ILE A 366 -46.95 -44.73 -9.05
C ILE A 366 -47.05 -43.93 -10.34
N VAL A 367 -47.35 -44.60 -11.44
CA VAL A 367 -47.59 -43.96 -12.73
C VAL A 367 -48.96 -44.40 -13.22
N SER A 368 -49.68 -43.49 -13.87
CA SER A 368 -51.01 -43.78 -14.40
C SER A 368 -51.01 -43.52 -15.90
N LEU A 369 -51.35 -44.54 -16.66
CA LEU A 369 -51.53 -44.43 -18.11
C LEU A 369 -53.03 -44.29 -18.36
N CYS A 370 -53.51 -43.04 -18.35
CA CYS A 370 -54.93 -42.71 -18.39
C CYS A 370 -55.74 -43.63 -17.49
N GLY A 371 -55.39 -43.59 -16.20
CA GLY A 371 -55.86 -44.57 -15.25
C GLY A 371 -54.92 -45.76 -15.17
N LYS A 372 -55.39 -46.78 -14.45
CA LYS A 372 -54.63 -48.02 -14.26
C LYS A 372 -53.27 -47.75 -13.61
N LYS A 373 -53.35 -47.31 -12.36
CA LYS A 373 -52.15 -47.10 -11.55
C LYS A 373 -51.25 -48.33 -11.57
N THR A 374 -49.95 -48.09 -11.69
CA THR A 374 -48.96 -49.16 -11.56
C THR A 374 -47.73 -48.63 -10.83
N THR A 375 -47.05 -49.53 -10.13
CA THR A 375 -45.99 -49.18 -9.21
C THR A 375 -44.63 -49.53 -9.82
N CYS A 376 -43.64 -48.70 -9.52
CA CYS A 376 -42.27 -48.91 -9.95
C CYS A 376 -41.37 -49.14 -8.75
N ASN A 377 -40.33 -49.96 -8.94
CA ASN A 377 -39.32 -50.17 -7.91
C ASN A 377 -37.96 -50.29 -8.56
N ALA A 378 -37.00 -49.51 -8.07
CA ALA A 378 -35.63 -49.55 -8.57
C ALA A 378 -34.72 -48.85 -7.59
N GLU A 379 -33.44 -48.76 -7.93
CA GLU A 379 -32.42 -48.10 -7.12
C GLU A 379 -31.94 -46.88 -7.88
N CYS A 380 -32.01 -45.72 -7.24
CA CYS A 380 -31.57 -44.46 -7.84
C CYS A 380 -30.20 -44.12 -7.27
N LYS A 381 -29.15 -44.36 -8.05
CA LYS A 381 -27.80 -44.06 -7.60
C LYS A 381 -27.55 -42.55 -7.65
N PRO A 382 -26.64 -42.05 -6.80
CA PRO A 382 -26.36 -40.63 -6.81
C PRO A 382 -25.70 -40.23 -8.12
N PRO A 383 -25.91 -38.99 -8.56
CA PRO A 383 -25.34 -38.56 -9.83
C PRO A 383 -23.83 -38.40 -9.74
N ALA A 384 -23.16 -38.61 -10.88
CA ALA A 384 -21.72 -38.42 -10.95
C ALA A 384 -21.35 -36.95 -11.01
N ASP A 385 -22.19 -36.14 -11.63
CA ASP A 385 -21.90 -34.72 -11.78
C ASP A 385 -22.24 -33.97 -10.49
N HIS A 386 -21.35 -33.07 -10.09
CA HIS A 386 -21.52 -32.34 -8.85
C HIS A 386 -22.34 -31.08 -9.02
N ILE A 387 -22.16 -30.36 -10.14
CA ILE A 387 -22.80 -29.07 -10.37
C ILE A 387 -23.49 -29.10 -11.73
N ILE A 388 -24.73 -28.63 -11.75
CA ILE A 388 -25.54 -28.55 -12.97
C ILE A 388 -25.98 -27.11 -13.16
N GLY A 389 -26.45 -26.81 -14.37
CA GLY A 389 -26.87 -25.45 -14.68
C GLY A 389 -28.37 -25.30 -14.83
N GLU A 390 -29.12 -26.00 -13.98
CA GLU A 390 -30.56 -26.05 -14.10
C GLU A 390 -31.16 -26.35 -12.74
N PRO A 391 -32.26 -25.68 -12.37
CA PRO A 391 -32.79 -25.82 -11.01
C PRO A 391 -33.39 -27.20 -10.77
N HIS A 392 -33.50 -27.52 -9.48
CA HIS A 392 -34.03 -28.82 -9.08
C HIS A 392 -35.54 -28.86 -9.24
N LYS A 393 -36.03 -29.80 -10.03
CA LYS A 393 -37.44 -29.86 -10.38
C LYS A 393 -38.33 -30.29 -9.21
N VAL A 394 -37.76 -30.97 -8.22
CA VAL A 394 -38.54 -31.55 -7.13
C VAL A 394 -37.88 -31.17 -5.81
N ASP A 395 -38.69 -30.97 -4.77
CA ASP A 395 -38.18 -30.66 -3.45
C ASP A 395 -37.74 -31.93 -2.72
N GLN A 396 -36.99 -31.74 -1.64
CA GLN A 396 -36.35 -32.82 -0.92
C GLN A 396 -37.13 -33.11 0.36
N GLU A 397 -37.83 -34.24 0.38
CA GLU A 397 -38.59 -34.66 1.54
C GLU A 397 -37.69 -35.53 2.43
N PHE A 398 -38.28 -36.18 3.43
CA PHE A 398 -37.52 -36.96 4.39
C PHE A 398 -37.69 -38.46 4.19
N GLN A 399 -38.94 -38.95 4.24
CA GLN A 399 -39.21 -40.36 4.00
C GLN A 399 -38.76 -40.76 2.61
N ALA A 400 -38.83 -39.84 1.64
CA ALA A 400 -38.31 -40.12 0.31
C ALA A 400 -36.79 -40.10 0.30
N ALA A 401 -36.18 -39.10 0.93
CA ALA A 401 -34.73 -38.96 0.86
C ALA A 401 -34.02 -40.14 1.52
N VAL A 402 -34.63 -40.75 2.52
CA VAL A 402 -34.00 -41.89 3.17
C VAL A 402 -34.29 -43.15 2.36
N SER A 403 -33.25 -43.88 2.00
CA SER A 403 -33.37 -45.05 1.15
C SER A 403 -33.90 -46.24 1.95
N LYS A 404 -34.25 -47.31 1.23
CA LYS A 404 -34.83 -48.48 1.87
C LYS A 404 -33.79 -49.34 2.59
N THR A 405 -32.54 -49.35 2.13
CA THR A 405 -31.50 -50.04 2.90
C THR A 405 -31.28 -49.34 4.24
N SER A 406 -31.19 -48.02 4.23
CA SER A 406 -31.07 -47.27 5.48
C SER A 406 -32.31 -47.43 6.33
N TRP A 407 -33.49 -47.45 5.71
CA TRP A 407 -34.72 -47.68 6.45
C TRP A 407 -34.72 -49.06 7.10
N ASN A 408 -34.27 -50.07 6.36
CA ASN A 408 -34.20 -51.42 6.91
C ASN A 408 -33.26 -51.48 8.09
N TRP A 409 -32.10 -50.83 7.99
CA TRP A 409 -31.17 -50.83 9.11
C TRP A 409 -31.73 -50.08 10.31
N LEU A 410 -32.34 -48.93 10.07
CA LEU A 410 -32.93 -48.14 11.16
C LEU A 410 -34.05 -48.90 11.86
N LEU A 411 -34.93 -49.53 11.08
CA LEU A 411 -36.00 -50.31 11.65
C LEU A 411 -35.48 -51.56 12.34
N ALA A 412 -34.41 -52.17 11.81
CA ALA A 412 -33.81 -53.30 12.50
C ALA A 412 -33.31 -52.91 13.87
N LEU A 413 -32.61 -51.77 13.96
CA LEU A 413 -32.07 -51.34 15.25
C LEU A 413 -33.18 -50.96 16.23
N PHE A 414 -34.11 -50.11 15.77
CA PHE A 414 -35.19 -49.67 16.65
C PHE A 414 -36.12 -50.80 17.03
N GLY A 415 -36.46 -51.68 16.09
CA GLY A 415 -37.31 -52.81 16.40
C GLY A 415 -36.61 -53.85 17.25
N GLY A 416 -35.30 -53.98 17.11
CA GLY A 416 -34.56 -54.83 18.04
C GLY A 416 -34.64 -54.32 19.46
N ALA A 417 -34.42 -53.01 19.64
CA ALA A 417 -34.56 -52.42 20.97
C ALA A 417 -35.99 -52.58 21.49
N SER A 418 -36.98 -52.34 20.64
CA SER A 418 -38.37 -52.40 21.06
C SER A 418 -38.78 -53.83 21.40
N SER A 419 -38.35 -54.81 20.61
CA SER A 419 -38.64 -56.20 20.92
C SER A 419 -37.92 -56.63 22.19
N LEU A 420 -36.70 -56.14 22.41
CA LEU A 420 -36.00 -56.43 23.65
C LEU A 420 -36.80 -55.95 24.86
N ILE A 421 -37.26 -54.69 24.81
CA ILE A 421 -38.01 -54.18 25.95
C ILE A 421 -39.38 -54.86 26.06
N VAL A 422 -39.96 -55.28 24.94
CA VAL A 422 -41.23 -55.99 24.99
C VAL A 422 -41.07 -57.36 25.66
N VAL A 423 -39.99 -58.07 25.31
CA VAL A 423 -39.68 -59.32 25.99
C VAL A 423 -39.41 -59.05 27.47
N GLY A 424 -38.75 -57.94 27.79
CA GLY A 424 -38.56 -57.59 29.18
C GLY A 424 -39.88 -57.38 29.91
N LEU A 425 -40.84 -56.74 29.25
CA LEU A 425 -42.14 -56.52 29.89
C LEU A 425 -42.90 -57.82 30.06
N ILE A 426 -42.82 -58.73 29.09
CA ILE A 426 -43.54 -59.99 29.23
C ILE A 426 -42.92 -60.85 30.32
N VAL A 427 -41.59 -60.85 30.45
CA VAL A 427 -41.00 -61.60 31.55
C VAL A 427 -41.29 -60.90 32.87
N LEU A 428 -41.40 -59.57 32.86
CA LEU A 428 -41.87 -58.83 34.03
C LEU A 428 -43.21 -59.36 34.52
N VAL A 429 -44.22 -59.41 33.62
CA VAL A 429 -45.55 -59.80 34.06
C VAL A 429 -45.59 -61.29 34.42
N CYS A 430 -44.85 -62.12 33.68
CA CYS A 430 -44.84 -63.55 34.00
C CYS A 430 -44.19 -63.82 35.35
N SER A 431 -43.04 -63.20 35.63
CA SER A 431 -42.42 -63.36 36.93
C SER A 431 -43.30 -62.81 38.04
N SER A 432 -43.98 -61.69 37.79
CA SER A 432 -44.84 -61.12 38.83
C SER A 432 -46.01 -62.05 39.15
N MET A 433 -46.62 -62.66 38.12
CA MET A 433 -47.71 -63.58 38.40
C MET A 433 -47.20 -64.85 39.09
N LEU A 434 -46.00 -65.31 38.73
CA LEU A 434 -45.40 -66.44 39.42
C LEU A 434 -45.18 -66.12 40.89
N ILE A 435 -44.71 -64.92 41.20
CA ILE A 435 -44.47 -64.53 42.58
C ILE A 435 -45.79 -64.40 43.34
N ASN A 436 -46.81 -63.82 42.68
CA ASN A 436 -48.11 -63.69 43.31
C ASN A 436 -48.70 -65.05 43.65
N THR A 437 -48.53 -66.03 42.76
CA THR A 437 -48.97 -67.38 43.07
C THR A 437 -48.04 -68.07 44.07
N ARG A 438 -46.81 -67.58 44.24
CA ARG A 438 -45.90 -68.20 45.19
C ARG A 438 -46.39 -68.04 46.63
N ARG A 439 -46.73 -66.81 47.02
CA ARG A 439 -47.21 -66.55 48.38
C ARG A 439 -48.72 -66.40 48.40
N SER B 1 -36.00 34.02 -21.94
CA SER B 1 -35.58 33.17 -23.05
C SER B 1 -34.06 33.16 -23.16
N ILE B 2 -33.54 32.22 -23.94
CA ILE B 2 -32.10 32.04 -24.10
C ILE B 2 -31.70 32.56 -25.47
N THR B 3 -30.78 33.50 -25.49
CA THR B 3 -30.33 34.13 -26.73
C THR B 3 -28.99 33.56 -27.16
N ASP B 4 -28.73 33.63 -28.47
CA ASP B 4 -27.43 33.32 -29.04
C ASP B 4 -26.79 34.53 -29.70
N ASP B 5 -27.33 35.73 -29.45
CA ASP B 5 -26.77 36.96 -29.97
C ASP B 5 -25.62 37.37 -29.06
N PHE B 6 -24.39 37.07 -29.47
CA PHE B 6 -23.23 37.39 -28.65
C PHE B 6 -22.73 38.80 -28.88
N THR B 7 -23.36 39.57 -29.77
CA THR B 7 -23.08 40.99 -29.87
C THR B 7 -23.49 41.74 -28.60
N LEU B 8 -24.47 41.22 -27.86
CA LEU B 8 -24.93 41.83 -26.64
C LEU B 8 -24.14 41.41 -25.41
N THR B 9 -23.19 40.49 -25.55
CA THR B 9 -22.36 40.02 -24.46
C THR B 9 -20.91 40.38 -24.72
N SER B 10 -20.14 40.53 -23.65
CA SER B 10 -18.75 40.92 -23.73
C SER B 10 -17.91 40.03 -22.82
N PRO B 11 -16.65 39.79 -23.18
CA PRO B 11 -15.73 39.09 -22.29
C PRO B 11 -15.23 40.02 -21.19
N TYR B 12 -14.66 39.41 -20.16
CA TYR B 12 -14.22 40.15 -18.99
C TYR B 12 -12.86 39.64 -18.56
N LEU B 13 -12.33 40.25 -17.50
CA LEU B 13 -11.07 39.85 -16.89
C LEU B 13 -11.36 39.23 -15.54
N GLY B 14 -10.75 38.08 -15.27
CA GLY B 14 -10.88 37.41 -14.00
C GLY B 14 -9.60 37.48 -13.19
N PHE B 15 -9.61 36.78 -12.06
CA PHE B 15 -8.45 36.69 -11.19
C PHE B 15 -8.00 35.23 -11.16
N CYS B 16 -7.03 34.91 -12.00
CA CYS B 16 -6.55 33.54 -12.09
C CYS B 16 -5.59 33.24 -10.95
N PRO B 17 -5.78 32.13 -10.22
CA PRO B 17 -4.88 31.81 -9.12
C PRO B 17 -3.48 31.39 -9.56
N TYR B 18 -3.29 31.03 -10.82
CA TYR B 18 -1.99 30.55 -11.30
C TYR B 18 -1.83 30.98 -12.75
N CYS B 19 -1.16 32.11 -12.95
CA CYS B 19 -0.88 32.62 -14.29
C CYS B 19 0.43 31.99 -14.79
N ARG B 20 0.98 32.54 -15.87
CA ARG B 20 2.18 31.97 -16.48
C ARG B 20 3.37 32.03 -15.53
N HIS B 21 3.51 33.14 -14.79
CA HIS B 21 4.62 33.33 -13.87
C HIS B 21 4.38 32.71 -12.51
N SER B 22 3.43 31.78 -12.41
CA SER B 22 3.12 31.05 -11.18
C SER B 22 2.63 31.97 -10.06
N ALA B 23 2.07 33.11 -10.41
CA ALA B 23 1.54 34.06 -9.44
C ALA B 23 0.14 34.48 -9.86
N PRO B 24 -0.71 34.84 -8.89
CA PRO B 24 -2.05 35.33 -9.25
C PRO B 24 -1.97 36.60 -10.08
N CYS B 25 -2.85 36.68 -11.08
CA CYS B 25 -2.87 37.84 -11.97
C CYS B 25 -4.24 37.97 -12.60
N PHE B 26 -4.54 39.17 -13.10
CA PHE B 26 -5.78 39.37 -13.82
C PHE B 26 -5.60 38.91 -15.26
N SER B 27 -6.45 37.99 -15.69
CA SER B 27 -6.27 37.29 -16.94
C SER B 27 -7.52 37.36 -17.78
N PRO B 28 -7.40 37.33 -19.11
CA PRO B 28 -8.57 37.25 -19.98
C PRO B 28 -9.04 35.84 -20.26
N ILE B 29 -8.34 34.82 -19.74
CA ILE B 29 -8.67 33.43 -20.01
C ILE B 29 -8.92 32.69 -18.70
N LYS B 30 -9.49 33.37 -17.71
CA LYS B 30 -9.74 32.75 -16.42
C LYS B 30 -10.68 31.55 -16.55
N ILE B 31 -10.39 30.51 -15.80
CA ILE B 31 -11.21 29.30 -15.78
C ILE B 31 -12.22 29.42 -14.63
N GLU B 32 -13.51 29.46 -14.98
CA GLU B 32 -14.57 29.56 -14.00
C GLU B 32 -15.03 28.21 -13.48
N ASN B 33 -15.43 27.31 -14.37
CA ASN B 33 -15.89 25.98 -13.97
C ASN B 33 -15.26 24.92 -14.86
N VAL B 34 -15.10 23.73 -14.29
CA VAL B 34 -14.69 22.55 -15.04
C VAL B 34 -15.68 21.44 -14.70
N TRP B 35 -16.25 20.82 -15.72
CA TRP B 35 -17.23 19.75 -15.56
C TRP B 35 -16.70 18.48 -16.20
N ASP B 36 -16.69 17.38 -15.45
CA ASP B 36 -16.31 16.08 -16.00
C ASP B 36 -17.31 15.04 -15.50
N GLU B 37 -18.40 14.86 -16.26
CA GLU B 37 -19.34 13.77 -16.05
C GLU B 37 -19.48 12.90 -17.28
N SER B 38 -18.58 13.04 -18.24
CA SER B 38 -18.61 12.27 -19.47
C SER B 38 -17.90 10.94 -19.27
N ASP B 39 -18.45 9.88 -19.85
CA ASP B 39 -17.90 8.55 -19.68
C ASP B 39 -16.75 8.25 -20.64
N ASP B 40 -16.39 9.19 -21.51
CA ASP B 40 -15.27 9.01 -22.44
C ASP B 40 -14.11 9.95 -22.13
N GLY B 41 -14.10 10.59 -20.96
CA GLY B 41 -12.97 11.36 -20.51
C GLY B 41 -12.95 12.83 -20.88
N SER B 42 -13.96 13.33 -21.59
CA SER B 42 -13.95 14.73 -21.97
C SER B 42 -14.35 15.60 -20.78
N ILE B 43 -13.99 16.88 -20.88
CA ILE B 43 -14.29 17.88 -19.86
C ILE B 43 -14.81 19.14 -20.53
N ARG B 44 -15.69 19.85 -19.83
CA ARG B 44 -16.23 21.12 -20.28
C ARG B 44 -15.68 22.23 -19.39
N ILE B 45 -15.05 23.23 -20.02
CA ILE B 45 -14.37 24.30 -19.30
C ILE B 45 -15.06 25.62 -19.64
N GLN B 46 -15.30 26.44 -18.62
CA GLN B 46 -15.82 27.78 -18.81
C GLN B 46 -14.70 28.80 -18.63
N VAL B 47 -14.63 29.75 -19.55
CA VAL B 47 -13.53 30.72 -19.61
C VAL B 47 -14.14 32.12 -19.67
N SER B 48 -13.31 33.12 -19.38
CA SER B 48 -13.77 34.50 -19.45
C SER B 48 -13.72 35.06 -20.87
N ALA B 49 -13.07 34.36 -21.80
CA ALA B 49 -13.05 34.74 -23.20
C ALA B 49 -14.12 33.97 -23.97
N GLN B 50 -14.54 34.54 -25.09
CA GLN B 50 -15.57 33.95 -25.93
C GLN B 50 -14.93 33.38 -27.18
N PHE B 51 -15.11 32.08 -27.40
CA PHE B 51 -14.50 31.36 -28.50
C PHE B 51 -15.50 31.17 -29.63
N GLY B 52 -15.00 31.24 -30.85
CA GLY B 52 -15.85 31.10 -32.02
C GLY B 52 -16.54 32.36 -32.47
N TYR B 53 -16.20 33.52 -31.91
CA TYR B 53 -16.80 34.78 -32.29
C TYR B 53 -15.71 35.81 -32.51
N ASN B 54 -15.98 36.78 -33.38
CA ASN B 54 -15.02 37.81 -33.73
C ASN B 54 -15.20 39.03 -32.83
N GLN B 55 -14.55 40.13 -33.19
CA GLN B 55 -14.61 41.35 -32.38
C GLN B 55 -16.04 41.87 -32.29
N ALA B 56 -16.77 41.88 -33.40
CA ALA B 56 -18.12 42.43 -33.42
C ALA B 56 -19.13 41.53 -32.74
N GLY B 57 -18.78 40.29 -32.42
CA GLY B 57 -19.70 39.35 -31.81
C GLY B 57 -20.38 38.42 -32.80
N THR B 58 -20.15 38.60 -34.10
CA THR B 58 -20.70 37.71 -35.11
C THR B 58 -19.88 36.43 -35.16
N ALA B 59 -20.58 35.30 -35.34
CA ALA B 59 -19.93 34.00 -35.27
C ALA B 59 -18.83 33.87 -36.33
N ASP B 60 -17.67 33.41 -35.89
CA ASP B 60 -16.54 33.15 -36.79
C ASP B 60 -15.68 32.10 -36.12
N VAL B 61 -15.69 30.87 -36.66
CA VAL B 61 -15.17 29.72 -35.93
C VAL B 61 -13.67 29.81 -35.67
N THR B 62 -12.93 30.53 -36.49
CA THR B 62 -11.48 30.56 -36.38
C THR B 62 -10.97 31.59 -35.38
N LYS B 63 -11.84 32.38 -34.78
CA LYS B 63 -11.43 33.52 -33.97
C LYS B 63 -12.09 33.48 -32.59
N PHE B 64 -11.44 34.14 -31.63
CA PHE B 64 -12.00 34.31 -30.31
C PHE B 64 -11.76 35.74 -29.83
N ARG B 65 -12.68 36.23 -29.00
CA ARG B 65 -12.62 37.59 -28.49
C ARG B 65 -12.28 37.57 -26.99
N TYR B 66 -11.39 38.48 -26.59
CA TYR B 66 -10.96 38.56 -25.21
C TYR B 66 -10.87 40.01 -24.78
N MET B 67 -10.67 40.21 -23.48
CA MET B 67 -10.62 41.54 -22.90
C MET B 67 -9.19 42.06 -22.95
N SER B 68 -9.02 43.27 -23.49
CA SER B 68 -7.68 43.83 -23.60
C SER B 68 -7.18 44.34 -22.25
N TYR B 69 -5.87 44.35 -22.09
CA TYR B 69 -5.25 44.94 -20.91
C TYR B 69 -5.12 46.45 -21.02
N ASP B 70 -5.47 47.01 -22.18
CA ASP B 70 -5.27 48.43 -22.43
C ASP B 70 -6.16 49.26 -21.52
N HIS B 71 -5.88 50.56 -21.47
CA HIS B 71 -6.68 51.51 -20.72
C HIS B 71 -7.89 51.98 -21.50
N ASP B 72 -8.02 51.59 -22.76
CA ASP B 72 -9.15 51.97 -23.60
C ASP B 72 -10.28 50.96 -23.53
N HIS B 73 -10.14 49.90 -22.71
CA HIS B 73 -11.23 49.00 -22.40
C HIS B 73 -11.78 48.29 -23.63
N ASP B 74 -10.92 47.90 -24.56
CA ASP B 74 -11.38 47.38 -25.83
C ASP B 74 -11.43 45.85 -25.84
N ILE B 75 -12.07 45.31 -26.87
CA ILE B 75 -12.16 43.87 -27.10
C ILE B 75 -11.28 43.53 -28.28
N LYS B 76 -10.45 42.50 -28.14
CA LYS B 76 -9.50 42.10 -29.16
C LYS B 76 -9.83 40.71 -29.68
N GLU B 77 -9.50 40.47 -30.94
CA GLU B 77 -9.74 39.20 -31.58
C GLU B 77 -8.42 38.53 -31.95
N ASP B 78 -8.37 37.21 -31.79
CA ASP B 78 -7.17 36.45 -32.09
C ASP B 78 -7.58 35.08 -32.62
N SER B 79 -6.65 34.43 -33.30
CA SER B 79 -6.95 33.13 -33.91
C SER B 79 -7.04 32.04 -32.86
N MET B 80 -7.82 31.02 -33.16
CA MET B 80 -8.07 29.94 -32.21
C MET B 80 -7.00 28.85 -32.27
N GLU B 81 -6.04 28.95 -33.18
CA GLU B 81 -4.90 28.05 -33.12
C GLU B 81 -3.98 28.35 -31.94
N LYS B 82 -4.17 29.48 -31.29
CA LYS B 82 -3.37 29.83 -30.12
C LYS B 82 -4.01 29.37 -28.82
N ILE B 83 -5.17 28.73 -28.86
CA ILE B 83 -5.85 28.25 -27.67
C ILE B 83 -5.41 26.81 -27.43
N ALA B 84 -4.83 26.56 -26.26
CA ALA B 84 -4.30 25.25 -25.89
C ALA B 84 -4.78 24.88 -24.50
N ILE B 85 -5.31 23.67 -24.36
CA ILE B 85 -5.74 23.14 -23.07
C ILE B 85 -4.80 22.00 -22.70
N SER B 86 -4.41 21.96 -21.43
CA SER B 86 -3.57 20.88 -20.93
C SER B 86 -3.98 20.55 -19.51
N THR B 87 -3.90 19.27 -19.15
CA THR B 87 -4.16 18.82 -17.80
C THR B 87 -2.91 18.27 -17.14
N SER B 88 -2.27 17.30 -17.75
CA SER B 88 -0.90 16.88 -17.47
C SER B 88 -0.07 16.85 -18.74
N GLY B 89 -0.67 16.47 -19.86
CA GLY B 89 -0.10 16.67 -21.16
C GLY B 89 -1.08 17.46 -22.02
N PRO B 90 -0.76 17.64 -23.30
CA PRO B 90 -1.68 18.38 -24.17
C PRO B 90 -3.02 17.70 -24.30
N CYS B 91 -4.08 18.51 -24.36
CA CYS B 91 -5.45 18.04 -24.51
C CYS B 91 -5.94 18.34 -25.91
N ARG B 92 -6.87 17.50 -26.38
CA ARG B 92 -7.42 17.60 -27.73
C ARG B 92 -8.71 18.39 -27.69
N ARG B 93 -8.77 19.48 -28.45
CA ARG B 93 -9.94 20.34 -28.47
C ARG B 93 -11.03 19.75 -29.35
N LEU B 94 -12.21 19.56 -28.77
CA LEU B 94 -13.32 18.91 -29.44
C LEU B 94 -14.45 19.86 -29.80
N GLY B 95 -14.41 21.10 -29.34
CA GLY B 95 -15.46 22.05 -29.67
C GLY B 95 -15.33 23.30 -28.83
N HIS B 96 -16.00 24.35 -29.30
CA HIS B 96 -15.98 25.64 -28.60
C HIS B 96 -17.18 26.46 -29.03
N LYS B 97 -17.76 27.17 -28.06
CA LYS B 97 -18.83 28.13 -28.32
C LYS B 97 -18.98 29.03 -27.11
N GLY B 98 -18.89 30.34 -27.31
CA GLY B 98 -19.04 31.26 -26.21
C GLY B 98 -17.94 31.06 -25.18
N TYR B 99 -18.32 31.07 -23.91
CA TYR B 99 -17.34 30.91 -22.85
C TYR B 99 -16.87 29.47 -22.69
N PHE B 100 -17.35 28.55 -23.49
CA PHE B 100 -17.21 27.12 -23.21
C PHE B 100 -16.30 26.43 -24.21
N LEU B 101 -15.36 25.64 -23.67
CA LEU B 101 -14.51 24.77 -24.45
C LEU B 101 -14.78 23.32 -24.06
N LEU B 102 -14.61 22.43 -25.01
CA LEU B 102 -14.69 20.99 -24.78
C LEU B 102 -13.35 20.37 -25.17
N ALA B 103 -12.77 19.58 -24.28
CA ALA B 103 -11.48 18.97 -24.53
C ALA B 103 -11.45 17.56 -23.99
N GLN B 104 -10.60 16.73 -24.59
CA GLN B 104 -10.33 15.37 -24.12
C GLN B 104 -8.99 15.40 -23.41
N CYS B 105 -9.00 15.15 -22.11
CA CYS B 105 -7.81 15.41 -21.34
C CYS B 105 -7.30 14.14 -20.64
N PRO B 106 -5.99 13.93 -20.62
CA PRO B 106 -5.43 12.84 -19.83
C PRO B 106 -5.57 13.13 -18.35
N PRO B 107 -5.59 12.10 -17.50
CA PRO B 107 -5.76 12.33 -16.06
C PRO B 107 -4.65 13.22 -15.51
N GLY B 108 -5.02 14.07 -14.56
CA GLY B 108 -4.05 14.99 -13.98
C GLY B 108 -4.66 15.76 -12.82
N ASP B 109 -3.82 16.58 -12.20
CA ASP B 109 -4.19 17.31 -10.99
C ASP B 109 -4.57 18.76 -11.25
N SER B 110 -4.56 19.22 -12.50
CA SER B 110 -4.82 20.62 -12.77
C SER B 110 -5.35 20.75 -14.20
N VAL B 111 -5.90 21.93 -14.50
CA VAL B 111 -6.39 22.27 -15.83
C VAL B 111 -5.80 23.61 -16.23
N THR B 112 -5.26 23.68 -17.44
CA THR B 112 -4.60 24.86 -17.96
C THR B 112 -5.24 25.28 -19.28
N VAL B 113 -5.50 26.57 -19.43
CA VAL B 113 -5.91 27.16 -20.70
C VAL B 113 -4.91 28.25 -21.04
N SER B 114 -4.34 28.18 -22.24
CA SER B 114 -3.24 29.05 -22.60
C SER B 114 -3.53 29.73 -23.94
N ILE B 115 -2.92 30.91 -24.11
CA ILE B 115 -2.71 31.51 -25.40
C ILE B 115 -1.22 31.38 -25.69
N THR B 116 -0.88 30.56 -26.68
CA THR B 116 0.49 30.08 -26.84
C THR B 116 1.40 31.10 -27.51
N SER B 117 0.85 32.14 -28.14
CA SER B 117 1.68 33.11 -28.86
C SER B 117 0.92 34.42 -28.94
N GLY B 118 1.51 35.39 -29.64
CA GLY B 118 0.87 36.67 -29.86
C GLY B 118 1.07 37.62 -28.70
N ALA B 119 0.34 38.74 -28.78
CA ALA B 119 0.45 39.77 -27.75
C ALA B 119 -0.06 39.27 -26.41
N SER B 120 -1.22 38.61 -26.40
CA SER B 120 -1.86 38.21 -25.15
C SER B 120 -1.48 36.77 -24.77
N GLU B 121 -0.18 36.55 -24.63
CA GLU B 121 0.31 35.24 -24.20
C GLU B 121 0.22 35.13 -22.69
N ASN B 122 -0.51 34.13 -22.20
CA ASN B 122 -0.65 33.89 -20.78
C ASN B 122 -1.14 32.46 -20.58
N SER B 123 -1.50 32.13 -19.35
CA SER B 123 -2.07 30.84 -19.00
C SER B 123 -3.07 31.03 -17.88
N CYS B 124 -3.72 29.95 -17.48
CA CYS B 124 -4.57 29.95 -16.30
C CYS B 124 -4.72 28.51 -15.83
N THR B 125 -4.13 28.21 -14.68
CA THR B 125 -4.18 26.87 -14.10
C THR B 125 -5.05 26.87 -12.86
N VAL B 126 -6.01 25.95 -12.81
CA VAL B 126 -6.86 25.76 -11.64
C VAL B 126 -6.76 24.31 -11.20
N GLU B 127 -6.98 24.10 -9.90
CA GLU B 127 -6.83 22.79 -9.29
C GLU B 127 -8.12 22.00 -9.47
N LYS B 128 -8.07 20.99 -10.34
CA LYS B 128 -9.20 20.08 -10.53
C LYS B 128 -8.67 18.67 -10.72
N LYS B 129 -9.35 17.71 -10.10
CA LYS B 129 -8.96 16.31 -10.17
C LYS B 129 -9.66 15.68 -11.37
N ILE B 130 -8.94 15.51 -12.46
CA ILE B 130 -9.45 14.85 -13.65
C ILE B 130 -8.96 13.41 -13.61
N ARG B 131 -9.88 12.48 -13.43
CA ARG B 131 -9.54 11.09 -13.16
C ARG B 131 -10.05 10.20 -14.30
N ARG B 132 -9.35 9.10 -14.52
CA ARG B 132 -9.71 8.18 -15.59
C ARG B 132 -11.05 7.53 -15.28
N LYS B 133 -11.94 7.54 -16.28
CA LYS B 133 -13.29 7.02 -16.14
C LYS B 133 -13.48 5.87 -17.11
N PHE B 134 -14.09 4.79 -16.63
CA PHE B 134 -14.41 3.65 -17.48
C PHE B 134 -15.84 3.23 -17.21
N VAL B 135 -16.47 2.65 -18.23
CA VAL B 135 -17.86 2.22 -18.16
C VAL B 135 -17.89 0.72 -17.93
N GLY B 136 -18.66 0.29 -16.95
CA GLY B 136 -18.88 -1.12 -16.71
C GLY B 136 -18.09 -1.67 -15.54
N ARG B 137 -17.94 -3.00 -15.55
CA ARG B 137 -17.31 -3.74 -14.47
C ARG B 137 -15.90 -4.21 -14.85
N GLU B 138 -15.31 -3.64 -15.89
CA GLU B 138 -14.00 -4.05 -16.36
C GLU B 138 -13.17 -2.82 -16.68
N GLU B 139 -11.92 -2.83 -16.24
CA GLU B 139 -11.03 -1.68 -16.43
C GLU B 139 -10.37 -1.74 -17.81
N TYR B 140 -10.15 -0.56 -18.38
CA TYR B 140 -9.46 -0.46 -19.66
C TYR B 140 -8.81 0.90 -19.78
N LEU B 141 -7.86 0.99 -20.71
CA LEU B 141 -7.20 2.25 -21.02
C LEU B 141 -7.91 2.99 -22.15
N PHE B 142 -8.06 2.33 -23.30
CA PHE B 142 -8.91 2.85 -24.36
C PHE B 142 -9.83 1.74 -24.82
N PRO B 143 -11.01 2.09 -25.35
CA PRO B 143 -12.04 1.07 -25.61
C PRO B 143 -11.57 0.02 -26.60
N PRO B 144 -11.98 -1.22 -26.41
CA PRO B 144 -11.59 -2.29 -27.33
C PRO B 144 -12.45 -2.32 -28.59
N VAL B 145 -11.95 -3.05 -29.59
CA VAL B 145 -12.71 -3.26 -30.80
C VAL B 145 -13.85 -4.25 -30.55
N HIS B 146 -13.57 -5.31 -29.79
CA HIS B 146 -14.55 -6.34 -29.50
C HIS B 146 -15.07 -6.17 -28.08
N GLY B 147 -16.39 -6.23 -27.94
CA GLY B 147 -17.00 -6.14 -26.63
C GLY B 147 -18.51 -6.11 -26.76
N LYS B 148 -19.16 -5.78 -25.65
CA LYS B 148 -20.60 -5.62 -25.62
C LYS B 148 -20.93 -4.13 -25.51
N LEU B 149 -22.10 -3.76 -26.03
CA LEU B 149 -22.53 -2.37 -26.09
C LEU B 149 -23.42 -2.08 -24.88
N LEU B 150 -23.02 -1.11 -24.07
CA LEU B 150 -23.83 -0.65 -22.95
C LEU B 150 -24.31 0.78 -23.20
N LYS B 151 -24.96 1.35 -22.19
CA LYS B 151 -25.40 2.73 -22.22
C LYS B 151 -24.37 3.58 -21.47
N CYS B 152 -23.79 4.55 -22.17
CA CYS B 152 -22.87 5.50 -21.56
C CYS B 152 -23.28 6.91 -21.98
N HIS B 153 -23.06 7.86 -21.09
CA HIS B 153 -23.42 9.25 -21.33
C HIS B 153 -22.16 10.06 -21.61
N ILE B 154 -22.17 10.79 -22.72
CA ILE B 154 -21.00 11.56 -23.16
C ILE B 154 -21.45 12.98 -23.49
N TYR B 155 -20.46 13.87 -23.58
CA TYR B 155 -20.71 15.24 -24.02
C TYR B 155 -20.81 15.27 -25.55
N ASP B 156 -21.88 15.84 -26.06
CA ASP B 156 -22.06 15.92 -27.50
C ASP B 156 -21.03 16.89 -28.09
N HIS B 157 -20.39 16.47 -29.18
CA HIS B 157 -19.40 17.30 -29.84
C HIS B 157 -20.01 18.49 -30.57
N LEU B 158 -21.32 18.54 -30.68
CA LEU B 158 -21.99 19.61 -31.40
C LEU B 158 -22.34 20.74 -30.44
N LYS B 159 -22.11 21.98 -30.87
CA LYS B 159 -22.32 23.12 -30.00
C LYS B 159 -23.75 23.62 -29.97
N GLU B 160 -24.63 23.08 -30.83
CA GLU B 160 -26.03 23.49 -30.79
C GLU B 160 -26.77 22.87 -29.62
N THR B 161 -26.37 21.67 -29.19
CA THR B 161 -26.99 21.04 -28.03
C THR B 161 -26.73 21.86 -26.78
N SER B 162 -27.74 21.94 -25.91
CA SER B 162 -27.69 22.79 -24.72
C SER B 162 -27.90 21.93 -23.48
N ALA B 163 -27.02 22.11 -22.50
CA ALA B 163 -27.09 21.39 -21.23
C ALA B 163 -27.58 22.26 -20.08
N GLY B 164 -28.07 23.46 -20.36
CA GLY B 164 -28.52 24.35 -19.32
C GLY B 164 -28.45 25.80 -19.79
N TYR B 165 -28.19 26.69 -18.84
CA TYR B 165 -28.04 28.09 -19.17
C TYR B 165 -27.18 28.78 -18.12
N ILE B 166 -26.65 29.94 -18.49
CA ILE B 166 -25.90 30.80 -17.58
C ILE B 166 -26.50 32.19 -17.64
N THR B 167 -26.57 32.84 -16.48
CA THR B 167 -27.21 34.14 -16.38
C THR B 167 -26.22 35.25 -16.71
N MET B 168 -26.63 36.14 -17.61
CA MET B 168 -25.81 37.27 -18.06
C MET B 168 -26.38 38.55 -17.47
N HIS B 169 -25.53 39.33 -16.81
CA HIS B 169 -25.95 40.52 -16.10
C HIS B 169 -25.27 41.76 -16.66
N ARG B 170 -25.79 42.92 -16.28
CA ARG B 170 -25.25 44.19 -16.75
C ARG B 170 -23.81 44.35 -16.28
N PRO B 171 -22.95 44.98 -17.09
CA PRO B 171 -21.56 45.18 -16.66
C PRO B 171 -21.49 46.22 -15.55
N GLY B 172 -20.73 45.89 -14.51
CA GLY B 172 -20.56 46.78 -13.39
C GLY B 172 -19.52 47.84 -13.66
N PRO B 173 -19.38 48.75 -12.71
CA PRO B 173 -18.34 49.79 -12.85
C PRO B 173 -16.96 49.18 -12.82
N HIS B 174 -16.07 49.75 -13.64
CA HIS B 174 -14.67 49.32 -13.74
C HIS B 174 -13.80 50.56 -13.63
N ALA B 175 -13.45 50.92 -12.41
CA ALA B 175 -12.65 52.12 -12.19
C ALA B 175 -11.24 51.93 -12.74
N TYR B 176 -10.75 52.93 -13.46
CA TYR B 176 -9.43 52.91 -14.06
C TYR B 176 -8.63 54.09 -13.53
N LYS B 177 -7.46 53.80 -12.97
CA LYS B 177 -6.61 54.84 -12.40
C LYS B 177 -5.99 55.73 -13.48
N SER B 178 -6.05 55.31 -14.75
CA SER B 178 -5.53 56.13 -15.82
C SER B 178 -6.34 57.40 -16.02
N TYR B 179 -7.56 57.44 -15.49
CA TYR B 179 -8.47 58.55 -15.74
C TYR B 179 -8.32 59.69 -14.74
N LEU B 180 -7.37 59.59 -13.80
CA LEU B 180 -7.09 60.65 -12.84
C LEU B 180 -5.70 61.20 -13.10
N LYS B 181 -5.56 62.53 -13.15
CA LYS B 181 -4.27 63.15 -13.41
C LYS B 181 -3.54 63.59 -12.15
N GLU B 182 -4.21 64.33 -11.27
CA GLU B 182 -3.60 64.86 -10.04
C GLU B 182 -2.41 65.77 -10.39
N ALA B 183 -2.74 66.86 -11.08
CA ALA B 183 -1.73 67.72 -11.69
C ALA B 183 -0.77 68.36 -10.70
N SER B 184 -1.26 69.27 -9.85
CA SER B 184 -0.39 69.97 -8.92
C SER B 184 -0.78 69.73 -7.47
N GLY B 185 -2.01 70.03 -7.09
CA GLY B 185 -2.51 69.71 -5.77
C GLY B 185 -4.00 69.44 -5.86
N GLU B 186 -4.51 69.44 -7.09
CA GLU B 186 -5.93 69.24 -7.33
C GLU B 186 -6.09 68.21 -8.44
N VAL B 187 -7.17 67.44 -8.37
CA VAL B 187 -7.34 66.27 -9.22
C VAL B 187 -7.97 66.70 -10.54
N TYR B 188 -7.60 66.02 -11.62
CA TYR B 188 -8.16 66.23 -12.94
C TYR B 188 -8.70 64.91 -13.48
N ILE B 189 -9.83 64.99 -14.17
CA ILE B 189 -10.48 63.81 -14.74
C ILE B 189 -10.14 63.77 -16.22
N LYS B 190 -9.41 62.73 -16.63
CA LYS B 190 -8.92 62.60 -17.99
C LYS B 190 -9.58 61.42 -18.69
N PRO B 191 -10.49 61.67 -19.62
CA PRO B 191 -11.21 60.56 -20.28
C PRO B 191 -10.32 59.86 -21.29
N PRO B 192 -10.68 58.64 -21.73
CA PRO B 192 -9.93 57.97 -22.80
C PRO B 192 -10.35 58.50 -24.17
N SER B 193 -9.73 59.61 -24.55
CA SER B 193 -10.11 60.39 -25.74
C SER B 193 -11.58 60.82 -25.55
N GLY B 194 -12.39 60.81 -26.60
CA GLY B 194 -13.74 61.33 -26.48
C GLY B 194 -14.79 60.30 -26.10
N LYS B 195 -14.58 59.60 -24.98
CA LYS B 195 -15.55 58.66 -24.45
C LYS B 195 -16.04 59.14 -23.09
N ASN B 196 -17.35 59.07 -22.88
CA ASN B 196 -17.94 59.52 -21.63
C ASN B 196 -17.43 58.68 -20.47
N VAL B 197 -16.95 59.34 -19.42
CA VAL B 197 -16.50 58.67 -18.21
C VAL B 197 -17.16 59.36 -17.02
N THR B 198 -17.67 58.56 -16.10
CA THR B 198 -18.36 59.07 -14.92
C THR B 198 -17.44 59.01 -13.71
N TYR B 199 -17.51 60.03 -12.86
CA TYR B 199 -16.65 60.14 -11.71
C TYR B 199 -17.47 60.13 -10.42
N GLU B 200 -16.89 59.53 -9.39
CA GLU B 200 -17.49 59.49 -8.06
C GLU B 200 -16.41 59.89 -7.05
N CYS B 201 -16.60 61.02 -6.40
CA CYS B 201 -15.56 61.60 -5.56
C CYS B 201 -16.11 61.87 -4.17
N LYS B 202 -15.20 61.91 -3.20
CA LYS B 202 -15.50 62.20 -1.80
C LYS B 202 -14.61 63.32 -1.29
N CYS B 203 -14.56 64.41 -2.06
CA CYS B 203 -13.75 65.58 -1.70
C CYS B 203 -14.53 66.47 -0.72
N GLY B 204 -14.80 65.91 0.45
CA GLY B 204 -15.66 66.54 1.43
C GLY B 204 -17.14 66.32 1.21
N ASP B 205 -17.61 66.39 -0.03
CA ASP B 205 -19.01 66.17 -0.36
C ASP B 205 -19.08 65.13 -1.46
N TYR B 206 -20.17 64.37 -1.49
CA TYR B 206 -20.36 63.39 -2.55
C TYR B 206 -20.73 64.08 -3.84
N SER B 207 -19.88 63.95 -4.86
CA SER B 207 -20.12 64.58 -6.16
C SER B 207 -19.99 63.52 -7.24
N THR B 208 -20.86 63.61 -8.24
CA THR B 208 -20.84 62.69 -9.37
C THR B 208 -21.17 63.46 -10.64
N GLY B 209 -20.76 62.91 -11.77
CA GLY B 209 -21.06 63.53 -13.05
C GLY B 209 -20.45 62.74 -14.18
N ILE B 210 -20.78 63.19 -15.39
CA ILE B 210 -20.27 62.60 -16.61
C ILE B 210 -19.49 63.67 -17.35
N VAL B 211 -18.38 63.26 -18.00
CA VAL B 211 -17.51 64.21 -18.69
C VAL B 211 -17.01 63.59 -19.98
N SER B 212 -16.80 64.45 -20.98
CA SER B 212 -16.20 64.05 -22.24
C SER B 212 -14.79 64.56 -22.42
N THR B 213 -14.37 65.54 -21.62
CA THR B 213 -13.05 66.14 -21.75
C THR B 213 -12.46 66.29 -20.36
N GLN B 214 -11.37 67.05 -20.27
CA GLN B 214 -10.69 67.26 -18.99
C GLN B 214 -11.56 68.09 -18.06
N THR B 215 -11.45 67.81 -16.76
CA THR B 215 -12.26 68.49 -15.77
C THR B 215 -11.48 68.70 -14.48
N LYS B 216 -11.63 69.90 -13.91
CA LYS B 216 -10.89 70.32 -12.72
C LYS B 216 -11.44 69.72 -11.43
N MET B 217 -12.72 69.35 -11.40
CA MET B 217 -13.42 69.00 -10.16
C MET B 217 -13.34 70.11 -9.13
N ASN B 218 -13.54 69.78 -7.85
CA ASN B 218 -13.72 70.78 -6.82
C ASN B 218 -13.15 70.27 -5.50
N GLY B 219 -12.05 70.87 -5.07
CA GLY B 219 -11.54 70.64 -3.72
C GLY B 219 -11.06 69.23 -3.43
N CYS B 220 -10.46 68.57 -4.41
CA CYS B 220 -9.91 67.24 -4.24
C CYS B 220 -8.39 67.35 -4.23
N THR B 221 -7.79 67.21 -3.06
CA THR B 221 -6.34 67.32 -2.95
C THR B 221 -5.64 66.08 -3.47
N LYS B 222 -6.21 64.91 -3.23
CA LYS B 222 -5.63 63.64 -3.66
C LYS B 222 -6.49 62.99 -4.74
N ALA B 223 -5.83 62.22 -5.60
CA ALA B 223 -6.54 61.42 -6.60
C ALA B 223 -7.08 60.13 -6.03
N ARG B 224 -6.74 59.79 -4.79
CA ARG B 224 -7.27 58.59 -4.17
C ARG B 224 -8.76 58.71 -3.90
N GLN B 225 -9.24 59.91 -3.60
CA GLN B 225 -10.61 60.10 -3.17
C GLN B 225 -11.57 60.37 -4.33
N CYS B 226 -11.26 59.88 -5.52
CA CYS B 226 -12.22 59.84 -6.61
C CYS B 226 -11.87 58.72 -7.56
N ILE B 227 -12.89 58.16 -8.20
CA ILE B 227 -12.73 57.09 -9.18
C ILE B 227 -13.51 57.44 -10.44
N ALA B 228 -13.09 56.85 -11.56
CA ALA B 228 -13.72 57.12 -12.84
C ALA B 228 -13.85 55.82 -13.63
N TYR B 229 -14.99 55.65 -14.30
CA TYR B 229 -15.25 54.47 -15.10
C TYR B 229 -16.09 54.85 -16.31
N THR B 230 -15.96 54.07 -17.38
CA THR B 230 -16.63 54.39 -18.64
C THR B 230 -18.13 54.15 -18.55
N ARG B 231 -18.91 55.12 -19.05
CA ARG B 231 -20.36 55.02 -19.07
C ARG B 231 -20.88 54.19 -20.24
N ASP B 232 -20.13 54.10 -21.33
CA ASP B 232 -20.59 53.40 -22.53
C ASP B 232 -20.91 51.94 -22.28
N GLN B 233 -20.32 51.33 -21.24
CA GLN B 233 -20.44 49.90 -21.01
C GLN B 233 -21.88 49.44 -20.88
N THR B 234 -22.35 48.62 -21.83
CA THR B 234 -23.70 48.09 -21.79
C THR B 234 -23.80 46.62 -22.14
N LYS B 235 -22.73 45.98 -22.62
CA LYS B 235 -22.78 44.57 -22.97
C LYS B 235 -22.73 43.70 -21.71
N TRP B 236 -23.54 42.66 -21.68
CA TRP B 236 -23.67 41.82 -20.49
C TRP B 236 -22.41 41.01 -20.25
N VAL B 237 -22.15 40.73 -18.97
CA VAL B 237 -21.04 39.90 -18.53
C VAL B 237 -21.59 38.82 -17.61
N PHE B 238 -20.82 37.75 -17.49
CA PHE B 238 -21.24 36.60 -16.68
C PHE B 238 -21.25 36.97 -15.20
N ASN B 239 -22.02 36.20 -14.43
CA ASN B 239 -22.12 36.34 -12.98
C ASN B 239 -20.85 35.78 -12.34
N SER B 240 -19.76 36.53 -12.50
CA SER B 240 -18.43 36.10 -12.07
C SER B 240 -18.09 36.66 -10.70
N PRO B 241 -17.46 35.86 -9.84
CA PRO B 241 -17.04 36.37 -8.52
C PRO B 241 -15.92 37.40 -8.58
N ASP B 242 -15.40 37.72 -9.76
CA ASP B 242 -14.25 38.60 -9.89
C ASP B 242 -14.62 40.00 -10.39
N LEU B 243 -15.91 40.30 -10.47
CA LEU B 243 -16.37 41.59 -10.95
C LEU B 243 -17.27 42.22 -9.90
N ILE B 244 -17.40 43.54 -9.97
CA ILE B 244 -18.24 44.28 -9.05
C ILE B 244 -19.57 44.54 -9.73
N ARG B 245 -20.66 44.20 -9.05
CA ARG B 245 -21.98 44.19 -9.67
C ARG B 245 -22.54 45.59 -9.86
N HIS B 246 -23.45 45.71 -10.81
CA HIS B 246 -24.19 46.93 -11.02
C HIS B 246 -25.31 47.06 -9.97
N THR B 247 -25.81 48.27 -9.81
CA THR B 247 -26.92 48.48 -8.88
C THR B 247 -28.18 47.77 -9.36
N ASP B 248 -28.25 47.44 -10.64
CA ASP B 248 -29.34 46.64 -11.20
C ASP B 248 -28.70 45.31 -11.63
N HIS B 249 -28.57 44.40 -10.67
CA HIS B 249 -28.01 43.08 -10.94
C HIS B 249 -29.09 42.04 -11.21
N SER B 250 -29.98 42.35 -12.14
CA SER B 250 -31.02 41.43 -12.54
C SER B 250 -30.57 40.63 -13.75
N VAL B 251 -31.14 39.43 -13.90
CA VAL B 251 -30.81 38.58 -15.04
C VAL B 251 -31.32 39.25 -16.30
N GLN B 252 -30.41 39.82 -17.09
CA GLN B 252 -30.78 40.54 -18.31
C GLN B 252 -30.98 39.61 -19.50
N GLY B 253 -30.29 38.49 -19.52
CA GLY B 253 -30.43 37.52 -20.60
C GLY B 253 -29.80 36.22 -20.18
N LYS B 254 -29.95 35.22 -21.05
CA LYS B 254 -29.46 33.88 -20.76
C LYS B 254 -28.72 33.33 -21.97
N LEU B 255 -27.65 32.59 -21.71
CA LEU B 255 -26.85 31.95 -22.73
C LEU B 255 -26.86 30.45 -22.52
N HIS B 256 -26.63 29.69 -23.58
CA HIS B 256 -26.63 28.23 -23.46
C HIS B 256 -25.32 27.74 -22.86
N ILE B 257 -25.35 26.51 -22.36
CA ILE B 257 -24.16 25.76 -21.99
C ILE B 257 -24.03 24.60 -22.97
N PRO B 258 -23.16 24.68 -23.98
CA PRO B 258 -23.15 23.66 -25.03
C PRO B 258 -22.68 22.30 -24.56
N PHE B 259 -22.59 21.35 -25.49
CA PHE B 259 -22.06 20.00 -25.23
C PHE B 259 -22.88 19.27 -24.16
N ARG B 260 -24.13 19.00 -24.53
CA ARG B 260 -25.05 18.30 -23.64
C ARG B 260 -24.59 16.88 -23.37
N LEU B 261 -24.87 16.40 -22.16
CA LEU B 261 -24.57 15.02 -21.79
C LEU B 261 -25.68 14.13 -22.32
N THR B 262 -25.44 13.52 -23.49
CA THR B 262 -26.39 12.68 -24.20
C THR B 262 -26.07 11.20 -24.00
N PRO B 263 -27.07 10.34 -24.10
CA PRO B 263 -26.82 8.90 -24.03
C PRO B 263 -26.42 8.31 -25.37
N THR B 264 -25.37 7.49 -25.35
CA THR B 264 -24.89 6.78 -26.53
C THR B 264 -24.53 5.37 -26.11
N VAL B 265 -23.88 4.62 -27.02
CA VAL B 265 -23.46 3.24 -26.75
C VAL B 265 -21.94 3.19 -26.76
N CYS B 266 -21.36 2.63 -25.72
CA CYS B 266 -19.92 2.48 -25.59
C CYS B 266 -19.49 1.05 -25.90
N ARG B 267 -18.20 0.88 -26.12
CA ARG B 267 -17.59 -0.43 -26.31
C ARG B 267 -16.84 -0.80 -25.05
N VAL B 268 -17.24 -1.88 -24.39
CA VAL B 268 -16.60 -2.26 -23.14
C VAL B 268 -16.01 -3.66 -23.25
N PRO B 269 -14.88 -3.93 -22.59
CA PRO B 269 -14.22 -5.22 -22.77
C PRO B 269 -15.04 -6.38 -22.22
N LEU B 270 -14.86 -7.54 -22.86
CA LEU B 270 -15.38 -8.81 -22.36
C LEU B 270 -14.20 -9.61 -21.83
N ALA B 271 -14.27 -9.99 -20.55
CA ALA B 271 -13.15 -10.65 -19.92
C ALA B 271 -13.01 -12.09 -20.42
N HIS B 272 -11.85 -12.68 -20.11
CA HIS B 272 -11.61 -14.07 -20.46
C HIS B 272 -12.57 -14.98 -19.70
N THR B 273 -13.24 -15.86 -20.42
CA THR B 273 -14.26 -16.73 -19.84
C THR B 273 -13.63 -17.61 -18.77
N PRO B 274 -14.19 -17.65 -17.56
CA PRO B 274 -13.55 -18.44 -16.49
C PRO B 274 -13.63 -19.93 -16.74
N THR B 275 -12.63 -20.64 -16.22
CA THR B 275 -12.62 -22.10 -16.23
C THR B 275 -13.21 -22.60 -14.92
N VAL B 276 -14.26 -23.41 -15.02
CA VAL B 276 -15.00 -23.86 -13.85
C VAL B 276 -14.66 -25.32 -13.59
N THR B 277 -14.04 -25.60 -12.45
CA THR B 277 -13.81 -26.95 -11.98
C THR B 277 -14.82 -27.24 -10.87
N LYS B 278 -15.58 -28.32 -11.03
CA LYS B 278 -16.73 -28.60 -10.19
C LYS B 278 -16.38 -29.67 -9.16
N TRP B 279 -16.74 -29.44 -7.91
CA TRP B 279 -16.61 -30.46 -6.87
C TRP B 279 -17.90 -30.52 -6.05
N PHE B 280 -17.94 -31.38 -5.04
CA PHE B 280 -19.15 -31.61 -4.26
C PHE B 280 -19.56 -30.32 -3.56
N LYS B 281 -20.69 -29.75 -3.99
CA LYS B 281 -21.24 -28.53 -3.39
C LYS B 281 -20.25 -27.37 -3.45
N GLY B 282 -19.82 -27.04 -4.66
CA GLY B 282 -18.94 -25.90 -4.83
C GLY B 282 -18.37 -25.87 -6.24
N ILE B 283 -17.79 -24.72 -6.58
CA ILE B 283 -17.12 -24.52 -7.85
C ILE B 283 -15.81 -23.79 -7.60
N THR B 284 -14.89 -23.95 -8.54
CA THR B 284 -13.62 -23.22 -8.55
C THR B 284 -13.52 -22.48 -9.87
N LEU B 285 -13.29 -21.17 -9.79
CA LEU B 285 -13.19 -20.32 -10.98
C LEU B 285 -11.74 -19.95 -11.20
N HIS B 286 -11.19 -20.34 -12.35
CA HIS B 286 -9.83 -19.98 -12.73
C HIS B 286 -9.93 -18.72 -13.59
N LEU B 287 -9.58 -17.58 -13.00
CA LEU B 287 -9.88 -16.27 -13.57
C LEU B 287 -8.62 -15.61 -14.10
N THR B 288 -8.62 -15.28 -15.39
CA THR B 288 -7.54 -14.55 -16.02
C THR B 288 -7.99 -13.11 -16.27
N ALA B 289 -7.32 -12.16 -15.60
CA ALA B 289 -7.64 -10.76 -15.78
C ALA B 289 -6.36 -9.97 -15.95
N THR B 290 -6.26 -9.20 -17.03
CA THR B 290 -5.13 -8.32 -17.23
C THR B 290 -5.32 -6.96 -16.60
N ARG B 291 -6.57 -6.52 -16.45
CA ARG B 291 -6.95 -5.31 -15.76
C ARG B 291 -7.98 -5.66 -14.70
N PRO B 292 -8.16 -4.80 -13.69
CA PRO B 292 -9.15 -5.08 -12.65
C PRO B 292 -10.54 -5.39 -13.19
N THR B 293 -11.00 -6.62 -12.93
CA THR B 293 -12.30 -7.10 -13.38
C THR B 293 -13.12 -7.50 -12.16
N LEU B 294 -14.42 -7.22 -12.19
CA LEU B 294 -15.27 -7.37 -11.02
C LEU B 294 -15.96 -8.72 -11.04
N LEU B 295 -15.73 -9.52 -10.00
CA LEU B 295 -16.40 -10.80 -9.80
C LEU B 295 -17.42 -10.62 -8.69
N THR B 296 -18.70 -10.87 -9.01
CA THR B 296 -19.79 -10.72 -8.06
C THR B 296 -20.55 -12.03 -7.98
N THR B 297 -20.73 -12.54 -6.77
CA THR B 297 -21.47 -13.77 -6.55
C THR B 297 -22.59 -13.52 -5.55
N ARG B 298 -23.61 -14.37 -5.61
CA ARG B 298 -24.69 -14.34 -4.64
C ARG B 298 -25.43 -15.67 -4.71
N LYS B 299 -26.05 -16.05 -3.59
CA LYS B 299 -26.82 -17.28 -3.53
C LYS B 299 -28.28 -17.00 -3.85
N LEU B 300 -28.93 -17.98 -4.50
CA LEU B 300 -30.29 -17.83 -4.97
C LEU B 300 -31.31 -18.30 -3.95
N GLY B 301 -30.97 -18.24 -2.66
CA GLY B 301 -31.87 -18.58 -1.59
C GLY B 301 -32.15 -17.42 -0.68
N LEU B 302 -32.70 -17.73 0.50
CA LEU B 302 -33.04 -16.69 1.46
C LEU B 302 -31.78 -15.94 1.88
N ARG B 303 -30.70 -16.66 2.14
CA ARG B 303 -29.42 -16.03 2.40
C ARG B 303 -28.75 -15.71 1.07
N ALA B 304 -28.34 -14.46 0.91
CA ALA B 304 -27.75 -14.01 -0.34
C ALA B 304 -26.33 -13.50 -0.11
N ASP B 305 -25.53 -14.28 0.63
CA ASP B 305 -24.15 -13.93 0.90
C ASP B 305 -23.48 -13.50 -0.40
N ALA B 306 -23.09 -12.24 -0.49
CA ALA B 306 -22.73 -11.61 -1.74
C ALA B 306 -21.28 -11.17 -1.69
N THR B 307 -20.43 -11.83 -2.47
CA THR B 307 -19.03 -11.47 -2.58
C THR B 307 -18.84 -10.53 -3.75
N ALA B 308 -18.07 -9.46 -3.54
CA ALA B 308 -17.66 -8.56 -4.60
C ALA B 308 -16.17 -8.35 -4.46
N GLU B 309 -15.44 -8.53 -5.56
CA GLU B 309 -14.00 -8.39 -5.55
C GLU B 309 -13.52 -7.89 -6.90
N TRP B 310 -12.49 -7.06 -6.88
CA TRP B 310 -11.82 -6.60 -8.10
C TRP B 310 -10.57 -7.44 -8.27
N ILE B 311 -10.50 -8.19 -9.37
CA ILE B 311 -9.49 -9.22 -9.56
C ILE B 311 -8.56 -8.79 -10.69
N THR B 312 -7.26 -8.87 -10.43
CA THR B 312 -6.23 -8.69 -11.44
C THR B 312 -5.26 -9.86 -11.34
N GLY B 313 -4.71 -10.27 -12.47
CA GLY B 313 -3.84 -11.43 -12.52
C GLY B 313 -4.61 -12.73 -12.63
N THR B 314 -3.86 -13.83 -12.66
CA THR B 314 -4.45 -15.16 -12.69
C THR B 314 -4.64 -15.66 -11.27
N THR B 315 -5.86 -16.06 -10.94
CA THR B 315 -6.18 -16.47 -9.58
C THR B 315 -7.19 -17.62 -9.64
N SER B 316 -7.68 -18.01 -8.47
CA SER B 316 -8.72 -19.01 -8.33
C SER B 316 -9.56 -18.66 -7.11
N ARG B 317 -10.88 -18.80 -7.24
CA ARG B 317 -11.79 -18.48 -6.16
C ARG B 317 -12.76 -19.63 -5.96
N ASN B 318 -12.91 -20.07 -4.72
CA ASN B 318 -13.76 -21.20 -4.35
C ASN B 318 -15.05 -20.68 -3.74
N PHE B 319 -16.18 -21.09 -4.32
CA PHE B 319 -17.50 -20.65 -3.87
C PHE B 319 -18.38 -21.85 -3.61
N SER B 320 -19.14 -21.77 -2.52
CA SER B 320 -20.00 -22.88 -2.10
C SER B 320 -21.34 -22.79 -2.81
N VAL B 321 -21.75 -23.89 -3.44
CA VAL B 321 -23.03 -23.99 -4.11
C VAL B 321 -23.89 -24.97 -3.35
N GLY B 322 -25.17 -24.64 -3.20
CA GLY B 322 -26.13 -25.47 -2.52
C GLY B 322 -27.27 -25.89 -3.43
N ARG B 323 -28.27 -26.52 -2.80
CA ARG B 323 -29.45 -26.95 -3.54
C ARG B 323 -30.24 -25.77 -4.09
N GLU B 324 -29.99 -24.56 -3.59
CA GLU B 324 -30.74 -23.39 -4.04
C GLU B 324 -30.06 -22.68 -5.21
N GLY B 325 -28.74 -22.77 -5.32
CA GLY B 325 -28.02 -22.27 -6.49
C GLY B 325 -26.98 -21.23 -6.12
N LEU B 326 -26.35 -20.70 -7.16
CA LEU B 326 -25.37 -19.64 -7.04
C LEU B 326 -25.25 -18.93 -8.38
N GLU B 327 -25.15 -17.60 -8.33
CA GLU B 327 -25.03 -16.77 -9.52
C GLU B 327 -23.73 -15.98 -9.43
N TYR B 328 -22.92 -16.06 -10.48
CA TYR B 328 -21.69 -15.28 -10.52
C TYR B 328 -21.62 -14.50 -11.83
N VAL B 329 -21.19 -13.25 -11.72
CA VAL B 329 -21.00 -12.36 -12.86
C VAL B 329 -19.53 -12.02 -12.93
N TRP B 330 -18.92 -12.22 -14.09
CA TRP B 330 -17.49 -12.01 -14.28
C TRP B 330 -17.32 -10.89 -15.30
N GLY B 331 -17.01 -9.69 -14.81
CA GLY B 331 -16.87 -8.55 -15.70
C GLY B 331 -18.19 -8.19 -16.36
N ASN B 332 -18.12 -7.82 -17.63
CA ASN B 332 -19.32 -7.45 -18.38
C ASN B 332 -19.95 -8.67 -19.05
N HIS B 333 -20.17 -9.71 -18.27
CA HIS B 333 -20.72 -10.97 -18.77
C HIS B 333 -22.10 -11.21 -18.19
N GLU B 334 -22.92 -11.92 -18.94
CA GLU B 334 -24.23 -12.29 -18.46
C GLU B 334 -24.10 -13.22 -17.25
N PRO B 335 -24.97 -13.08 -16.26
CA PRO B 335 -24.90 -13.95 -15.08
C PRO B 335 -25.10 -15.41 -15.46
N VAL B 336 -24.35 -16.28 -14.80
CA VAL B 336 -24.45 -17.73 -15.00
C VAL B 336 -24.76 -18.37 -13.65
N ARG B 337 -25.79 -19.21 -13.62
CA ARG B 337 -26.28 -19.80 -12.39
C ARG B 337 -26.00 -21.29 -12.37
N VAL B 338 -25.60 -21.80 -11.21
CA VAL B 338 -25.21 -23.20 -11.03
C VAL B 338 -25.90 -23.75 -9.79
N TRP B 339 -26.41 -24.97 -9.90
CA TRP B 339 -27.08 -25.65 -8.81
C TRP B 339 -26.36 -26.95 -8.49
N ALA B 340 -26.38 -27.32 -7.21
CA ALA B 340 -25.60 -28.46 -6.72
C ALA B 340 -26.49 -29.69 -6.54
N GLN B 341 -26.02 -30.81 -7.08
CA GLN B 341 -26.70 -32.10 -6.94
C GLN B 341 -26.18 -32.85 -5.73
N GLU B 342 -26.91 -33.89 -5.34
CA GLU B 342 -26.59 -34.67 -4.14
C GLU B 342 -25.57 -35.77 -4.48
N SER B 343 -24.40 -35.34 -4.93
CA SER B 343 -23.34 -36.26 -5.33
C SER B 343 -22.37 -36.53 -4.18
N ALA B 344 -22.90 -36.99 -3.05
CA ALA B 344 -22.04 -37.28 -1.91
C ALA B 344 -21.22 -38.55 -2.15
N PRO B 345 -20.02 -38.63 -1.60
CA PRO B 345 -19.23 -39.85 -1.69
C PRO B 345 -19.95 -41.02 -1.03
N GLY B 346 -19.83 -42.20 -1.64
CA GLY B 346 -20.44 -43.40 -1.11
C GLY B 346 -21.68 -43.80 -1.89
N ASP B 347 -22.36 -44.82 -1.37
CA ASP B 347 -23.56 -45.34 -1.99
C ASP B 347 -24.69 -45.36 -0.99
N PRO B 348 -25.84 -44.74 -1.31
CA PRO B 348 -27.02 -44.86 -0.43
C PRO B 348 -27.59 -46.27 -0.35
N HIS B 349 -27.26 -47.15 -1.30
CA HIS B 349 -27.71 -48.53 -1.26
C HIS B 349 -26.58 -49.54 -1.15
N GLY B 350 -25.45 -49.16 -0.58
CA GLY B 350 -24.37 -50.10 -0.35
C GLY B 350 -24.39 -50.63 1.06
N TRP B 351 -23.22 -50.88 1.62
CA TRP B 351 -23.12 -51.30 3.00
C TRP B 351 -23.38 -50.13 3.95
N PRO B 352 -23.69 -50.42 5.22
CA PRO B 352 -24.04 -49.32 6.14
C PRO B 352 -22.96 -48.25 6.24
N HIS B 353 -21.68 -48.60 6.16
CA HIS B 353 -20.65 -47.58 6.26
C HIS B 353 -20.67 -46.66 5.05
N GLU B 354 -20.90 -47.21 3.85
CA GLU B 354 -21.05 -46.36 2.67
C GLU B 354 -22.28 -45.47 2.80
N ILE B 355 -23.37 -46.01 3.34
CA ILE B 355 -24.57 -45.21 3.56
C ILE B 355 -24.29 -44.06 4.51
N ILE B 356 -23.54 -44.33 5.58
CA ILE B 356 -23.23 -43.30 6.58
C ILE B 356 -22.33 -42.24 5.97
N ILE B 357 -21.36 -42.65 5.13
CA ILE B 357 -20.52 -41.66 4.48
C ILE B 357 -21.35 -40.76 3.57
N HIS B 358 -22.25 -41.36 2.77
CA HIS B 358 -23.10 -40.59 1.88
C HIS B 358 -23.95 -39.58 2.66
N TYR B 359 -24.65 -40.06 3.68
CA TYR B 359 -25.59 -39.20 4.39
C TYR B 359 -24.89 -38.23 5.34
N TYR B 360 -23.65 -38.50 5.73
CA TYR B 360 -22.89 -37.52 6.49
C TYR B 360 -22.36 -36.42 5.59
N HIS B 361 -21.97 -36.76 4.36
CA HIS B 361 -21.57 -35.71 3.44
C HIS B 361 -22.75 -34.89 3.00
N ARG B 362 -23.94 -35.49 2.91
CA ARG B 362 -25.13 -34.71 2.55
C ARG B 362 -25.62 -33.87 3.72
N HIS B 363 -26.02 -34.51 4.82
CA HIS B 363 -26.61 -33.82 5.97
C HIS B 363 -25.92 -34.26 7.25
N PRO B 364 -24.86 -33.55 7.66
CA PRO B 364 -24.05 -34.02 8.80
C PRO B 364 -24.79 -34.02 10.12
N VAL B 365 -25.44 -32.91 10.48
CA VAL B 365 -26.09 -32.84 11.78
C VAL B 365 -27.27 -33.80 11.86
N TYR B 366 -28.03 -33.93 10.76
CA TYR B 366 -29.15 -34.86 10.75
C TYR B 366 -28.67 -36.30 10.88
N THR B 367 -27.62 -36.67 10.15
CA THR B 367 -27.14 -38.04 10.25
C THR B 367 -26.51 -38.32 11.61
N VAL B 368 -25.87 -37.31 12.23
CA VAL B 368 -25.35 -37.50 13.58
C VAL B 368 -26.50 -37.68 14.57
N ILE B 369 -27.58 -36.93 14.39
CA ILE B 369 -28.75 -37.08 15.25
C ILE B 369 -29.33 -38.48 15.12
N VAL B 370 -29.45 -38.98 13.89
CA VAL B 370 -30.04 -40.30 13.68
C VAL B 370 -29.13 -41.39 14.25
N LEU B 371 -27.82 -41.28 14.02
CA LEU B 371 -26.91 -42.29 14.56
C LEU B 371 -26.88 -42.26 16.09
N CYS B 372 -26.91 -41.07 16.70
CA CYS B 372 -27.00 -40.99 18.14
C CYS B 372 -28.33 -41.55 18.64
N GLY B 373 -29.39 -41.38 17.86
CA GLY B 373 -30.67 -41.97 18.22
C GLY B 373 -30.60 -43.48 18.25
N VAL B 374 -29.96 -44.09 17.24
CA VAL B 374 -29.86 -45.54 17.23
C VAL B 374 -28.94 -46.04 18.34
N ALA B 375 -27.86 -45.30 18.63
CA ALA B 375 -26.98 -45.70 19.73
C ALA B 375 -27.71 -45.64 21.07
N LEU B 376 -28.46 -44.55 21.30
CA LEU B 376 -29.25 -44.44 22.51
C LEU B 376 -30.33 -45.52 22.56
N ALA B 377 -30.96 -45.82 21.43
CA ALA B 377 -32.00 -46.83 21.41
C ALA B 377 -31.45 -48.20 21.76
N ILE B 378 -30.27 -48.55 21.25
CA ILE B 378 -29.70 -49.84 21.59
C ILE B 378 -29.26 -49.85 23.06
N LEU B 379 -28.62 -48.77 23.54
CA LEU B 379 -28.15 -48.74 24.92
C LEU B 379 -29.30 -48.80 25.91
N VAL B 380 -30.20 -47.82 25.86
CA VAL B 380 -31.42 -47.82 26.66
C VAL B 380 -32.39 -48.75 25.96
N GLY B 381 -32.50 -49.97 26.47
CA GLY B 381 -33.29 -51.01 25.88
C GLY B 381 -32.55 -52.32 25.97
N THR B 382 -31.23 -52.33 25.72
CA THR B 382 -30.45 -53.46 26.20
C THR B 382 -30.21 -53.37 27.70
N ALA B 383 -30.02 -52.16 28.23
CA ALA B 383 -29.91 -51.97 29.67
C ALA B 383 -31.26 -51.98 30.37
N SER B 384 -32.36 -51.99 29.61
CA SER B 384 -33.69 -52.11 30.19
C SER B 384 -34.20 -53.54 30.16
N SER B 385 -34.06 -54.24 29.03
CA SER B 385 -34.40 -55.66 29.01
C SER B 385 -33.49 -56.44 29.95
N ALA B 386 -32.20 -56.10 30.01
CA ALA B 386 -31.30 -56.77 30.93
C ALA B 386 -31.65 -56.45 32.38
N ALA B 387 -32.05 -55.20 32.66
CA ALA B 387 -32.46 -54.85 34.01
C ALA B 387 -33.69 -55.63 34.44
N CYS B 388 -34.68 -55.74 33.54
CA CYS B 388 -35.87 -56.53 33.86
C CYS B 388 -35.54 -58.01 34.02
N ILE B 389 -34.63 -58.52 33.18
CA ILE B 389 -34.20 -59.91 33.30
C ILE B 389 -33.54 -60.15 34.64
N ALA B 390 -32.66 -59.24 35.06
CA ALA B 390 -31.98 -59.39 36.35
C ALA B 390 -32.96 -59.28 37.50
N LYS B 391 -33.95 -58.40 37.38
CA LYS B 391 -34.97 -58.29 38.40
C LYS B 391 -35.75 -59.60 38.52
N ALA B 392 -36.13 -60.19 37.39
CA ALA B 392 -36.87 -61.44 37.41
C ALA B 392 -36.02 -62.57 37.96
N ARG B 393 -34.73 -62.61 37.60
CA ARG B 393 -33.83 -63.61 38.15
C ARG B 393 -33.72 -63.48 39.66
N ARG B 394 -33.60 -62.23 40.15
CA ARG B 394 -33.49 -62.02 41.59
C ARG B 394 -34.75 -62.46 42.31
N ASP B 395 -35.92 -62.11 41.78
CA ASP B 395 -37.14 -62.49 42.49
C ASP B 395 -37.66 -63.87 42.10
N CYS B 396 -36.90 -64.61 41.30
CA CYS B 396 -37.14 -66.04 41.13
C CYS B 396 -36.15 -66.89 41.93
N LEU B 397 -34.99 -66.34 42.28
CA LEU B 397 -34.00 -67.07 43.05
C LEU B 397 -34.07 -66.78 44.54
N THR B 398 -34.43 -65.55 44.94
CA THR B 398 -34.45 -65.23 46.37
C THR B 398 -35.72 -65.69 47.09
N PRO B 399 -36.94 -65.44 46.60
CA PRO B 399 -38.10 -65.41 47.51
C PRO B 399 -38.33 -66.72 48.27
N TYR B 400 -38.06 -67.86 47.64
CA TYR B 400 -38.10 -69.14 48.34
C TYR B 400 -36.93 -70.05 48.03
N ALA B 401 -36.25 -69.87 46.90
CA ALA B 401 -35.16 -70.78 46.55
C ALA B 401 -33.93 -70.54 47.43
N LEU B 402 -33.57 -69.27 47.64
CA LEU B 402 -32.38 -68.92 48.41
C LEU B 402 -32.68 -68.84 49.90
N ALA B 403 -33.93 -69.05 50.30
CA ALA B 403 -34.28 -69.04 51.71
C ALA B 403 -33.42 -70.05 52.48
N PRO B 404 -32.90 -69.68 53.65
CA PRO B 404 -32.01 -70.59 54.37
C PRO B 404 -32.70 -71.89 54.71
N ASN B 405 -31.91 -72.96 54.74
CA ASN B 405 -32.37 -74.35 54.93
C ASN B 405 -33.67 -74.61 54.17
N ALA B 406 -33.64 -74.30 52.89
CA ALA B 406 -34.73 -74.58 51.97
C ALA B 406 -34.20 -75.29 50.74
N THR B 407 -35.03 -76.16 50.17
CA THR B 407 -34.64 -77.00 49.05
C THR B 407 -35.54 -76.74 47.86
N VAL B 408 -34.95 -76.46 46.72
CA VAL B 408 -35.69 -76.26 45.47
C VAL B 408 -35.15 -77.24 44.42
N PRO B 409 -35.92 -78.23 44.02
CA PRO B 409 -35.46 -79.22 43.05
C PRO B 409 -35.34 -78.65 41.65
N THR B 410 -34.93 -79.53 40.72
CA THR B 410 -34.67 -79.12 39.35
C THR B 410 -35.92 -78.59 38.66
N ALA B 411 -37.09 -79.15 38.98
CA ALA B 411 -38.30 -78.83 38.23
C ALA B 411 -38.61 -77.34 38.29
N LEU B 412 -38.48 -76.73 39.47
CA LEU B 412 -38.69 -75.29 39.61
C LEU B 412 -37.40 -74.52 39.82
N ALA B 413 -36.25 -75.16 39.66
CA ALA B 413 -35.00 -74.40 39.63
C ALA B 413 -34.51 -74.16 38.19
N VAL B 414 -34.29 -75.24 37.44
CA VAL B 414 -33.66 -75.16 36.12
C VAL B 414 -34.56 -74.56 35.06
N LEU B 415 -35.86 -74.40 35.34
CA LEU B 415 -36.75 -73.87 34.32
C LEU B 415 -36.39 -72.44 33.94
N CYS B 416 -35.84 -71.68 34.88
CA CYS B 416 -35.42 -70.32 34.58
C CYS B 416 -33.98 -70.07 35.05
N CYS B 417 -33.58 -70.69 36.16
CA CYS B 417 -32.31 -70.39 36.76
C CYS B 417 -31.15 -70.90 35.90
N ILE B 418 -29.93 -70.63 36.37
CA ILE B 418 -28.70 -71.05 35.71
C ILE B 418 -28.68 -70.54 34.27
N PHE C 1 0.75 47.32 53.56
CA PHE C 1 0.62 46.10 54.35
C PHE C 1 1.05 44.87 53.57
N GLU C 2 1.93 44.08 54.19
CA GLU C 2 2.41 42.82 53.62
C GLU C 2 1.25 41.83 53.59
N HIS C 3 0.84 41.44 52.38
CA HIS C 3 -0.25 40.49 52.19
C HIS C 3 0.30 39.26 51.48
N ALA C 4 0.14 38.11 52.09
CA ALA C 4 0.61 36.84 51.54
C ALA C 4 -0.54 36.13 50.85
N THR C 5 -0.50 36.05 49.53
CA THR C 5 -1.50 35.37 48.73
C THR C 5 -0.83 34.21 47.98
N THR C 6 -1.67 33.42 47.30
CA THR C 6 -1.19 32.28 46.52
C THR C 6 -1.98 32.30 45.21
N VAL C 7 -1.42 32.98 44.21
CA VAL C 7 -2.07 33.13 42.91
C VAL C 7 -1.85 31.87 42.09
N PRO C 8 -2.91 31.21 41.61
CA PRO C 8 -2.72 30.07 40.71
C PRO C 8 -2.06 30.52 39.42
N ASN C 9 -1.07 29.74 38.98
CA ASN C 9 -0.35 30.04 37.74
C ASN C 9 -1.17 29.51 36.57
N VAL C 10 -2.28 30.19 36.31
CA VAL C 10 -3.10 29.96 35.14
C VAL C 10 -3.32 31.31 34.46
N PRO C 11 -2.70 31.56 33.31
CA PRO C 11 -2.80 32.88 32.69
C PRO C 11 -4.23 33.18 32.24
N GLY C 12 -4.73 34.35 32.67
CA GLY C 12 -6.05 34.81 32.31
C GLY C 12 -7.05 34.80 33.45
N ILE C 13 -7.03 33.77 34.28
CA ILE C 13 -7.99 33.64 35.38
C ILE C 13 -7.65 34.67 36.46
N PRO C 14 -8.57 35.55 36.82
CA PRO C 14 -8.29 36.51 37.89
C PRO C 14 -8.40 35.86 39.25
N TYR C 15 -7.50 36.25 40.15
CA TYR C 15 -7.54 35.82 41.54
C TYR C 15 -7.91 37.01 42.40
N LYS C 16 -9.02 36.90 43.11
CA LYS C 16 -9.55 37.98 43.93
C LYS C 16 -9.24 37.70 45.39
N ALA C 17 -8.89 38.75 46.13
CA ALA C 17 -8.65 38.64 47.56
C ALA C 17 -9.04 39.95 48.24
N LEU C 18 -9.32 39.85 49.53
CA LEU C 18 -9.72 40.99 50.35
C LEU C 18 -8.68 41.17 51.46
N VAL C 19 -8.17 42.38 51.61
CA VAL C 19 -7.16 42.70 52.60
C VAL C 19 -7.77 43.59 53.66
N GLU C 20 -7.61 43.20 54.93
CA GLU C 20 -8.18 43.92 56.05
C GLU C 20 -7.10 44.26 57.06
N ARG C 21 -7.14 45.48 57.58
CA ARG C 21 -6.30 45.89 58.69
C ARG C 21 -7.17 46.39 59.82
N ALA C 22 -6.73 46.15 61.06
CA ALA C 22 -7.46 46.62 62.22
C ALA C 22 -7.52 48.15 62.21
N GLY C 23 -8.74 48.69 62.12
CA GLY C 23 -8.93 50.11 62.02
C GLY C 23 -8.81 50.69 60.63
N TYR C 24 -8.76 49.85 59.60
CA TYR C 24 -8.68 50.31 58.22
C TYR C 24 -9.76 49.64 57.40
N ALA C 25 -10.19 50.34 56.34
CA ALA C 25 -11.26 49.86 55.50
C ALA C 25 -10.80 48.65 54.68
N PRO C 26 -11.71 47.78 54.28
CA PRO C 26 -11.34 46.67 53.40
C PRO C 26 -10.97 47.19 52.02
N LEU C 27 -10.01 46.51 51.39
CA LEU C 27 -9.52 46.88 50.07
C LEU C 27 -9.55 45.64 49.18
N ASN C 28 -9.97 45.82 47.93
CA ASN C 28 -10.08 44.70 47.01
C ASN C 28 -8.82 44.55 46.17
N LEU C 29 -8.34 43.31 46.06
CA LEU C 29 -7.13 42.98 45.33
C LEU C 29 -7.50 42.12 44.12
N GLU C 30 -6.70 42.25 43.06
CA GLU C 30 -7.01 41.58 41.80
C GLU C 30 -5.69 41.32 41.08
N ILE C 31 -5.19 40.08 41.18
CA ILE C 31 -3.92 39.69 40.57
C ILE C 31 -4.23 38.77 39.40
N THR C 32 -3.72 39.13 38.22
CA THR C 32 -3.95 38.37 37.00
C THR C 32 -2.61 38.04 36.35
N VAL C 33 -2.43 36.78 35.98
CA VAL C 33 -1.23 36.35 35.26
C VAL C 33 -1.48 36.63 33.78
N VAL C 34 -0.87 37.72 33.28
CA VAL C 34 -1.07 38.10 31.89
C VAL C 34 -0.19 37.26 30.97
N SER C 35 1.06 37.03 31.37
CA SER C 35 1.99 36.28 30.56
C SER C 35 2.97 35.57 31.48
N SER C 36 3.52 34.46 31.00
CA SER C 36 4.53 33.71 31.73
C SER C 36 5.62 33.27 30.78
N GLU C 37 6.86 33.45 31.20
CA GLU C 37 8.04 33.05 30.43
C GLU C 37 8.78 31.96 31.20
N LEU C 38 9.12 30.87 30.51
CA LEU C 38 9.96 29.83 31.07
C LEU C 38 11.20 29.73 30.18
N THR C 39 12.26 30.41 30.59
CA THR C 39 13.49 30.44 29.81
C THR C 39 14.54 29.57 30.48
N PRO C 40 15.01 28.50 29.84
CA PRO C 40 16.15 27.75 30.38
C PRO C 40 17.47 28.35 29.92
N SER C 41 18.53 27.94 30.61
CA SER C 41 19.88 28.37 30.25
C SER C 41 20.42 27.47 29.14
N THR C 42 20.79 28.08 28.02
CA THR C 42 21.21 27.33 26.84
C THR C 42 22.72 27.27 26.73
N ASN C 43 23.18 26.26 26.01
CA ASN C 43 24.61 26.13 25.69
C ASN C 43 24.70 25.40 24.36
N LYS C 44 25.10 26.12 23.31
CA LYS C 44 25.09 25.56 21.96
C LYS C 44 26.26 24.59 21.80
N GLU C 45 25.94 23.31 21.64
CA GLU C 45 26.96 22.30 21.41
C GLU C 45 27.59 22.47 20.03
N TYR C 46 26.78 22.41 18.97
CA TYR C 46 27.31 22.50 17.62
C TYR C 46 26.16 22.85 16.67
N VAL C 47 26.51 22.94 15.39
CA VAL C 47 25.56 23.22 14.31
C VAL C 47 25.73 22.11 13.27
N THR C 48 24.61 21.58 12.79
CA THR C 48 24.63 20.53 11.79
C THR C 48 23.66 20.87 10.66
N CYS C 49 23.91 20.29 9.49
CA CYS C 49 23.05 20.45 8.33
C CYS C 49 23.47 19.40 7.29
N LYS C 50 22.93 19.52 6.09
CA LYS C 50 23.35 18.65 4.99
C LYS C 50 24.78 18.97 4.60
N PHE C 51 25.55 17.93 4.34
CA PHE C 51 26.94 18.12 3.95
C PHE C 51 27.08 18.09 2.44
N HIS C 52 28.05 18.86 1.94
CA HIS C 52 28.38 18.89 0.53
C HIS C 52 29.70 18.16 0.35
N THR C 53 29.66 17.02 -0.33
CA THR C 53 30.86 16.20 -0.49
C THR C 53 31.73 16.81 -1.59
N VAL C 54 32.89 17.32 -1.20
CA VAL C 54 33.81 17.96 -2.12
C VAL C 54 34.84 16.91 -2.54
N ILE C 55 34.79 16.54 -3.82
CA ILE C 55 35.82 15.70 -4.42
C ILE C 55 36.72 16.62 -5.24
N PRO C 56 37.94 16.89 -4.81
CA PRO C 56 38.83 17.77 -5.57
C PRO C 56 39.23 17.12 -6.89
N SER C 57 39.95 17.90 -7.69
CA SER C 57 40.44 17.38 -8.96
C SER C 57 41.50 16.32 -8.68
N PRO C 58 41.40 15.14 -9.29
CA PRO C 58 42.36 14.07 -8.98
C PRO C 58 43.77 14.45 -9.41
N GLN C 59 44.74 13.92 -8.68
CA GLN C 59 46.15 14.11 -9.00
C GLN C 59 46.72 12.82 -9.54
N VAL C 60 47.35 12.89 -10.70
CA VAL C 60 48.02 11.74 -11.31
C VAL C 60 49.50 12.06 -11.44
N LYS C 61 50.33 11.17 -10.91
CA LYS C 61 51.77 11.21 -11.15
C LYS C 61 52.06 10.18 -12.22
N CYS C 62 52.48 10.66 -13.40
CA CYS C 62 52.29 9.87 -14.61
C CYS C 62 53.38 8.82 -14.79
N CYS C 63 54.47 8.91 -14.03
CA CYS C 63 55.40 7.79 -13.87
C CYS C 63 56.05 7.93 -12.49
N GLY C 64 55.49 7.24 -11.51
CA GLY C 64 55.96 7.36 -10.15
C GLY C 64 54.87 6.99 -9.16
N SER C 65 54.98 7.56 -7.96
CA SER C 65 54.06 7.26 -6.87
C SER C 65 53.73 8.52 -6.11
N LEU C 66 52.53 8.53 -5.51
CA LEU C 66 52.07 9.59 -4.63
C LEU C 66 51.84 9.03 -3.23
N GLU C 67 51.81 9.93 -2.26
CA GLU C 67 51.65 9.56 -0.87
C GLU C 67 50.42 10.24 -0.28
N CYS C 68 49.72 9.52 0.59
CA CYS C 68 48.56 10.07 1.27
C CYS C 68 49.04 11.00 2.39
N LYS C 69 48.66 12.26 2.32
CA LYS C 69 48.96 13.23 3.36
C LYS C 69 47.74 13.41 4.25
N ALA C 70 47.94 14.08 5.38
CA ALA C 70 46.89 14.29 6.37
C ALA C 70 46.42 15.73 6.31
N SER C 71 45.12 15.94 6.50
CA SER C 71 44.55 17.28 6.43
C SER C 71 43.51 17.43 7.53
N SER C 72 43.25 18.68 7.90
CA SER C 72 42.24 19.01 8.89
C SER C 72 40.84 19.11 8.32
N LYS C 73 40.70 18.97 7.01
CA LYS C 73 39.38 19.04 6.39
C LYS C 73 38.50 17.89 6.88
N ALA C 74 37.21 18.18 7.00
CA ALA C 74 36.28 17.26 7.63
C ALA C 74 36.18 15.95 6.84
N ASP C 75 36.28 14.83 7.56
CA ASP C 75 36.17 13.49 6.97
C ASP C 75 37.08 13.35 5.76
N TYR C 76 38.36 13.59 5.95
CA TYR C 76 39.33 13.53 4.86
C TYR C 76 39.67 12.09 4.55
N THR C 77 39.19 11.59 3.42
CA THR C 77 39.50 10.26 2.94
C THR C 77 40.43 10.38 1.75
N CYS C 78 41.57 9.69 1.81
CA CYS C 78 42.55 9.71 0.74
C CYS C 78 43.00 8.28 0.43
N ARG C 79 43.12 7.96 -0.85
CA ARG C 79 43.60 6.66 -1.27
C ARG C 79 44.48 6.82 -2.49
N VAL C 80 45.45 5.91 -2.63
CA VAL C 80 46.40 5.91 -3.74
C VAL C 80 46.19 4.63 -4.53
N PHE C 81 46.11 4.75 -5.85
CA PHE C 81 45.77 3.62 -6.71
C PHE C 81 46.95 3.29 -7.62
N GLY C 82 47.18 1.99 -7.81
CA GLY C 82 48.43 1.49 -8.34
C GLY C 82 48.77 1.84 -9.78
N GLY C 83 48.02 1.30 -10.73
CA GLY C 83 48.26 1.58 -12.13
C GLY C 83 46.97 1.89 -12.85
N VAL C 84 46.87 3.09 -13.43
CA VAL C 84 45.59 3.64 -13.86
C VAL C 84 45.56 3.88 -15.37
N TYR C 85 46.54 4.62 -15.90
CA TYR C 85 46.51 5.08 -17.28
C TYR C 85 45.20 5.81 -17.56
N PRO C 86 45.00 7.01 -17.03
CA PRO C 86 43.72 7.69 -17.18
C PRO C 86 43.55 8.33 -18.55
N PHE C 87 42.31 8.71 -18.84
CA PHE C 87 41.94 9.28 -20.12
C PHE C 87 41.06 10.50 -19.93
N MET C 88 41.21 11.47 -20.81
CA MET C 88 40.31 12.61 -20.90
C MET C 88 39.92 12.80 -22.37
N TRP C 89 39.25 13.89 -22.70
CA TRP C 89 38.93 14.16 -24.10
C TRP C 89 40.21 14.55 -24.83
N GLY C 90 40.85 13.58 -25.46
CA GLY C 90 42.11 13.80 -26.12
C GLY C 90 43.04 12.62 -25.98
N GLY C 91 42.73 11.70 -25.10
CA GLY C 91 43.48 10.47 -24.99
C GLY C 91 44.20 10.35 -23.66
N ALA C 92 45.34 9.65 -23.71
CA ALA C 92 46.10 9.37 -22.50
C ALA C 92 46.76 10.63 -21.96
N GLN C 93 46.68 10.79 -20.64
CA GLN C 93 47.25 11.93 -19.96
C GLN C 93 48.65 11.65 -19.42
N CYS C 94 49.19 10.46 -19.65
CA CYS C 94 50.55 10.12 -19.24
C CYS C 94 51.25 9.29 -20.29
N PHE C 95 52.55 9.13 -20.07
CA PHE C 95 53.46 8.47 -21.00
C PHE C 95 53.83 7.06 -20.57
N CYS C 96 54.07 6.83 -19.28
CA CYS C 96 54.32 5.49 -18.80
C CYS C 96 53.05 4.66 -18.88
N ASP C 97 53.22 3.34 -18.96
CA ASP C 97 52.09 2.45 -19.25
C ASP C 97 51.32 2.07 -18.00
N SER C 98 52.01 1.65 -16.94
CA SER C 98 51.33 1.11 -15.77
C SER C 98 51.93 1.60 -14.46
N GLU C 99 52.90 2.52 -14.50
CA GLU C 99 53.49 3.09 -13.29
C GLU C 99 52.85 4.42 -12.92
N ASN C 100 51.54 4.57 -13.19
CA ASN C 100 50.82 5.81 -12.97
C ASN C 100 50.00 5.69 -11.69
N THR C 101 50.09 6.69 -10.82
CA THR C 101 49.38 6.69 -9.55
C THR C 101 48.35 7.80 -9.54
N GLN C 102 47.11 7.46 -9.19
CA GLN C 102 46.04 8.43 -9.04
C GLN C 102 45.69 8.56 -7.55
N LEU C 103 45.63 9.79 -7.08
CA LEU C 103 45.32 10.07 -5.67
C LEU C 103 43.92 10.65 -5.60
N SER C 104 43.03 9.93 -4.93
CA SER C 104 41.63 10.32 -4.78
C SER C 104 41.43 10.98 -3.42
N GLU C 105 40.89 12.20 -3.44
CA GLU C 105 40.56 12.93 -2.23
C GLU C 105 39.06 13.16 -2.14
N ALA C 106 38.57 13.23 -0.91
CA ALA C 106 37.17 13.54 -0.67
C ALA C 106 37.04 14.06 0.76
N TYR C 107 36.39 15.21 0.92
CA TYR C 107 36.08 15.68 2.26
C TYR C 107 34.66 16.23 2.29
N VAL C 108 34.25 16.80 3.41
CA VAL C 108 32.88 17.25 3.62
C VAL C 108 32.90 18.71 4.05
N GLU C 109 32.06 19.51 3.41
CA GLU C 109 31.91 20.92 3.73
C GLU C 109 30.46 21.19 4.11
N PHE C 110 30.20 22.43 4.52
CA PHE C 110 28.84 22.85 4.78
C PHE C 110 28.17 23.30 3.49
N ALA C 111 27.00 22.73 3.22
CA ALA C 111 26.29 23.06 1.99
C ALA C 111 25.94 24.54 1.97
N PRO C 112 25.93 25.17 0.79
CA PRO C 112 25.72 26.62 0.73
C PRO C 112 24.41 27.07 1.33
N ASP C 113 23.36 26.26 1.26
CA ASP C 113 22.05 26.62 1.75
C ASP C 113 21.87 26.36 3.25
N CYS C 114 22.97 26.14 3.98
CA CYS C 114 22.86 25.75 5.38
C CYS C 114 22.67 26.94 6.32
N THR C 115 22.87 28.18 5.84
CA THR C 115 22.56 29.32 6.70
C THR C 115 21.06 29.42 6.99
N ILE C 116 20.23 28.73 6.24
CA ILE C 116 18.79 28.71 6.43
C ILE C 116 18.32 27.36 6.96
N ASP C 117 18.76 26.27 6.32
CA ASP C 117 18.41 24.92 6.72
C ASP C 117 19.56 24.36 7.56
N HIS C 118 19.50 24.60 8.87
CA HIS C 118 20.45 24.03 9.79
C HIS C 118 19.77 23.81 11.13
N ALA C 119 20.34 22.88 11.91
CA ALA C 119 19.85 22.57 13.23
C ALA C 119 20.89 22.96 14.27
N VAL C 120 20.43 23.40 15.42
CA VAL C 120 21.29 23.78 16.53
C VAL C 120 21.05 22.82 17.69
N ALA C 121 22.10 22.16 18.13
CA ALA C 121 22.03 21.25 19.27
C ALA C 121 22.38 22.01 20.54
N LEU C 122 21.44 22.06 21.48
CA LEU C 122 21.59 22.84 22.69
C LEU C 122 21.47 21.94 23.91
N LYS C 123 22.21 22.29 24.96
CA LYS C 123 22.04 21.70 26.28
C LYS C 123 21.40 22.75 27.17
N VAL C 124 20.16 22.49 27.58
CA VAL C 124 19.38 23.46 28.34
C VAL C 124 19.31 23.01 29.79
N HIS C 125 19.73 23.89 30.69
CA HIS C 125 19.78 23.64 32.12
C HIS C 125 18.47 24.12 32.76
N THR C 126 18.47 24.25 34.08
CA THR C 126 17.26 24.63 34.82
C THR C 126 16.66 25.93 34.27
N ALA C 127 15.34 25.98 34.28
CA ALA C 127 14.59 27.11 33.74
C ALA C 127 14.24 28.11 34.84
N ALA C 128 13.84 29.30 34.42
CA ALA C 128 13.42 30.37 35.32
C ALA C 128 12.11 30.95 34.83
N LEU C 129 11.19 31.21 35.75
CA LEU C 129 9.86 31.69 35.42
C LEU C 129 9.81 33.20 35.65
N LYS C 130 9.41 33.94 34.62
CA LYS C 130 9.27 35.39 34.69
C LYS C 130 7.85 35.72 34.25
N VAL C 131 7.10 36.39 35.11
CA VAL C 131 5.66 36.49 34.96
C VAL C 131 5.25 37.95 34.90
N GLY C 132 4.17 38.22 34.17
CA GLY C 132 3.60 39.54 34.08
C GLY C 132 2.28 39.58 34.82
N LEU C 133 2.17 40.53 35.75
CA LEU C 133 1.02 40.62 36.63
C LEU C 133 0.23 41.89 36.34
N ARG C 134 -1.04 41.87 36.75
CA ARG C 134 -1.96 42.99 36.56
C ARG C 134 -2.66 43.28 37.88
N ILE C 135 -1.85 43.42 38.93
CA ILE C 135 -2.40 43.74 40.25
C ILE C 135 -3.25 44.99 40.20
N VAL C 136 -4.39 44.93 40.87
CA VAL C 136 -5.38 46.02 40.90
C VAL C 136 -5.78 46.22 42.35
N TYR C 137 -5.23 47.25 42.99
CA TYR C 137 -5.60 47.60 44.36
C TYR C 137 -6.41 48.89 44.31
N GLY C 138 -7.52 48.91 45.05
CA GLY C 138 -8.33 50.11 45.15
C GLY C 138 -8.88 50.58 43.82
N ASN C 139 -8.30 51.67 43.31
CA ASN C 139 -8.67 52.25 42.01
C ASN C 139 -7.46 52.45 41.11
N THR C 140 -6.36 51.76 41.39
CA THR C 140 -5.12 51.92 40.64
C THR C 140 -4.67 50.57 40.09
N THR C 141 -4.33 50.55 38.80
CA THR C 141 -3.91 49.35 38.09
C THR C 141 -2.43 49.48 37.73
N ALA C 142 -1.67 48.40 37.97
CA ALA C 142 -0.25 48.39 37.67
C ALA C 142 0.09 47.13 36.90
N HIS C 143 1.01 47.27 35.94
CA HIS C 143 1.57 46.14 35.19
C HIS C 143 3.03 46.01 35.60
N LEU C 144 3.41 44.83 36.08
CA LEU C 144 4.77 44.59 36.55
C LEU C 144 5.23 43.21 36.10
N ASP C 145 6.54 43.11 35.85
CA ASP C 145 7.19 41.85 35.53
C ASP C 145 8.08 41.45 36.68
N THR C 146 7.85 40.27 37.24
CA THR C 146 8.60 39.78 38.38
C THR C 146 9.13 38.38 38.07
N PHE C 147 10.18 38.00 38.77
CA PHE C 147 10.78 36.69 38.63
C PHE C 147 10.31 35.79 39.76
N VAL C 148 9.93 34.56 39.39
CA VAL C 148 9.41 33.60 40.36
C VAL C 148 10.61 32.83 40.91
N ASN C 149 11.24 33.42 41.92
CA ASN C 149 12.34 32.78 42.63
C ASN C 149 12.27 32.95 44.15
N GLY C 150 11.50 33.90 44.66
CA GLY C 150 11.34 34.10 46.08
C GLY C 150 12.21 35.17 46.68
N VAL C 151 13.14 35.74 45.92
CA VAL C 151 14.02 36.78 46.44
C VAL C 151 14.05 38.05 45.61
N THR C 152 13.76 38.00 44.30
CA THR C 152 13.92 39.17 43.45
C THR C 152 12.80 40.16 43.73
N PRO C 153 13.10 41.38 44.16
CA PRO C 153 12.05 42.39 44.43
C PRO C 153 11.74 43.26 43.21
N GLY C 154 11.34 42.61 42.12
CA GLY C 154 10.86 43.35 40.97
C GLY C 154 9.56 44.05 41.32
N SER C 155 9.52 45.37 41.11
CA SER C 155 8.39 46.16 41.55
C SER C 155 8.23 47.37 40.65
N SER C 156 7.00 47.66 40.25
CA SER C 156 6.74 48.76 39.32
C SER C 156 7.10 50.12 39.93
N ARG C 157 6.34 50.57 40.92
CA ARG C 157 6.62 51.84 41.58
C ARG C 157 6.88 51.69 43.07
N ASP C 158 5.93 51.16 43.84
CA ASP C 158 6.13 50.92 45.27
C ASP C 158 5.43 49.64 45.70
N LEU C 159 5.37 48.66 44.80
CA LEU C 159 4.56 47.49 45.08
C LEU C 159 5.32 46.46 45.91
N LYS C 160 6.63 46.38 45.75
CA LYS C 160 7.48 45.46 46.51
C LYS C 160 6.95 44.03 46.44
N VAL C 161 6.64 43.61 45.22
CA VAL C 161 6.04 42.31 44.99
C VAL C 161 7.13 41.26 44.87
N ILE C 162 7.17 40.35 45.84
CA ILE C 162 8.06 39.20 45.82
C ILE C 162 7.25 38.00 45.36
N ALA C 163 7.65 37.41 44.23
CA ALA C 163 6.99 36.23 43.70
C ALA C 163 7.66 35.00 44.29
N GLY C 164 6.97 34.33 45.20
CA GLY C 164 7.52 33.20 45.91
C GLY C 164 7.85 32.06 44.95
N PRO C 165 8.71 31.14 45.39
CA PRO C 165 9.17 30.08 44.48
C PRO C 165 8.02 29.26 43.94
N ILE C 166 8.13 28.87 42.67
CA ILE C 166 7.13 27.99 42.07
C ILE C 166 7.06 26.69 42.87
N SER C 167 5.83 26.22 43.09
CA SER C 167 5.64 25.03 43.92
C SER C 167 6.20 23.78 43.25
N ALA C 168 5.91 23.60 41.97
CA ALA C 168 6.29 22.40 41.23
C ALA C 168 7.35 22.75 40.20
N ALA C 169 8.44 22.00 40.20
CA ALA C 169 9.49 22.16 39.20
C ALA C 169 9.07 21.44 37.93
N PHE C 170 8.86 22.20 36.85
CA PHE C 170 8.43 21.64 35.58
C PHE C 170 9.22 22.31 34.45
N SER C 171 9.58 21.52 33.46
CA SER C 171 10.31 22.04 32.31
C SER C 171 9.96 21.20 31.08
N PRO C 172 9.40 21.81 30.03
CA PRO C 172 9.06 21.05 28.82
C PRO C 172 10.27 20.54 28.08
N PHE C 173 11.47 21.06 28.35
CA PHE C 173 12.67 20.68 27.63
C PHE C 173 13.44 19.62 28.42
N ASP C 174 14.02 18.67 27.69
CA ASP C 174 14.93 17.70 28.27
C ASP C 174 16.30 18.36 28.41
N HIS C 175 17.33 17.57 28.68
CA HIS C 175 18.67 18.14 28.76
C HIS C 175 19.21 18.51 27.38
N LYS C 176 18.75 17.81 26.34
CA LYS C 176 19.25 18.02 24.99
C LYS C 176 18.10 18.41 24.08
N VAL C 177 18.27 19.50 23.34
CA VAL C 177 17.22 20.11 22.53
C VAL C 177 17.79 20.49 21.18
N VAL C 178 17.04 20.23 20.11
CA VAL C 178 17.45 20.55 18.75
C VAL C 178 16.47 21.56 18.18
N ILE C 179 16.99 22.70 17.74
CA ILE C 179 16.18 23.79 17.20
C ILE C 179 16.46 23.90 15.70
N ARG C 180 15.43 23.66 14.89
CA ARG C 180 15.57 23.71 13.44
C ARG C 180 14.43 24.54 12.86
N LYS C 181 14.76 25.74 12.38
CA LYS C 181 13.79 26.62 11.71
C LYS C 181 12.56 26.88 12.58
N GLY C 182 12.81 27.16 13.86
CA GLY C 182 11.75 27.53 14.77
C GLY C 182 11.02 26.37 15.42
N LEU C 183 11.24 25.14 14.95
CA LEU C 183 10.64 23.98 15.57
C LEU C 183 11.64 23.34 16.54
N VAL C 184 11.17 23.09 17.77
CA VAL C 184 12.02 22.63 18.85
C VAL C 184 11.77 21.15 19.09
N TYR C 185 12.83 20.37 19.18
CA TYR C 185 12.74 18.93 19.35
C TYR C 185 13.55 18.51 20.57
N ASN C 186 13.13 17.42 21.19
CA ASN C 186 13.84 16.81 22.31
C ASN C 186 14.57 15.58 21.78
N TYR C 187 15.80 15.78 21.32
CA TYR C 187 16.59 14.73 20.70
C TYR C 187 17.88 14.50 21.50
N ASP C 188 18.31 13.24 21.56
CA ASP C 188 19.54 12.86 22.23
C ASP C 188 20.70 12.93 21.23
N PHE C 189 21.05 14.15 20.86
CA PHE C 189 22.07 14.33 19.83
C PHE C 189 23.43 13.88 20.35
N PRO C 190 24.28 13.37 19.47
CA PRO C 190 25.62 12.94 19.89
C PRO C 190 26.44 14.10 20.44
N GLU C 191 27.33 13.79 21.38
CA GLU C 191 28.24 14.78 21.92
C GLU C 191 29.16 15.31 20.83
N TYR C 192 29.81 16.43 21.11
CA TYR C 192 30.74 17.03 20.16
C TYR C 192 31.94 16.11 19.98
N GLY C 193 32.10 15.57 18.78
CA GLY C 193 33.15 14.63 18.49
C GLY C 193 32.71 13.18 18.43
N ALA C 194 31.51 12.87 18.90
CA ALA C 194 31.00 11.50 18.84
C ALA C 194 30.07 11.35 17.63
N MET C 195 30.62 11.62 16.45
CA MET C 195 29.84 11.58 15.22
C MET C 195 29.63 10.13 14.80
N LYS C 196 28.38 9.79 14.46
CA LYS C 196 28.07 8.48 13.91
C LYS C 196 27.56 8.66 12.49
N PRO C 197 28.09 7.93 11.52
CA PRO C 197 27.62 8.09 10.13
C PRO C 197 26.14 7.74 10.01
N GLY C 198 25.43 8.48 9.16
CA GLY C 198 24.04 8.22 8.88
C GLY C 198 23.07 8.63 9.97
N ALA C 199 23.53 9.31 11.00
CA ALA C 199 22.69 9.76 12.09
C ALA C 199 22.83 11.27 12.26
N PHE C 200 21.91 11.84 13.04
CA PHE C 200 21.98 13.27 13.33
C PHE C 200 23.31 13.60 13.99
N GLY C 201 23.92 14.71 13.57
CA GLY C 201 25.19 15.10 14.11
C GLY C 201 26.39 14.42 13.50
N ASP C 202 26.27 13.91 12.28
CA ASP C 202 27.44 13.36 11.60
C ASP C 202 28.40 14.45 11.14
N ILE C 203 27.93 15.68 11.01
CA ILE C 203 28.79 16.83 10.73
C ILE C 203 28.51 17.89 11.78
N GLN C 204 29.56 18.37 12.42
CA GLN C 204 29.44 19.32 13.52
C GLN C 204 30.43 20.46 13.34
N ALA C 205 30.04 21.64 13.83
CA ALA C 205 30.92 22.79 13.90
C ALA C 205 30.37 23.75 14.94
N SER C 206 31.25 24.59 15.48
CA SER C 206 30.81 25.55 16.49
C SER C 206 29.87 26.58 15.88
N SER C 207 30.10 26.97 14.62
CA SER C 207 29.25 27.91 13.93
C SER C 207 29.16 27.50 12.46
N LEU C 208 28.42 28.30 11.69
CA LEU C 208 28.34 28.05 10.26
C LEU C 208 29.55 28.59 9.52
N TYR C 209 30.33 29.47 10.16
CA TYR C 209 31.52 30.06 9.57
C TYR C 209 32.79 29.39 10.05
N ALA C 210 32.67 28.30 10.78
CA ALA C 210 33.82 27.65 11.40
C ALA C 210 34.73 27.00 10.36
N THR C 211 36.02 27.09 10.61
CA THR C 211 37.03 26.40 9.81
C THR C 211 37.49 25.11 10.45
N ASP C 212 36.91 24.73 11.60
CA ASP C 212 37.25 23.51 12.30
C ASP C 212 36.11 22.48 12.22
N ILE C 213 35.45 22.40 11.06
CA ILE C 213 34.35 21.45 10.89
C ILE C 213 34.86 20.04 11.11
N VAL C 214 34.07 19.24 11.81
CA VAL C 214 34.35 17.82 12.01
C VAL C 214 33.21 17.03 11.39
N ALA C 215 33.54 15.92 10.74
CA ALA C 215 32.53 15.10 10.10
C ALA C 215 32.97 13.65 10.11
N ARG C 216 31.98 12.76 10.03
CA ARG C 216 32.20 11.32 9.91
C ARG C 216 31.00 10.76 9.14
N THR C 217 31.18 10.65 7.82
CA THR C 217 30.09 10.25 6.93
C THR C 217 30.40 8.97 6.18
N ASP C 218 31.45 8.24 6.56
CA ASP C 218 31.79 6.95 5.97
C ASP C 218 32.04 7.06 4.47
N ILE C 219 33.06 7.82 4.12
CA ILE C 219 33.45 7.97 2.72
C ILE C 219 34.36 6.79 2.35
N ARG C 220 34.01 6.11 1.26
CA ARG C 220 34.79 4.99 0.77
C ARG C 220 35.20 5.28 -0.67
N LEU C 221 36.50 5.29 -0.92
CA LEU C 221 37.03 5.56 -2.25
C LEU C 221 37.35 4.25 -2.94
N LEU C 222 36.76 4.03 -4.11
CA LEU C 222 36.85 2.76 -4.82
C LEU C 222 37.88 2.86 -5.94
N LYS C 223 38.34 1.68 -6.37
CA LYS C 223 39.32 1.63 -7.45
C LYS C 223 38.65 2.02 -8.77
N PRO C 224 39.25 2.90 -9.56
CA PRO C 224 38.64 3.28 -10.84
C PRO C 224 38.65 2.12 -11.82
N SER C 225 37.49 1.84 -12.41
CA SER C 225 37.35 0.79 -13.39
C SER C 225 37.31 1.29 -14.83
N VAL C 226 36.98 2.56 -15.05
CA VAL C 226 36.80 3.09 -16.39
C VAL C 226 38.09 3.77 -16.82
N LYS C 227 38.28 3.88 -18.14
CA LYS C 227 39.47 4.54 -18.67
C LYS C 227 39.42 6.05 -18.40
N ASN C 228 38.25 6.65 -18.52
CA ASN C 228 38.12 8.08 -18.29
C ASN C 228 38.37 8.39 -16.82
N ILE C 229 38.92 9.59 -16.57
CA ILE C 229 39.31 9.96 -15.22
C ILE C 229 38.07 10.07 -14.35
N HIS C 230 38.10 9.41 -13.19
CA HIS C 230 36.93 9.27 -12.35
C HIS C 230 37.37 9.08 -10.91
N VAL C 231 36.57 9.61 -9.99
CA VAL C 231 36.74 9.32 -8.57
C VAL C 231 35.49 8.60 -8.10
N PRO C 232 35.48 7.28 -8.09
CA PRO C 232 34.30 6.56 -7.60
C PRO C 232 34.30 6.51 -6.08
N TYR C 233 33.18 6.90 -5.48
CA TYR C 233 33.07 6.95 -4.04
C TYR C 233 31.68 6.52 -3.61
N THR C 234 31.58 6.05 -2.38
CA THR C 234 30.31 5.75 -1.75
C THR C 234 30.26 6.41 -0.38
N GLN C 235 29.09 6.94 -0.03
CA GLN C 235 28.95 7.70 1.20
C GLN C 235 27.64 7.31 1.88
N ALA C 236 27.62 7.49 3.19
CA ALA C 236 26.38 7.26 3.94
C ALA C 236 25.41 8.42 3.70
N VAL C 237 24.13 8.14 3.91
CA VAL C 237 23.12 9.18 3.72
C VAL C 237 23.31 10.26 4.77
N SER C 238 22.79 11.45 4.46
CA SER C 238 22.89 12.57 5.38
C SER C 238 22.07 12.30 6.62
N GLY C 239 22.73 12.30 7.78
CA GLY C 239 22.02 12.12 9.03
C GLY C 239 21.02 13.24 9.28
N TYR C 240 21.32 14.44 8.78
CA TYR C 240 20.34 15.52 8.84
C TYR C 240 19.08 15.17 8.07
N GLU C 241 19.23 14.62 6.86
CA GLU C 241 18.07 14.22 6.07
C GLU C 241 17.30 13.08 6.75
N MET C 242 18.03 12.10 7.29
CA MET C 242 17.36 10.99 7.97
C MET C 242 16.58 11.48 9.19
N TRP C 243 17.19 12.37 9.98
CA TRP C 243 16.50 12.89 11.16
C TRP C 243 15.32 13.76 10.76
N LYS C 244 15.45 14.50 9.66
CA LYS C 244 14.33 15.28 9.17
C LYS C 244 13.16 14.38 8.77
N ASN C 245 13.47 13.23 8.18
CA ASN C 245 12.42 12.27 7.86
C ASN C 245 11.79 11.66 9.12
N ASN C 246 12.61 11.38 10.13
CA ASN C 246 12.15 10.72 11.34
C ASN C 246 12.26 11.62 12.56
N SER C 247 11.87 12.89 12.42
CA SER C 247 11.95 13.82 13.53
C SER C 247 10.84 13.63 14.55
N GLY C 248 9.64 13.28 14.09
CA GLY C 248 8.49 13.23 14.97
C GLY C 248 7.86 14.59 15.12
N ARG C 249 6.78 14.61 15.88
CA ARG C 249 6.19 15.94 15.96
C ARG C 249 6.91 16.79 17.00
N PRO C 250 6.99 18.09 16.77
CA PRO C 250 7.83 18.95 17.61
C PRO C 250 7.26 19.14 19.01
N LEU C 251 8.08 19.79 19.83
CA LEU C 251 7.68 20.19 21.17
C LEU C 251 6.57 21.22 21.16
N GLN C 252 6.42 21.96 20.07
CA GLN C 252 5.31 22.90 19.96
C GLN C 252 3.96 22.19 20.02
N GLU C 253 3.94 20.89 19.73
CA GLU C 253 2.73 20.09 19.78
C GLU C 253 2.76 19.03 20.87
N THR C 254 3.94 18.58 21.29
CA THR C 254 4.03 17.58 22.36
C THR C 254 4.14 18.20 23.75
N ALA C 255 4.18 19.52 23.87
CA ALA C 255 4.45 20.15 25.16
C ALA C 255 3.29 19.92 26.13
N PRO C 256 3.57 19.72 27.42
CA PRO C 256 2.50 19.59 28.40
C PRO C 256 2.07 20.91 28.98
N PHE C 257 0.95 20.92 29.71
CA PHE C 257 0.40 22.11 30.37
C PHE C 257 0.02 23.21 29.39
N GLY C 258 -0.16 22.87 28.12
CA GLY C 258 -0.55 23.87 27.13
C GLY C 258 0.47 24.98 26.96
N CYS C 259 1.74 24.63 26.88
CA CYS C 259 2.79 25.63 26.74
C CYS C 259 2.98 26.01 25.27
N LYS C 260 3.40 27.25 25.05
CA LYS C 260 3.72 27.75 23.72
C LYS C 260 5.23 27.83 23.59
N ILE C 261 5.81 26.96 22.77
CA ILE C 261 7.26 26.91 22.63
C ILE C 261 7.69 27.91 21.59
N GLU C 262 8.58 28.83 21.98
CA GLU C 262 9.03 29.89 21.10
C GLU C 262 10.56 29.93 21.12
N VAL C 263 11.13 30.49 20.06
CA VAL C 263 12.57 30.55 19.86
C VAL C 263 13.01 32.00 19.85
N GLU C 264 14.33 32.19 20.02
CA GLU C 264 14.98 33.49 20.05
C GLU C 264 14.45 34.41 21.14
N PRO C 265 14.73 34.12 22.42
CA PRO C 265 15.44 32.95 22.96
C PRO C 265 14.49 31.78 23.16
N LEU C 266 15.00 30.58 23.40
CA LEU C 266 14.13 29.45 23.65
C LEU C 266 13.33 29.67 24.93
N ARG C 267 12.01 29.52 24.85
CA ARG C 267 11.15 29.82 25.98
C ARG C 267 9.85 29.06 25.84
N ALA C 268 9.22 28.79 26.99
CA ALA C 268 7.88 28.22 27.05
C ALA C 268 6.97 29.27 27.64
N SER C 269 6.08 29.82 26.82
CA SER C 269 5.23 30.93 27.21
C SER C 269 3.81 30.48 27.51
N ASN C 270 3.23 31.06 28.56
CA ASN C 270 1.85 30.79 28.96
C ASN C 270 1.64 29.31 29.31
N CYS C 271 2.38 28.86 30.32
CA CYS C 271 2.17 27.54 30.89
C CYS C 271 1.27 27.65 32.11
N ALA C 272 0.59 26.56 32.44
CA ALA C 272 -0.36 26.54 33.55
C ALA C 272 0.01 25.40 34.50
N TYR C 273 0.91 25.69 35.45
CA TYR C 273 1.36 24.69 36.39
C TYR C 273 1.71 25.35 37.71
N GLY C 274 1.25 24.76 38.81
CA GLY C 274 1.65 25.21 40.12
C GLY C 274 1.01 26.53 40.54
N HIS C 275 1.46 27.00 41.70
CA HIS C 275 0.98 28.23 42.30
C HIS C 275 2.15 29.11 42.71
N ILE C 276 1.98 30.41 42.58
CA ILE C 276 3.01 31.40 42.88
C ILE C 276 2.65 32.06 44.21
N PRO C 277 3.45 31.90 45.26
CA PRO C 277 3.19 32.58 46.56
C PRO C 277 3.54 34.07 46.52
N ILE C 278 2.60 34.86 46.02
CA ILE C 278 2.83 36.29 45.83
C ILE C 278 2.74 37.00 47.18
N SER C 279 3.61 38.00 47.37
CA SER C 279 3.55 38.88 48.54
C SER C 279 3.53 40.32 48.08
N ILE C 280 2.46 41.03 48.40
CA ILE C 280 2.29 42.42 47.99
C ILE C 280 2.54 43.32 49.18
N ASP C 281 3.05 44.52 48.91
CA ASP C 281 3.19 45.57 49.92
C ASP C 281 2.37 46.74 49.41
N ILE C 282 1.10 46.77 49.79
CA ILE C 282 0.17 47.80 49.33
C ILE C 282 0.60 49.15 49.89
N PRO C 283 0.59 50.22 49.10
CA PRO C 283 0.91 51.54 49.65
C PRO C 283 -0.06 51.93 50.75
N ASP C 284 0.47 52.61 51.77
CA ASP C 284 -0.35 53.03 52.89
C ASP C 284 -1.43 54.01 52.45
N ALA C 285 -1.17 54.77 51.39
CA ALA C 285 -2.15 55.76 50.93
C ALA C 285 -3.35 55.10 50.25
N ALA C 286 -3.19 53.88 49.76
CA ALA C 286 -4.31 53.18 49.13
C ALA C 286 -5.40 52.87 50.15
N PHE C 287 -5.01 52.47 51.36
CA PHE C 287 -5.97 52.17 52.41
C PHE C 287 -6.66 53.45 52.88
N VAL C 288 -7.90 53.29 53.35
CA VAL C 288 -8.68 54.39 53.92
C VAL C 288 -9.14 53.96 55.30
N ARG C 289 -9.42 54.94 56.16
CA ARG C 289 -9.83 54.63 57.52
C ARG C 289 -11.24 54.06 57.58
N SER C 290 -11.49 53.24 58.59
CA SER C 290 -12.76 52.53 58.71
C SER C 290 -13.91 53.50 58.91
N SER C 291 -13.71 54.53 59.73
CA SER C 291 -14.77 55.52 59.94
C SER C 291 -15.09 56.27 58.66
N GLU C 292 -14.11 56.40 57.77
CA GLU C 292 -14.37 56.98 56.45
C GLU C 292 -15.10 56.00 55.55
N SER C 293 -14.92 54.70 55.80
CA SER C 293 -15.56 53.69 54.97
C SER C 293 -17.04 53.57 55.31
N PRO C 294 -17.86 53.18 54.34
CA PRO C 294 -19.28 52.90 54.64
C PRO C 294 -19.41 51.76 55.64
N THR C 295 -20.38 51.90 56.54
CA THR C 295 -20.69 50.88 57.53
C THR C 295 -22.02 50.24 57.19
N ILE C 296 -22.06 48.91 57.18
CA ILE C 296 -23.21 48.16 56.74
C ILE C 296 -23.88 47.54 57.97
N LEU C 297 -25.16 47.85 58.17
CA LEU C 297 -25.88 47.36 59.34
C LEU C 297 -26.09 45.86 59.28
N GLU C 298 -26.60 45.34 58.16
CA GLU C 298 -26.70 43.91 57.98
C GLU C 298 -26.76 43.61 56.49
N VAL C 299 -26.56 42.34 56.16
CA VAL C 299 -26.75 41.84 54.79
C VAL C 299 -27.49 40.51 54.89
N SER C 300 -28.44 40.30 53.98
CA SER C 300 -29.18 39.05 53.88
C SER C 300 -29.14 38.59 52.44
N CYS C 301 -28.50 37.45 52.20
CA CYS C 301 -28.22 36.96 50.86
C CYS C 301 -29.23 35.88 50.48
N THR C 302 -29.90 36.06 49.35
CA THR C 302 -30.71 35.02 48.74
C THR C 302 -30.22 34.83 47.31
N VAL C 303 -30.14 33.59 46.88
CA VAL C 303 -29.48 33.22 45.62
C VAL C 303 -30.48 32.49 44.75
N ALA C 304 -30.62 32.97 43.50
CA ALA C 304 -31.74 32.56 42.66
C ALA C 304 -31.48 31.21 41.99
N ASP C 305 -30.45 31.12 41.17
CA ASP C 305 -30.23 29.92 40.37
C ASP C 305 -28.73 29.78 40.13
N CYS C 306 -28.22 28.58 40.35
CA CYS C 306 -26.81 28.32 40.17
C CYS C 306 -26.61 26.98 39.46
N ILE C 307 -25.73 26.98 38.48
CA ILE C 307 -25.19 25.76 37.89
C ILE C 307 -23.68 25.85 37.99
N TYR C 308 -23.04 24.79 38.49
CA TYR C 308 -21.60 24.84 38.69
C TYR C 308 -20.92 24.60 37.35
N SER C 309 -20.51 25.68 36.70
CA SER C 309 -19.93 25.63 35.38
C SER C 309 -18.64 26.43 35.36
N ALA C 310 -17.87 26.26 34.29
CA ALA C 310 -16.64 27.02 34.14
C ALA C 310 -16.91 28.52 34.02
N ASP C 311 -18.06 28.89 33.49
CA ASP C 311 -18.42 30.28 33.34
C ASP C 311 -19.15 30.76 34.59
N PHE C 312 -19.76 31.93 34.51
CA PHE C 312 -20.34 32.59 35.68
C PHE C 312 -21.83 32.29 35.77
N GLY C 313 -22.13 31.00 35.86
CA GLY C 313 -23.51 30.54 35.89
C GLY C 313 -24.14 30.58 37.25
N GLY C 314 -24.31 31.78 37.79
CA GLY C 314 -24.95 31.95 39.08
C GLY C 314 -25.45 33.37 39.25
N SER C 315 -26.51 33.51 40.02
CA SER C 315 -27.10 34.81 40.31
C SER C 315 -27.34 34.93 41.81
N LEU C 316 -27.00 36.08 42.38
CA LEU C 316 -27.05 36.25 43.81
C LEU C 316 -27.41 37.70 44.13
N THR C 317 -28.42 37.90 44.97
CA THR C 317 -28.80 39.22 45.43
C THR C 317 -28.77 39.25 46.95
N LEU C 318 -28.52 40.44 47.49
CA LEU C 318 -28.41 40.61 48.93
C LEU C 318 -29.02 41.93 49.35
N GLN C 319 -29.74 41.91 50.47
CA GLN C 319 -30.42 43.08 51.00
C GLN C 319 -29.59 43.69 52.12
N TYR C 320 -29.48 45.01 52.12
CA TYR C 320 -28.70 45.72 53.11
C TYR C 320 -29.35 47.07 53.43
N LYS C 321 -29.09 47.57 54.63
CA LYS C 321 -29.27 48.99 54.92
C LYS C 321 -27.90 49.52 55.35
N ALA C 322 -27.45 50.57 54.70
CA ALA C 322 -26.21 51.24 55.03
C ALA C 322 -26.53 52.64 55.55
N ASP C 323 -25.64 53.20 56.35
CA ASP C 323 -25.87 54.50 56.95
C ASP C 323 -25.40 55.66 56.09
N ARG C 324 -24.74 55.38 54.96
CA ARG C 324 -24.17 56.44 54.14
C ARG C 324 -23.90 55.89 52.74
N GLU C 325 -23.18 56.66 51.95
CA GLU C 325 -22.81 56.35 50.57
C GLU C 325 -21.33 55.96 50.53
N GLY C 326 -20.95 55.27 49.46
CA GLY C 326 -19.57 54.91 49.23
C GLY C 326 -19.47 53.66 48.39
N HIS C 327 -18.23 53.16 48.25
CA HIS C 327 -17.94 51.97 47.49
C HIS C 327 -17.47 50.87 48.43
N CYS C 328 -18.15 49.73 48.38
CA CYS C 328 -17.88 48.62 49.28
C CYS C 328 -17.44 47.40 48.49
N PRO C 329 -16.22 46.90 48.69
CA PRO C 329 -15.80 45.69 47.99
C PRO C 329 -16.67 44.50 48.36
N VAL C 330 -16.95 43.66 47.37
CA VAL C 330 -17.75 42.46 47.56
C VAL C 330 -16.90 41.25 47.18
N HIS C 331 -16.76 40.32 48.12
CA HIS C 331 -15.85 39.19 47.95
C HIS C 331 -16.47 37.96 48.60
N SER C 332 -16.16 36.79 48.04
CA SER C 332 -16.67 35.52 48.54
C SER C 332 -15.55 34.80 49.27
N HIS C 333 -15.75 34.56 50.56
CA HIS C 333 -14.77 33.86 51.38
C HIS C 333 -14.98 32.35 51.31
N SER C 334 -14.80 31.82 50.10
CA SER C 334 -14.82 30.38 49.88
C SER C 334 -13.95 30.07 48.68
N THR C 335 -13.12 29.03 48.81
CA THR C 335 -12.20 28.67 47.75
C THR C 335 -12.93 28.11 46.52
N THR C 336 -14.21 27.77 46.65
CA THR C 336 -14.98 27.19 45.57
C THR C 336 -15.80 28.21 44.79
N ALA C 337 -16.14 29.34 45.40
CA ALA C 337 -16.97 30.35 44.74
C ALA C 337 -16.14 31.61 44.49
N VAL C 338 -16.23 32.14 43.28
CA VAL C 338 -15.58 33.39 42.91
C VAL C 338 -16.65 34.32 42.33
N LEU C 339 -16.57 35.60 42.69
CA LEU C 339 -17.57 36.58 42.29
C LEU C 339 -17.05 37.43 41.14
N LYS C 340 -17.95 37.82 40.24
CA LYS C 340 -17.56 38.65 39.11
C LYS C 340 -17.12 40.03 39.56
N GLU C 341 -17.91 40.68 40.41
CA GLU C 341 -17.60 42.03 40.84
C GLU C 341 -16.76 42.01 42.12
N ALA C 342 -15.70 42.82 42.11
CA ALA C 342 -14.89 43.06 43.28
C ALA C 342 -15.30 44.31 44.05
N THR C 343 -16.01 45.22 43.40
CA THR C 343 -16.45 46.46 44.02
C THR C 343 -17.87 46.78 43.58
N THR C 344 -18.54 47.62 44.38
CA THR C 344 -19.88 48.05 44.07
C THR C 344 -20.17 49.33 44.84
N HIS C 345 -21.23 50.03 44.45
CA HIS C 345 -21.66 51.24 45.13
C HIS C 345 -22.89 50.93 45.98
N VAL C 346 -22.90 51.41 47.21
CA VAL C 346 -23.99 51.17 48.15
C VAL C 346 -24.71 52.49 48.40
N THR C 347 -26.04 52.43 48.47
CA THR C 347 -26.87 53.62 48.64
C THR C 347 -28.07 53.30 49.54
N ALA C 348 -27.95 53.68 50.81
CA ALA C 348 -29.02 53.53 51.80
C ALA C 348 -29.59 52.11 51.81
N THR C 349 -30.80 51.94 51.30
CA THR C 349 -31.42 50.63 51.19
C THR C 349 -31.48 50.20 49.74
N GLY C 350 -31.37 48.90 49.51
CA GLY C 350 -31.42 48.37 48.16
C GLY C 350 -30.90 46.96 48.11
N SER C 351 -30.73 46.47 46.89
CA SER C 351 -30.22 45.13 46.64
C SER C 351 -29.36 45.16 45.39
N ILE C 352 -28.42 44.22 45.30
CA ILE C 352 -27.42 44.20 44.25
C ILE C 352 -27.36 42.80 43.67
N THR C 353 -27.16 42.71 42.35
CA THR C 353 -27.08 41.43 41.65
C THR C 353 -25.62 41.13 41.32
N LEU C 354 -25.07 40.11 41.96
CA LEU C 354 -23.70 39.64 41.71
C LEU C 354 -23.77 38.26 41.05
N HIS C 355 -23.01 38.09 39.97
CA HIS C 355 -22.90 36.80 39.31
C HIS C 355 -21.64 36.10 39.77
N PHE C 356 -21.73 34.80 40.02
CA PHE C 356 -20.61 34.05 40.58
C PHE C 356 -20.46 32.73 39.85
N SER C 357 -19.31 32.09 40.09
CA SER C 357 -19.01 30.76 39.59
C SER C 357 -18.71 29.84 40.76
N THR C 358 -18.98 28.56 40.57
CA THR C 358 -18.69 27.57 41.59
C THR C 358 -18.46 26.23 40.92
N SER C 359 -17.76 25.35 41.62
CA SER C 359 -17.62 23.97 41.20
C SER C 359 -18.41 22.99 42.04
N SER C 360 -18.72 23.36 43.28
CA SER C 360 -19.52 22.56 44.17
C SER C 360 -20.98 22.57 43.74
N PRO C 361 -21.72 21.50 44.00
CA PRO C 361 -23.17 21.58 43.85
C PRO C 361 -23.82 22.20 45.08
N GLN C 362 -23.21 23.25 45.60
CA GLN C 362 -23.69 23.97 46.77
C GLN C 362 -23.21 25.40 46.74
N ALA C 363 -24.14 26.34 46.72
CA ALA C 363 -23.81 27.75 46.95
C ALA C 363 -23.86 28.03 48.45
N ASN C 364 -22.87 27.48 49.15
CA ASN C 364 -22.82 27.58 50.61
C ASN C 364 -21.62 28.41 51.03
N PHE C 365 -21.40 29.52 50.34
CA PHE C 365 -20.25 30.38 50.56
C PHE C 365 -20.66 31.64 51.32
N ILE C 366 -19.67 32.26 51.96
CA ILE C 366 -19.87 33.48 52.73
C ILE C 366 -19.51 34.66 51.84
N VAL C 367 -20.43 35.62 51.72
CA VAL C 367 -20.20 36.83 50.95
C VAL C 367 -20.02 37.97 51.93
N SER C 368 -18.97 38.77 51.72
CA SER C 368 -18.69 39.93 52.55
C SER C 368 -18.83 41.18 51.69
N LEU C 369 -19.58 42.15 52.20
CA LEU C 369 -19.80 43.42 51.52
C LEU C 369 -19.17 44.50 52.39
N CYS C 370 -17.92 44.83 52.10
CA CYS C 370 -17.07 45.68 52.94
C CYS C 370 -17.28 45.37 54.42
N GLY C 371 -17.08 44.10 54.76
CA GLY C 371 -17.37 43.61 56.09
C GLY C 371 -18.73 42.94 56.14
N LYS C 372 -19.10 42.54 57.36
CA LYS C 372 -20.37 41.87 57.64
C LYS C 372 -20.50 40.58 56.82
N LYS C 373 -19.65 39.62 57.18
CA LYS C 373 -19.76 38.26 56.67
C LYS C 373 -21.20 37.77 56.74
N THR C 374 -21.73 37.29 55.61
CA THR C 374 -23.09 36.81 55.56
C THR C 374 -23.17 35.51 54.78
N THR C 375 -24.18 34.71 55.10
CA THR C 375 -24.32 33.35 54.60
C THR C 375 -25.13 33.32 53.31
N CYS C 376 -24.86 32.30 52.49
CA CYS C 376 -25.67 32.00 51.31
C CYS C 376 -25.85 30.50 51.23
N ASN C 377 -27.05 30.07 50.82
CA ASN C 377 -27.38 28.65 50.76
C ASN C 377 -28.24 28.38 49.53
N ALA C 378 -27.93 27.31 48.80
CA ALA C 378 -28.65 27.01 47.57
C ALA C 378 -28.35 25.58 47.14
N GLU C 379 -28.86 25.24 45.95
CA GLU C 379 -28.68 23.93 45.33
C GLU C 379 -28.21 24.17 43.90
N CYS C 380 -27.01 23.70 43.59
CA CYS C 380 -26.40 23.93 42.27
C CYS C 380 -26.60 22.70 41.41
N LYS C 381 -27.41 22.83 40.37
CA LYS C 381 -27.66 21.77 39.41
C LYS C 381 -26.51 21.68 38.41
N PRO C 382 -26.26 20.49 37.85
CA PRO C 382 -25.16 20.36 36.90
C PRO C 382 -25.44 21.17 35.65
N PRO C 383 -24.39 21.68 35.00
CA PRO C 383 -24.60 22.46 33.78
C PRO C 383 -25.10 21.60 32.64
N ALA C 384 -25.87 22.23 31.74
CA ALA C 384 -26.33 21.53 30.56
C ALA C 384 -25.22 21.35 29.53
N ASP C 385 -24.38 22.37 29.37
CA ASP C 385 -23.31 22.32 28.39
C ASP C 385 -22.29 21.26 28.77
N HIS C 386 -21.82 20.51 27.78
CA HIS C 386 -20.79 19.50 28.04
C HIS C 386 -19.40 20.08 27.86
N ILE C 387 -19.19 20.87 26.82
CA ILE C 387 -17.90 21.42 26.47
C ILE C 387 -18.03 22.94 26.33
N ILE C 388 -17.10 23.67 26.95
CA ILE C 388 -17.06 25.12 26.88
C ILE C 388 -15.66 25.54 26.52
N GLY C 389 -15.53 26.78 26.05
CA GLY C 389 -14.25 27.29 25.59
C GLY C 389 -13.59 28.24 26.56
N GLU C 390 -13.63 27.93 27.85
CA GLU C 390 -13.16 28.84 28.85
C GLU C 390 -12.75 28.06 30.10
N PRO C 391 -11.64 28.43 30.75
CA PRO C 391 -11.14 27.63 31.86
C PRO C 391 -12.00 27.75 33.11
N HIS C 392 -11.87 26.77 33.99
CA HIS C 392 -12.61 26.75 35.24
C HIS C 392 -11.94 27.67 36.26
N LYS C 393 -12.71 28.65 36.76
CA LYS C 393 -12.14 29.69 37.61
C LYS C 393 -11.83 29.22 39.03
N VAL C 394 -12.34 28.06 39.43
CA VAL C 394 -12.04 27.50 40.74
C VAL C 394 -11.67 26.04 40.57
N ASP C 395 -10.94 25.52 41.55
CA ASP C 395 -10.58 24.11 41.55
C ASP C 395 -11.69 23.29 42.18
N GLN C 396 -11.53 21.97 42.14
CA GLN C 396 -12.52 21.04 42.67
C GLN C 396 -12.01 20.50 44.01
N GLU C 397 -12.65 20.91 45.09
CA GLU C 397 -12.33 20.45 46.43
C GLU C 397 -13.24 19.30 46.81
N PHE C 398 -12.67 18.29 47.47
CA PHE C 398 -13.45 17.11 47.83
C PHE C 398 -14.57 17.45 48.80
N GLN C 399 -14.30 18.34 49.76
CA GLN C 399 -15.29 18.66 50.78
C GLN C 399 -16.56 19.19 50.16
N ALA C 400 -16.45 20.04 49.16
CA ALA C 400 -17.61 20.65 48.52
C ALA C 400 -18.07 19.90 47.29
N ALA C 401 -17.29 18.94 46.79
CA ALA C 401 -17.68 18.20 45.59
C ALA C 401 -18.86 17.28 45.86
N VAL C 402 -19.23 17.08 47.11
CA VAL C 402 -20.42 16.32 47.48
C VAL C 402 -21.50 17.29 47.95
N SER C 403 -22.75 16.91 47.74
CA SER C 403 -23.87 17.74 48.15
C SER C 403 -24.32 17.38 49.57
N LYS C 404 -25.19 18.21 50.14
CA LYS C 404 -25.74 17.85 51.45
C LYS C 404 -26.65 16.64 51.37
N THR C 405 -27.27 16.39 50.22
CA THR C 405 -28.06 15.17 50.07
C THR C 405 -27.17 13.94 50.15
N SER C 406 -26.07 13.94 49.40
CA SER C 406 -25.12 12.83 49.46
C SER C 406 -24.53 12.70 50.86
N TRP C 407 -24.18 13.82 51.49
CA TRP C 407 -23.61 13.77 52.83
C TRP C 407 -24.64 13.24 53.83
N ASN C 408 -25.91 13.64 53.70
CA ASN C 408 -26.94 13.13 54.58
C ASN C 408 -27.11 11.63 54.42
N TRP C 409 -27.11 11.15 53.18
CA TRP C 409 -27.28 9.71 52.95
C TRP C 409 -26.11 8.92 53.51
N LEU C 410 -24.88 9.34 53.18
CA LEU C 410 -23.69 8.64 53.65
C LEU C 410 -23.58 8.71 55.16
N LEU C 411 -23.84 9.87 55.75
CA LEU C 411 -23.80 10.02 57.19
C LEU C 411 -24.88 9.18 57.86
N ALA C 412 -26.06 9.09 57.27
CA ALA C 412 -27.09 8.22 57.83
C ALA C 412 -26.62 6.78 57.86
N LEU C 413 -26.04 6.29 56.76
CA LEU C 413 -25.58 4.91 56.72
C LEU C 413 -24.48 4.66 57.74
N PHE C 414 -23.42 5.48 57.71
CA PHE C 414 -22.29 5.26 58.62
C PHE C 414 -22.69 5.47 60.07
N GLY C 415 -23.48 6.50 60.37
CA GLY C 415 -23.92 6.74 61.72
C GLY C 415 -24.86 5.67 62.23
N GLY C 416 -25.69 5.10 61.34
CA GLY C 416 -26.47 3.95 61.74
C GLY C 416 -25.60 2.78 62.15
N ALA C 417 -24.58 2.48 61.34
CA ALA C 417 -23.67 1.40 61.71
C ALA C 417 -22.97 1.70 63.04
N SER C 418 -22.53 2.95 63.23
CA SER C 418 -21.79 3.31 64.44
C SER C 418 -22.68 3.29 65.68
N SER C 419 -23.87 3.88 65.59
CA SER C 419 -24.79 3.84 66.73
C SER C 419 -25.25 2.42 67.02
N LEU C 420 -25.30 1.56 66.00
CA LEU C 420 -25.72 0.18 66.21
C LEU C 420 -24.63 -0.64 66.91
N ILE C 421 -23.37 -0.45 66.50
CA ILE C 421 -22.30 -1.10 67.26
C ILE C 421 -22.21 -0.51 68.66
N VAL C 422 -22.54 0.77 68.82
CA VAL C 422 -22.56 1.38 70.15
C VAL C 422 -23.62 0.71 71.02
N VAL C 423 -24.81 0.49 70.45
CA VAL C 423 -25.87 -0.16 71.22
C VAL C 423 -25.49 -1.60 71.53
N GLY C 424 -24.79 -2.27 70.61
CA GLY C 424 -24.29 -3.60 70.91
C GLY C 424 -23.33 -3.60 72.08
N LEU C 425 -22.40 -2.64 72.10
CA LEU C 425 -21.46 -2.54 73.21
C LEU C 425 -22.16 -2.23 74.52
N ILE C 426 -23.17 -1.36 74.51
CA ILE C 426 -23.83 -0.98 75.75
C ILE C 426 -24.64 -2.16 76.29
N VAL C 427 -25.30 -2.93 75.42
CA VAL C 427 -25.98 -4.10 75.95
C VAL C 427 -24.97 -5.15 76.39
N LEU C 428 -23.79 -5.18 75.78
CA LEU C 428 -22.74 -6.07 76.26
C LEU C 428 -22.34 -5.74 77.70
N VAL C 429 -22.10 -4.46 77.98
CA VAL C 429 -21.70 -4.09 79.34
C VAL C 429 -22.87 -4.28 80.31
N CYS C 430 -24.10 -4.01 79.87
CA CYS C 430 -25.25 -4.25 80.73
C CYS C 430 -25.38 -5.72 81.07
N SER C 431 -25.24 -6.61 80.08
CA SER C 431 -25.35 -8.03 80.34
C SER C 431 -24.21 -8.52 81.21
N SER C 432 -23.00 -7.97 81.05
CA SER C 432 -21.89 -8.38 81.91
C SER C 432 -22.14 -7.96 83.35
N MET C 433 -22.66 -6.74 83.57
CA MET C 433 -22.97 -6.34 84.94
C MET C 433 -24.09 -7.20 85.52
N LEU C 434 -25.10 -7.54 84.72
CA LEU C 434 -26.16 -8.42 85.20
C LEU C 434 -25.63 -9.80 85.55
N ILE C 435 -24.71 -10.32 84.74
CA ILE C 435 -24.09 -11.61 85.04
C ILE C 435 -23.29 -11.53 86.34
N ASN C 436 -22.52 -10.45 86.52
CA ASN C 436 -21.74 -10.30 87.74
C ASN C 436 -22.65 -10.22 88.96
N THR C 437 -23.77 -9.49 88.85
CA THR C 437 -24.70 -9.40 89.96
C THR C 437 -25.45 -10.72 90.19
N ARG C 438 -25.59 -11.55 89.16
CA ARG C 438 -26.29 -12.83 89.32
C ARG C 438 -25.51 -13.76 90.24
N ARG C 439 -24.20 -13.86 90.06
CA ARG C 439 -23.37 -14.68 90.93
C ARG C 439 -22.75 -13.85 92.05
N SER D 1 39.03 37.75 -1.58
CA SER D 1 37.98 38.54 -2.22
C SER D 1 37.36 37.77 -3.38
N ILE D 2 36.03 37.77 -3.43
CA ILE D 2 35.28 37.03 -4.45
C ILE D 2 35.18 37.90 -5.69
N THR D 3 35.55 37.34 -6.84
CA THR D 3 35.60 38.08 -8.09
C THR D 3 34.41 37.72 -8.98
N ASP D 4 33.92 38.72 -9.70
CA ASP D 4 32.92 38.52 -10.73
C ASP D 4 33.51 38.70 -12.12
N ASP D 5 34.83 38.78 -12.24
CA ASP D 5 35.49 38.93 -13.54
C ASP D 5 35.61 37.55 -14.16
N PHE D 6 34.74 37.27 -15.12
CA PHE D 6 34.76 35.96 -15.77
C PHE D 6 35.73 35.91 -16.94
N THR D 7 36.43 37.00 -17.25
CA THR D 7 37.52 36.93 -18.21
C THR D 7 38.68 36.10 -17.70
N LEU D 8 38.82 35.97 -16.38
CA LEU D 8 39.82 35.10 -15.78
C LEU D 8 39.36 33.65 -15.69
N THR D 9 38.12 33.37 -16.07
CA THR D 9 37.49 32.08 -15.89
C THR D 9 37.22 31.44 -17.24
N SER D 10 37.28 30.11 -17.26
CA SER D 10 37.08 29.34 -18.49
C SER D 10 36.17 28.15 -18.20
N PRO D 11 35.24 27.85 -19.11
CA PRO D 11 34.47 26.62 -18.99
C PRO D 11 35.32 25.40 -19.35
N TYR D 12 34.82 24.23 -18.98
CA TYR D 12 35.58 23.01 -19.12
C TYR D 12 34.67 21.90 -19.65
N LEU D 13 35.24 20.71 -19.79
CA LEU D 13 34.54 19.53 -20.26
C LEU D 13 34.44 18.54 -19.11
N GLY D 14 33.22 18.07 -18.82
CA GLY D 14 32.99 17.10 -17.78
C GLY D 14 32.69 15.72 -18.35
N PHE D 15 32.49 14.78 -17.45
CA PHE D 15 32.13 13.40 -17.80
C PHE D 15 30.70 13.17 -17.31
N CYS D 16 29.76 13.16 -18.24
CA CYS D 16 28.36 12.99 -17.87
C CYS D 16 28.00 11.51 -17.85
N PRO D 17 27.27 11.04 -16.84
CA PRO D 17 26.84 9.64 -16.83
C PRO D 17 25.77 9.30 -17.86
N TYR D 18 25.15 10.31 -18.48
CA TYR D 18 24.06 10.06 -19.43
C TYR D 18 24.04 11.21 -20.43
N CYS D 19 24.55 10.95 -21.62
CA CYS D 19 24.53 11.91 -22.72
C CYS D 19 23.27 11.66 -23.57
N ARG D 20 23.21 12.28 -24.74
CA ARG D 20 22.00 12.18 -25.56
C ARG D 20 21.80 10.77 -26.11
N HIS D 21 22.88 9.99 -26.21
CA HIS D 21 22.79 8.63 -26.72
C HIS D 21 22.75 7.59 -25.61
N SER D 22 22.31 7.97 -24.42
CA SER D 22 22.18 7.08 -23.27
C SER D 22 23.50 6.43 -22.88
N ALA D 23 24.61 7.08 -23.19
CA ALA D 23 25.94 6.55 -22.86
C ALA D 23 26.75 7.62 -22.16
N PRO D 24 27.69 7.21 -21.30
CA PRO D 24 28.61 8.19 -20.72
C PRO D 24 29.50 8.80 -21.79
N CYS D 25 29.68 10.11 -21.71
CA CYS D 25 30.47 10.83 -22.70
C CYS D 25 30.95 12.14 -22.12
N PHE D 26 31.99 12.69 -22.72
CA PHE D 26 32.48 14.01 -22.32
C PHE D 26 31.55 15.08 -22.87
N SER D 27 31.05 15.93 -21.98
CA SER D 27 30.02 16.90 -22.33
C SER D 27 30.47 18.30 -21.95
N PRO D 28 30.04 19.30 -22.70
CA PRO D 28 30.32 20.70 -22.32
C PRO D 28 29.29 21.30 -21.35
N ILE D 29 28.26 20.54 -20.97
CA ILE D 29 27.21 21.03 -20.10
C ILE D 29 27.03 20.09 -18.92
N LYS D 30 28.10 19.42 -18.50
CA LYS D 30 28.00 18.44 -17.42
C LYS D 30 27.40 19.07 -16.15
N ILE D 31 26.49 18.35 -15.53
CA ILE D 31 25.86 18.81 -14.29
C ILE D 31 26.70 18.36 -13.11
N GLU D 32 27.18 19.32 -12.33
CA GLU D 32 28.03 19.05 -11.18
C GLU D 32 27.23 18.95 -9.89
N ASN D 33 26.30 19.88 -9.66
CA ASN D 33 25.50 19.89 -8.45
C ASN D 33 24.07 20.25 -8.78
N VAL D 34 23.15 19.78 -7.95
CA VAL D 34 21.75 20.19 -7.99
C VAL D 34 21.30 20.44 -6.57
N TRP D 35 20.71 21.61 -6.32
CA TRP D 35 20.26 22.02 -5.00
C TRP D 35 18.76 22.26 -5.03
N ASP D 36 18.02 21.57 -4.16
CA ASP D 36 16.58 21.80 -4.01
C ASP D 36 16.28 21.99 -2.52
N GLU D 37 16.42 23.22 -2.06
CA GLU D 37 16.06 23.59 -0.69
C GLU D 37 15.01 24.69 -0.65
N SER D 38 14.43 25.04 -1.79
CA SER D 38 13.48 26.13 -1.88
C SER D 38 12.06 25.61 -1.68
N ASP D 39 11.24 26.38 -0.97
CA ASP D 39 9.90 25.96 -0.63
C ASP D 39 8.89 26.20 -1.74
N ASP D 40 9.29 26.78 -2.87
CA ASP D 40 8.37 27.06 -3.97
C ASP D 40 8.67 26.24 -5.21
N GLY D 41 9.67 25.37 -5.17
CA GLY D 41 9.91 24.43 -6.24
C GLY D 41 10.98 24.81 -7.24
N SER D 42 11.96 25.60 -6.86
CA SER D 42 13.05 25.93 -7.76
C SER D 42 14.33 25.20 -7.36
N ILE D 43 15.14 24.90 -8.37
CA ILE D 43 16.38 24.14 -8.18
C ILE D 43 17.55 24.93 -8.76
N ARG D 44 18.72 24.76 -8.16
CA ARG D 44 19.95 25.39 -8.59
C ARG D 44 20.86 24.32 -9.19
N ILE D 45 21.26 24.53 -10.45
CA ILE D 45 22.00 23.54 -11.20
C ILE D 45 23.34 24.13 -11.60
N GLN D 46 24.42 23.39 -11.31
CA GLN D 46 25.75 23.80 -11.72
C GLN D 46 26.16 23.01 -12.96
N VAL D 47 26.81 23.69 -13.89
CA VAL D 47 27.08 23.17 -15.23
C VAL D 47 28.49 23.60 -15.62
N SER D 48 29.17 22.76 -16.41
CA SER D 48 30.53 23.07 -16.82
C SER D 48 30.59 24.26 -17.77
N ALA D 49 29.45 24.70 -18.30
CA ALA D 49 29.39 25.87 -19.15
C ALA D 49 29.11 27.12 -18.32
N GLN D 50 29.25 28.27 -18.95
CA GLN D 50 29.08 29.56 -18.28
C GLN D 50 28.03 30.37 -19.01
N PHE D 51 26.93 30.68 -18.32
CA PHE D 51 25.77 31.32 -18.89
C PHE D 51 25.77 32.82 -18.59
N GLY D 52 25.35 33.60 -19.57
CA GLY D 52 25.34 35.04 -19.41
C GLY D 52 26.62 35.74 -19.77
N TYR D 53 27.57 35.05 -20.41
CA TYR D 53 28.84 35.65 -20.79
C TYR D 53 29.21 35.23 -22.22
N ASN D 54 29.94 36.10 -22.90
CA ASN D 54 30.33 35.87 -24.29
C ASN D 54 31.68 35.17 -24.33
N GLN D 55 32.30 35.15 -25.51
CA GLN D 55 33.55 34.42 -25.69
C GLN D 55 34.67 34.99 -24.82
N ALA D 56 34.74 36.31 -24.70
CA ALA D 56 35.83 36.93 -23.95
C ALA D 56 35.55 37.04 -22.47
N GLY D 57 34.32 36.74 -22.02
CA GLY D 57 33.98 36.80 -20.62
C GLY D 57 33.24 38.05 -20.19
N THR D 58 33.00 38.98 -21.11
CA THR D 58 32.22 40.17 -20.80
C THR D 58 30.73 39.81 -20.73
N ALA D 59 30.00 40.52 -19.88
CA ALA D 59 28.60 40.21 -19.64
C ALA D 59 27.78 40.28 -20.92
N ASP D 60 26.97 39.24 -21.15
CA ASP D 60 26.06 39.19 -22.28
C ASP D 60 24.93 38.26 -21.90
N VAL D 61 23.78 38.81 -21.52
CA VAL D 61 22.73 38.02 -20.90
C VAL D 61 22.07 37.07 -21.89
N THR D 62 22.34 37.25 -23.19
CA THR D 62 21.72 36.43 -24.22
C THR D 62 22.64 35.34 -24.75
N LYS D 63 23.83 35.17 -24.19
CA LYS D 63 24.80 34.19 -24.70
C LYS D 63 25.25 33.26 -23.58
N PHE D 64 26.05 32.28 -23.96
CA PHE D 64 26.76 31.43 -23.01
C PHE D 64 27.97 30.83 -23.70
N ARG D 65 28.99 30.48 -22.91
CA ARG D 65 30.25 29.98 -23.43
C ARG D 65 30.50 28.55 -22.96
N TYR D 66 31.20 27.78 -23.79
CA TYR D 66 31.47 26.39 -23.49
C TYR D 66 32.79 25.98 -24.13
N MET D 67 33.20 24.74 -23.86
CA MET D 67 34.44 24.21 -24.40
C MET D 67 34.17 23.41 -25.69
N SER D 68 34.86 23.77 -26.75
CA SER D 68 34.70 23.06 -28.01
C SER D 68 35.39 21.69 -27.96
N TYR D 69 34.90 20.79 -28.81
CA TYR D 69 35.49 19.47 -28.95
C TYR D 69 36.75 19.49 -29.80
N ASP D 70 37.06 20.63 -30.42
CA ASP D 70 38.18 20.73 -31.33
C ASP D 70 39.51 20.51 -30.60
N HIS D 71 40.57 20.33 -31.39
CA HIS D 71 41.92 20.21 -30.85
C HIS D 71 42.61 21.56 -30.72
N ASP D 72 41.84 22.65 -30.62
CA ASP D 72 42.39 23.99 -30.52
C ASP D 72 42.03 24.70 -29.22
N HIS D 73 41.32 24.02 -28.31
CA HIS D 73 40.94 24.59 -27.01
C HIS D 73 40.20 25.92 -27.16
N ASP D 74 39.29 26.01 -28.12
CA ASP D 74 38.49 27.22 -28.27
C ASP D 74 37.37 27.25 -27.24
N ILE D 75 36.98 28.45 -26.85
CA ILE D 75 35.76 28.69 -26.09
C ILE D 75 34.74 29.22 -27.08
N LYS D 76 33.70 28.43 -27.36
CA LYS D 76 32.68 28.81 -28.31
C LYS D 76 31.49 29.41 -27.57
N GLU D 77 30.77 30.30 -28.26
CA GLU D 77 29.60 30.96 -27.68
C GLU D 77 28.37 30.66 -28.53
N ASP D 78 27.23 30.58 -27.86
CA ASP D 78 25.97 30.30 -28.50
C ASP D 78 24.85 31.05 -27.78
N SER D 79 23.73 31.21 -28.47
CA SER D 79 22.62 31.96 -27.90
C SER D 79 21.97 31.16 -26.76
N MET D 80 21.46 31.90 -25.77
CA MET D 80 20.91 31.27 -24.58
C MET D 80 19.55 30.62 -24.82
N GLU D 81 18.88 30.92 -25.92
CA GLU D 81 17.59 30.28 -26.18
C GLU D 81 17.74 28.81 -26.52
N LYS D 82 18.96 28.29 -26.59
CA LYS D 82 19.19 26.87 -26.84
C LYS D 82 19.38 26.07 -25.55
N ILE D 83 19.19 26.67 -24.39
CA ILE D 83 19.34 25.98 -23.12
C ILE D 83 17.95 25.55 -22.63
N ALA D 84 17.79 24.25 -22.40
CA ALA D 84 16.54 23.70 -21.89
C ALA D 84 16.83 22.82 -20.69
N ILE D 85 16.07 23.02 -19.62
CA ILE D 85 16.18 22.20 -18.42
C ILE D 85 14.88 21.41 -18.27
N SER D 86 15.01 20.15 -17.88
CA SER D 86 13.84 19.29 -17.70
C SER D 86 14.12 18.31 -16.58
N THR D 87 13.06 17.92 -15.86
CA THR D 87 13.15 16.89 -14.83
C THR D 87 12.35 15.66 -15.20
N SER D 88 11.07 15.82 -15.46
CA SER D 88 10.22 14.85 -16.14
C SER D 88 9.53 15.47 -17.34
N GLY D 89 9.20 16.76 -17.26
CA GLY D 89 8.80 17.55 -18.39
C GLY D 89 9.66 18.80 -18.45
N PRO D 90 9.37 19.70 -19.38
CA PRO D 90 10.17 20.91 -19.50
C PRO D 90 10.06 21.78 -18.25
N CYS D 91 11.15 22.45 -17.92
CA CYS D 91 11.24 23.34 -16.77
C CYS D 91 11.38 24.79 -17.24
N ARG D 92 10.99 25.70 -16.36
CA ARG D 92 11.00 27.13 -16.67
C ARG D 92 12.26 27.76 -16.09
N ARG D 93 13.07 28.36 -16.96
CA ARG D 93 14.30 28.98 -16.54
C ARG D 93 14.02 30.33 -15.89
N LEU D 94 14.47 30.50 -14.65
CA LEU D 94 14.23 31.71 -13.87
C LEU D 94 15.40 32.67 -13.89
N GLY D 95 16.62 32.17 -14.05
CA GLY D 95 17.79 33.03 -14.09
C GLY D 95 19.03 32.21 -14.40
N HIS D 96 20.12 32.92 -14.63
CA HIS D 96 21.38 32.27 -14.94
C HIS D 96 22.54 33.23 -14.69
N LYS D 97 23.65 32.68 -14.19
CA LYS D 97 24.89 33.42 -14.06
C LYS D 97 26.03 32.43 -13.88
N GLY D 98 27.05 32.54 -14.72
CA GLY D 98 28.21 31.69 -14.60
C GLY D 98 27.87 30.22 -14.80
N TYR D 99 28.36 29.39 -13.88
CA TYR D 99 28.11 27.96 -13.97
C TYR D 99 26.71 27.58 -13.54
N PHE D 100 25.90 28.52 -13.06
CA PHE D 100 24.71 28.20 -12.29
C PHE D 100 23.44 28.59 -13.03
N LEU D 101 22.43 27.73 -12.91
CA LEU D 101 21.11 27.96 -13.47
C LEU D 101 20.07 27.82 -12.38
N LEU D 102 18.98 28.56 -12.53
CA LEU D 102 17.82 28.46 -11.64
C LEU D 102 16.60 28.12 -12.48
N ALA D 103 15.91 27.02 -12.12
CA ALA D 103 14.77 26.56 -12.88
C ALA D 103 13.68 26.08 -11.94
N GLN D 104 12.43 26.16 -12.41
CA GLN D 104 11.28 25.65 -11.69
C GLN D 104 10.86 24.33 -12.32
N CYS D 105 11.03 23.23 -11.58
CA CYS D 105 10.92 21.92 -12.19
C CYS D 105 9.82 21.09 -11.55
N PRO D 106 9.04 20.37 -12.34
CA PRO D 106 8.09 19.41 -11.79
C PRO D 106 8.81 18.24 -11.14
N PRO D 107 8.16 17.51 -10.25
CA PRO D 107 8.82 16.39 -9.58
C PRO D 107 9.25 15.31 -10.57
N GLY D 108 10.32 14.61 -10.24
CA GLY D 108 10.83 13.57 -11.09
C GLY D 108 12.08 12.95 -10.51
N ASP D 109 12.69 12.06 -11.29
CA ASP D 109 13.83 11.30 -10.84
C ASP D 109 15.15 11.74 -11.48
N SER D 110 15.10 12.57 -12.52
CA SER D 110 16.31 12.94 -13.24
C SER D 110 16.31 14.45 -13.47
N VAL D 111 17.49 14.97 -13.81
CA VAL D 111 17.66 16.37 -14.19
C VAL D 111 18.45 16.41 -15.48
N THR D 112 17.93 17.14 -16.47
CA THR D 112 18.53 17.21 -17.79
C THR D 112 18.80 18.67 -18.15
N VAL D 113 20.00 18.94 -18.66
CA VAL D 113 20.33 20.23 -19.25
C VAL D 113 20.72 19.97 -20.69
N SER D 114 20.05 20.65 -21.62
CA SER D 114 20.14 20.34 -23.03
C SER D 114 20.50 21.58 -23.84
N ILE D 115 21.28 21.36 -24.89
CA ILE D 115 21.47 22.34 -25.96
C ILE D 115 20.62 21.85 -27.12
N THR D 116 19.46 22.49 -27.30
CA THR D 116 18.42 21.93 -28.16
C THR D 116 18.68 22.15 -29.65
N SER D 117 19.68 22.95 -30.01
CA SER D 117 19.96 23.19 -31.43
C SER D 117 21.45 23.51 -31.57
N GLY D 118 21.86 23.74 -32.80
CA GLY D 118 23.21 24.15 -33.09
C GLY D 118 24.15 22.99 -33.29
N ALA D 119 25.43 23.33 -33.47
CA ALA D 119 26.46 22.32 -33.67
C ALA D 119 26.65 21.47 -32.42
N SER D 120 26.68 22.10 -31.25
CA SER D 120 26.93 21.39 -29.99
C SER D 120 25.63 20.95 -29.31
N GLU D 121 24.79 20.23 -30.04
CA GLU D 121 23.55 19.72 -29.45
C GLU D 121 23.87 18.46 -28.65
N ASN D 122 23.56 18.48 -27.36
CA ASN D 122 23.83 17.35 -26.49
C ASN D 122 22.92 17.45 -25.27
N SER D 123 23.17 16.59 -24.29
CA SER D 123 22.39 16.56 -23.06
C SER D 123 23.26 16.04 -21.93
N CYS D 124 22.78 16.21 -20.71
CA CYS D 124 23.42 15.63 -19.53
C CYS D 124 22.34 15.32 -18.51
N THR D 125 22.21 14.05 -18.13
CA THR D 125 21.19 13.60 -17.21
C THR D 125 21.83 13.04 -15.96
N VAL D 126 21.30 13.43 -14.79
CA VAL D 126 21.79 12.96 -13.51
C VAL D 126 20.60 12.42 -12.71
N GLU D 127 20.91 11.60 -11.71
CA GLU D 127 19.90 11.02 -10.84
C GLU D 127 19.70 11.94 -9.64
N LYS D 128 18.59 12.66 -9.62
CA LYS D 128 18.27 13.54 -8.50
C LYS D 128 16.79 13.46 -8.21
N LYS D 129 16.44 13.26 -6.95
CA LYS D 129 15.05 13.14 -6.51
C LYS D 129 14.51 14.54 -6.27
N ILE D 130 13.63 15.01 -7.14
CA ILE D 130 12.90 16.25 -6.94
C ILE D 130 11.46 15.87 -6.56
N ARG D 131 11.01 16.36 -5.42
CA ARG D 131 9.68 16.06 -4.92
C ARG D 131 8.92 17.35 -4.67
N ARG D 132 7.59 17.23 -4.64
CA ARG D 132 6.75 18.39 -4.37
C ARG D 132 6.96 18.87 -2.93
N LYS D 133 7.06 20.18 -2.77
CA LYS D 133 7.29 20.80 -1.48
C LYS D 133 6.16 21.79 -1.18
N PHE D 134 5.73 21.82 0.07
CA PHE D 134 4.71 22.75 0.50
C PHE D 134 5.09 23.31 1.86
N VAL D 135 4.47 24.44 2.20
CA VAL D 135 4.71 25.14 3.45
C VAL D 135 3.49 24.96 4.35
N GLY D 136 3.74 24.61 5.61
CA GLY D 136 2.68 24.52 6.58
C GLY D 136 2.16 23.12 6.78
N ARG D 137 0.97 23.05 7.38
CA ARG D 137 0.34 21.79 7.75
C ARG D 137 -0.77 21.38 6.80
N GLU D 138 -0.76 21.91 5.57
CA GLU D 138 -1.78 21.59 4.59
C GLU D 138 -1.13 21.41 3.23
N GLU D 139 -1.54 20.37 2.51
CA GLU D 139 -0.99 20.09 1.19
C GLU D 139 -1.68 20.93 0.12
N TYR D 140 -0.88 21.44 -0.81
CA TYR D 140 -1.43 22.17 -1.95
C TYR D 140 -0.57 21.89 -3.18
N LEU D 141 -1.18 22.05 -4.35
CA LEU D 141 -0.48 21.91 -5.62
C LEU D 141 0.13 23.24 -6.05
N PHE D 142 -0.66 24.30 -6.03
CA PHE D 142 -0.17 25.66 -6.14
C PHE D 142 -0.84 26.53 -5.09
N PRO D 143 -0.19 27.59 -4.65
CA PRO D 143 -0.71 28.38 -3.52
C PRO D 143 -2.06 28.98 -3.84
N PRO D 144 -2.94 29.08 -2.85
CA PRO D 144 -4.26 29.68 -3.08
C PRO D 144 -4.23 31.20 -3.02
N VAL D 145 -5.31 31.80 -3.53
CA VAL D 145 -5.47 33.24 -3.42
C VAL D 145 -5.71 33.64 -1.98
N HIS D 146 -6.60 32.94 -1.30
CA HIS D 146 -6.94 33.23 0.09
C HIS D 146 -6.22 32.24 1.01
N GLY D 147 -5.50 32.79 1.98
CA GLY D 147 -4.78 31.95 2.93
C GLY D 147 -4.13 32.80 3.98
N LYS D 148 -3.22 32.18 4.72
CA LYS D 148 -2.46 32.87 5.75
C LYS D 148 -1.00 32.95 5.33
N LEU D 149 -0.38 34.08 5.63
CA LEU D 149 0.97 34.40 5.18
C LEU D 149 1.97 33.91 6.22
N LEU D 150 2.73 32.87 5.90
CA LEU D 150 3.76 32.35 6.79
C LEU D 150 5.15 32.71 6.28
N LYS D 151 6.15 32.15 6.93
CA LYS D 151 7.54 32.32 6.55
C LYS D 151 7.96 31.13 5.70
N CYS D 152 8.37 31.40 4.47
CA CYS D 152 8.93 30.39 3.58
C CYS D 152 10.21 30.93 2.97
N HIS D 153 11.12 30.04 2.64
CA HIS D 153 12.42 30.41 2.10
C HIS D 153 12.50 30.00 0.63
N ILE D 154 12.82 30.94 -0.24
CA ILE D 154 12.85 30.73 -1.68
C ILE D 154 14.17 31.23 -2.24
N TYR D 155 14.51 30.71 -3.43
CA TYR D 155 15.69 31.16 -4.15
C TYR D 155 15.39 32.50 -4.81
N ASP D 156 16.14 33.54 -4.45
CA ASP D 156 15.97 34.84 -5.07
C ASP D 156 16.27 34.74 -6.56
N HIS D 157 15.34 35.23 -7.38
CA HIS D 157 15.54 35.21 -8.83
C HIS D 157 16.68 36.11 -9.28
N LEU D 158 17.10 37.04 -8.44
CA LEU D 158 18.16 37.97 -8.80
C LEU D 158 19.51 37.27 -8.75
N LYS D 159 20.29 37.40 -9.82
CA LYS D 159 21.64 36.86 -9.86
C LYS D 159 22.62 37.66 -9.01
N GLU D 160 22.24 38.85 -8.54
CA GLU D 160 23.16 39.67 -7.76
C GLU D 160 23.36 39.11 -6.36
N THR D 161 22.40 38.33 -5.87
CA THR D 161 22.51 37.73 -4.55
C THR D 161 23.47 36.54 -4.58
N SER D 162 23.97 36.17 -3.42
CA SER D 162 24.93 35.08 -3.28
C SER D 162 24.60 34.20 -2.09
N ALA D 163 24.69 32.89 -2.29
CA ALA D 163 24.46 31.91 -1.23
C ALA D 163 25.75 31.22 -0.78
N GLY D 164 26.90 31.71 -1.20
CA GLY D 164 28.16 31.11 -0.85
C GLY D 164 29.21 31.42 -1.92
N TYR D 165 30.07 30.44 -2.15
CA TYR D 165 31.11 30.60 -3.15
C TYR D 165 31.60 29.23 -3.60
N ILE D 166 32.33 29.23 -4.71
CA ILE D 166 33.01 28.04 -5.22
C ILE D 166 34.46 28.39 -5.51
N THR D 167 35.38 27.53 -5.10
CA THR D 167 36.80 27.76 -5.29
C THR D 167 37.19 27.48 -6.74
N MET D 168 38.03 28.34 -7.29
CA MET D 168 38.47 28.22 -8.67
C MET D 168 39.99 28.05 -8.69
N HIS D 169 40.45 27.02 -9.40
CA HIS D 169 41.83 26.57 -9.33
C HIS D 169 42.49 26.69 -10.70
N ARG D 170 43.82 26.59 -10.70
CA ARG D 170 44.58 26.69 -11.93
C ARG D 170 44.26 25.51 -12.84
N PRO D 171 44.23 25.73 -14.17
CA PRO D 171 43.88 24.65 -15.09
C PRO D 171 45.02 23.64 -15.21
N GLY D 172 44.68 22.37 -15.05
CA GLY D 172 45.66 21.31 -15.17
C GLY D 172 46.00 21.01 -16.62
N PRO D 173 47.05 20.22 -16.83
CA PRO D 173 47.42 19.84 -18.20
C PRO D 173 46.33 19.02 -18.86
N HIS D 174 46.17 19.22 -20.17
CA HIS D 174 45.17 18.52 -20.96
C HIS D 174 45.89 17.96 -22.19
N ALA D 175 46.35 16.73 -22.10
CA ALA D 175 47.08 16.11 -23.20
C ALA D 175 46.14 15.75 -24.33
N TYR D 176 46.64 15.87 -25.57
CA TYR D 176 45.88 15.53 -26.76
C TYR D 176 46.70 14.59 -27.62
N LYS D 177 46.04 13.56 -28.16
CA LYS D 177 46.72 12.61 -29.03
C LYS D 177 47.02 13.20 -30.40
N SER D 178 46.20 14.15 -30.84
CA SER D 178 46.39 14.75 -32.16
C SER D 178 47.67 15.56 -32.24
N TYR D 179 48.30 15.87 -31.11
CA TYR D 179 49.53 16.65 -31.11
C TYR D 179 50.77 15.80 -31.40
N LEU D 180 50.64 14.48 -31.50
CA LEU D 180 51.76 13.60 -31.78
C LEU D 180 51.59 12.97 -33.16
N LYS D 181 52.67 12.96 -33.94
CA LYS D 181 52.61 12.59 -35.35
C LYS D 181 52.89 11.10 -35.57
N GLU D 182 54.06 10.62 -35.14
CA GLU D 182 54.48 9.23 -35.34
C GLU D 182 54.51 8.90 -36.84
N ALA D 183 55.41 9.59 -37.54
CA ALA D 183 55.45 9.53 -38.99
C ALA D 183 55.78 8.14 -39.52
N SER D 184 57.01 7.66 -39.30
CA SER D 184 57.39 6.34 -39.76
C SER D 184 57.81 5.42 -38.61
N GLY D 185 58.85 5.78 -37.87
CA GLY D 185 59.29 5.00 -36.74
C GLY D 185 59.81 5.90 -35.64
N GLU D 186 59.64 7.21 -35.83
CA GLU D 186 60.05 8.20 -34.86
C GLU D 186 58.87 9.10 -34.57
N VAL D 187 58.84 9.63 -33.35
CA VAL D 187 57.73 10.45 -32.91
C VAL D 187 58.02 11.90 -33.26
N TYR D 188 56.96 12.65 -33.56
CA TYR D 188 57.06 14.06 -33.90
C TYR D 188 55.98 14.82 -33.13
N ILE D 189 56.18 16.10 -32.97
CA ILE D 189 55.24 16.93 -32.20
C ILE D 189 54.62 17.97 -33.13
N LYS D 190 53.29 18.04 -33.09
CA LYS D 190 52.53 18.94 -33.97
C LYS D 190 51.73 19.89 -33.09
N PRO D 191 52.30 21.05 -32.74
CA PRO D 191 51.51 22.08 -32.07
C PRO D 191 50.44 22.63 -33.00
N PRO D 192 49.30 23.06 -32.46
CA PRO D 192 48.22 23.57 -33.31
C PRO D 192 48.51 24.96 -33.83
N SER D 193 49.25 25.04 -34.93
CA SER D 193 49.73 26.29 -35.54
C SER D 193 50.72 26.91 -34.55
N GLY D 194 50.78 28.24 -34.43
CA GLY D 194 51.78 28.87 -33.60
C GLY D 194 51.37 28.99 -32.16
N LYS D 195 51.10 27.87 -31.49
CA LYS D 195 50.76 27.84 -30.09
C LYS D 195 51.74 26.95 -29.34
N ASN D 196 52.17 27.40 -28.16
CA ASN D 196 53.20 26.70 -27.42
C ASN D 196 52.66 25.41 -26.84
N VAL D 197 53.35 24.30 -27.12
CA VAL D 197 52.96 22.99 -26.63
C VAL D 197 54.12 22.41 -25.83
N THR D 198 53.84 21.97 -24.61
CA THR D 198 54.85 21.36 -23.75
C THR D 198 54.67 19.85 -23.76
N TYR D 199 55.79 19.13 -23.87
CA TYR D 199 55.76 17.68 -23.95
C TYR D 199 56.46 17.05 -22.75
N GLU D 200 56.16 15.77 -22.55
CA GLU D 200 56.75 14.98 -21.48
C GLU D 200 56.90 13.55 -22.00
N CYS D 201 58.15 13.08 -22.07
CA CYS D 201 58.44 11.79 -22.67
C CYS D 201 59.26 10.93 -21.73
N LYS D 202 58.99 9.62 -21.76
CA LYS D 202 59.67 8.62 -20.94
C LYS D 202 60.21 7.51 -21.83
N CYS D 203 60.90 7.90 -22.90
CA CYS D 203 61.59 6.93 -23.74
C CYS D 203 63.09 6.94 -23.42
N GLY D 204 63.45 6.03 -22.50
CA GLY D 204 64.81 5.90 -22.03
C GLY D 204 65.24 6.91 -21.00
N ASP D 205 64.64 8.10 -20.99
CA ASP D 205 65.00 9.15 -20.07
C ASP D 205 63.84 10.14 -20.00
N TYR D 206 63.82 10.94 -18.95
CA TYR D 206 62.75 11.93 -18.78
C TYR D 206 63.11 13.19 -19.55
N SER D 207 62.22 13.63 -20.43
CA SER D 207 62.45 14.80 -21.26
C SER D 207 61.22 15.70 -21.23
N THR D 208 61.45 17.01 -21.34
CA THR D 208 60.37 17.98 -21.40
C THR D 208 60.85 19.20 -22.17
N GLY D 209 59.90 19.96 -22.69
CA GLY D 209 60.25 21.18 -23.42
C GLY D 209 59.02 21.79 -24.02
N ILE D 210 59.17 23.05 -24.43
CA ILE D 210 58.12 23.82 -25.08
C ILE D 210 58.53 24.04 -26.53
N VAL D 211 57.61 23.78 -27.46
CA VAL D 211 57.89 23.89 -28.88
C VAL D 211 56.76 24.64 -29.57
N SER D 212 57.06 25.14 -30.77
CA SER D 212 56.07 25.82 -31.60
C SER D 212 56.01 25.28 -33.01
N THR D 213 56.86 24.33 -33.38
CA THR D 213 56.87 23.74 -34.72
C THR D 213 57.20 22.25 -34.55
N GLN D 214 57.26 21.53 -35.68
CA GLN D 214 57.48 20.10 -35.64
C GLN D 214 58.86 19.76 -35.09
N THR D 215 58.88 18.88 -34.10
CA THR D 215 60.12 18.53 -33.40
C THR D 215 60.34 17.03 -33.49
N LYS D 216 61.59 16.64 -33.75
CA LYS D 216 61.92 15.23 -33.98
C LYS D 216 61.94 14.41 -32.70
N MET D 217 62.12 15.03 -31.54
CA MET D 217 62.34 14.34 -30.27
C MET D 217 63.67 13.60 -30.36
N ASN D 218 63.92 12.64 -29.46
CA ASN D 218 65.21 11.95 -29.43
C ASN D 218 65.02 10.56 -28.82
N GLY D 219 65.47 9.54 -29.55
CA GLY D 219 65.47 8.19 -29.02
C GLY D 219 64.10 7.69 -28.62
N CYS D 220 63.08 8.03 -29.39
CA CYS D 220 61.70 7.79 -29.00
C CYS D 220 60.98 7.13 -30.17
N THR D 221 60.45 5.93 -29.93
CA THR D 221 59.94 5.10 -31.03
C THR D 221 58.43 5.12 -31.18
N LYS D 222 57.68 5.08 -30.08
CA LYS D 222 56.23 5.04 -30.13
C LYS D 222 55.65 6.37 -29.63
N ALA D 223 54.45 6.69 -30.11
CA ALA D 223 53.79 7.93 -29.72
C ALA D 223 53.19 7.87 -28.33
N ARG D 224 52.94 6.67 -27.80
CA ARG D 224 52.29 6.55 -26.51
C ARG D 224 53.22 6.91 -25.36
N GLN D 225 54.50 7.12 -25.65
CA GLN D 225 55.48 7.48 -24.64
C GLN D 225 55.67 8.99 -24.50
N CYS D 226 54.83 9.80 -25.15
CA CYS D 226 54.88 11.25 -25.02
C CYS D 226 53.46 11.80 -24.89
N ILE D 227 53.32 12.85 -24.08
CA ILE D 227 52.08 13.59 -23.97
C ILE D 227 52.36 15.06 -24.26
N ALA D 228 51.41 15.71 -24.93
CA ALA D 228 51.59 17.09 -25.35
C ALA D 228 50.35 17.89 -24.99
N TYR D 229 50.55 19.05 -24.36
CA TYR D 229 49.46 19.93 -23.96
C TYR D 229 49.90 21.37 -24.12
N THR D 230 48.93 22.28 -24.08
CA THR D 230 49.18 23.68 -24.37
C THR D 230 49.54 24.45 -23.11
N ARG D 231 50.62 25.24 -23.19
CA ARG D 231 51.13 26.02 -22.07
C ARG D 231 50.31 27.28 -21.80
N ASP D 232 49.64 27.81 -22.82
CA ASP D 232 48.95 29.10 -22.69
C ASP D 232 47.89 29.11 -21.59
N GLN D 233 47.39 27.94 -21.21
CA GLN D 233 46.24 27.86 -20.31
C GLN D 233 46.52 28.52 -18.96
N THR D 234 45.89 29.67 -18.71
CA THR D 234 46.00 30.35 -17.44
C THR D 234 44.64 30.72 -16.85
N LYS D 235 43.55 30.45 -17.54
CA LYS D 235 42.22 30.75 -17.00
C LYS D 235 41.80 29.65 -16.03
N TRP D 236 41.21 30.06 -14.90
CA TRP D 236 40.87 29.11 -13.85
C TRP D 236 39.62 28.32 -14.21
N VAL D 237 39.55 27.10 -13.66
CA VAL D 237 38.40 26.22 -13.84
C VAL D 237 37.97 25.70 -12.48
N PHE D 238 36.75 25.19 -12.42
CA PHE D 238 36.17 24.73 -11.17
C PHE D 238 36.91 23.49 -10.66
N ASN D 239 36.69 23.18 -9.39
CA ASN D 239 37.22 21.98 -8.74
C ASN D 239 36.41 20.76 -9.19
N SER D 240 36.53 20.45 -10.48
CA SER D 240 35.70 19.36 -10.96
C SER D 240 36.42 18.03 -10.77
N PRO D 241 35.70 16.98 -10.39
CA PRO D 241 36.32 15.64 -10.31
C PRO D 241 36.66 15.03 -11.65
N ASP D 242 36.40 15.73 -12.75
CA ASP D 242 36.67 15.22 -14.10
C ASP D 242 37.90 15.86 -14.73
N LEU D 243 38.60 16.72 -14.01
CA LEU D 243 39.79 17.40 -14.52
C LEU D 243 40.99 16.99 -13.68
N ILE D 244 42.14 16.89 -14.32
CA ILE D 244 43.37 16.51 -13.64
C ILE D 244 44.03 17.77 -13.09
N ARG D 245 44.36 17.75 -11.81
CA ARG D 245 44.82 18.95 -11.13
C ARG D 245 46.22 19.36 -11.59
N HIS D 246 46.45 20.67 -11.54
CA HIS D 246 47.77 21.23 -11.81
C HIS D 246 48.69 20.96 -10.63
N THR D 247 50.00 21.16 -10.85
CA THR D 247 50.97 20.92 -9.79
C THR D 247 50.70 21.79 -8.58
N ASP D 248 50.37 23.06 -8.79
CA ASP D 248 49.99 23.96 -7.70
C ASP D 248 48.46 24.05 -7.70
N HIS D 249 47.84 23.21 -6.87
CA HIS D 249 46.38 23.23 -6.73
C HIS D 249 45.93 24.14 -5.60
N SER D 250 46.37 25.39 -5.63
CA SER D 250 45.92 26.38 -4.66
C SER D 250 44.78 27.19 -5.26
N VAL D 251 43.99 27.82 -4.39
CA VAL D 251 42.84 28.58 -4.85
C VAL D 251 43.35 29.90 -5.43
N GLN D 252 43.00 30.16 -6.69
CA GLN D 252 43.38 31.42 -7.33
C GLN D 252 42.30 32.48 -7.19
N GLY D 253 41.05 32.09 -7.01
CA GLY D 253 39.97 33.04 -6.84
C GLY D 253 38.71 32.31 -6.45
N LYS D 254 37.70 33.09 -6.07
CA LYS D 254 36.43 32.55 -5.65
C LYS D 254 35.31 33.21 -6.43
N LEU D 255 34.30 32.42 -6.80
CA LEU D 255 33.17 32.89 -7.60
C LEU D 255 31.90 32.84 -6.75
N HIS D 256 30.99 33.77 -6.98
CA HIS D 256 29.74 33.79 -6.25
C HIS D 256 28.82 32.67 -6.72
N ILE D 257 28.02 32.16 -5.79
CA ILE D 257 26.94 31.22 -6.08
C ILE D 257 25.63 32.01 -6.04
N PRO D 258 24.98 32.27 -7.17
CA PRO D 258 23.82 33.15 -7.17
C PRO D 258 22.59 32.55 -6.51
N PHE D 259 21.50 33.31 -6.46
CA PHE D 259 20.19 32.83 -6.03
C PHE D 259 20.22 32.31 -4.59
N ARG D 260 20.48 33.23 -3.65
CA ARG D 260 20.52 32.86 -2.24
C ARG D 260 19.12 32.52 -1.73
N LEU D 261 19.07 31.77 -0.64
CA LEU D 261 17.81 31.34 -0.05
C LEU D 261 17.32 32.41 0.92
N THR D 262 16.53 33.34 0.41
CA THR D 262 16.02 34.46 1.19
C THR D 262 14.74 34.05 1.91
N PRO D 263 14.45 34.67 3.06
CA PRO D 263 13.14 34.51 3.69
C PRO D 263 12.11 35.41 3.03
N THR D 264 10.89 34.90 2.91
CA THR D 264 9.80 35.63 2.28
C THR D 264 8.49 35.11 2.86
N VAL D 265 7.38 35.64 2.37
CA VAL D 265 6.05 35.33 2.89
C VAL D 265 5.29 34.53 1.84
N CYS D 266 4.90 33.31 2.21
CA CYS D 266 4.11 32.43 1.35
C CYS D 266 2.66 32.44 1.80
N ARG D 267 1.77 32.10 0.86
CA ARG D 267 0.35 31.98 1.14
C ARG D 267 -0.02 30.51 1.14
N VAL D 268 -0.65 30.06 2.22
CA VAL D 268 -0.95 28.65 2.41
C VAL D 268 -2.44 28.47 2.66
N PRO D 269 -3.03 27.33 2.31
CA PRO D 269 -4.48 27.18 2.41
C PRO D 269 -4.99 27.20 3.84
N LEU D 270 -6.23 27.64 3.99
CA LEU D 270 -6.99 27.54 5.24
C LEU D 270 -8.08 26.50 5.03
N ALA D 271 -8.07 25.44 5.84
CA ALA D 271 -8.98 24.34 5.64
C ALA D 271 -10.39 24.70 6.11
N HIS D 272 -11.34 23.84 5.75
CA HIS D 272 -12.72 24.05 6.15
C HIS D 272 -12.87 23.89 7.65
N THR D 273 -13.45 24.90 8.29
CA THR D 273 -13.57 24.90 9.74
C THR D 273 -14.34 23.67 10.21
N PRO D 274 -13.82 22.91 11.17
CA PRO D 274 -14.50 21.67 11.57
C PRO D 274 -15.80 21.96 12.31
N THR D 275 -16.67 20.95 12.32
CA THR D 275 -17.91 21.00 13.08
C THR D 275 -17.71 20.20 14.37
N VAL D 276 -17.94 20.85 15.50
CA VAL D 276 -17.67 20.25 16.81
C VAL D 276 -19.00 19.80 17.41
N THR D 277 -19.13 18.50 17.63
CA THR D 277 -20.27 17.93 18.33
C THR D 277 -19.81 17.48 19.72
N LYS D 278 -20.45 18.02 20.74
CA LYS D 278 -19.92 17.99 22.10
C LYS D 278 -20.72 17.02 22.96
N TRP D 279 -20.03 16.08 23.59
CA TRP D 279 -20.68 15.16 24.52
C TRP D 279 -19.94 15.16 25.86
N PHE D 280 -20.31 14.26 26.75
CA PHE D 280 -19.74 14.24 28.10
C PHE D 280 -18.26 13.87 28.05
N LYS D 281 -17.40 14.83 28.40
CA LYS D 281 -15.95 14.62 28.45
C LYS D 281 -15.42 14.15 27.10
N GLY D 282 -15.80 14.84 26.04
CA GLY D 282 -15.29 14.51 24.73
C GLY D 282 -15.93 15.37 23.67
N ILE D 283 -15.31 15.36 22.48
CA ILE D 283 -15.81 16.06 21.31
C ILE D 283 -15.65 15.17 20.10
N THR D 284 -16.46 15.45 19.07
CA THR D 284 -16.33 14.83 17.77
C THR D 284 -16.08 15.91 16.74
N LEU D 285 -15.00 15.75 15.97
CA LEU D 285 -14.63 16.71 14.93
C LEU D 285 -15.03 16.14 13.58
N HIS D 286 -16.04 16.75 12.95
CA HIS D 286 -16.43 16.40 11.59
C HIS D 286 -15.54 17.20 10.64
N LEU D 287 -14.50 16.56 10.13
CA LEU D 287 -13.44 17.25 9.41
C LEU D 287 -13.62 17.08 7.92
N THR D 288 -13.68 18.19 7.20
CA THR D 288 -13.77 18.20 5.74
C THR D 288 -12.42 18.59 5.18
N ALA D 289 -11.79 17.66 4.48
CA ALA D 289 -10.48 17.88 3.89
C ALA D 289 -10.47 17.34 2.47
N THR D 290 -9.98 18.16 1.53
CA THR D 290 -9.78 17.70 0.16
C THR D 290 -8.36 17.22 -0.08
N ARG D 291 -7.38 17.85 0.54
CA ARG D 291 -5.98 17.49 0.46
C ARG D 291 -5.50 17.09 1.85
N PRO D 292 -4.41 16.33 1.95
CA PRO D 292 -3.90 15.95 3.27
C PRO D 292 -3.69 17.12 4.21
N THR D 293 -4.40 17.11 5.33
CA THR D 293 -4.34 18.17 6.32
C THR D 293 -3.96 17.58 7.67
N LEU D 294 -3.15 18.30 8.44
CA LEU D 294 -2.64 17.80 9.70
C LEU D 294 -3.56 18.19 10.85
N LEU D 295 -3.95 17.20 11.66
CA LEU D 295 -4.76 17.41 12.85
C LEU D 295 -3.91 17.04 14.06
N THR D 296 -3.61 18.02 14.90
CA THR D 296 -2.81 17.80 16.10
C THR D 296 -3.64 18.15 17.32
N THR D 297 -3.74 17.22 18.26
CA THR D 297 -4.44 17.47 19.51
C THR D 297 -3.52 17.16 20.68
N ARG D 298 -3.73 17.87 21.78
CA ARG D 298 -2.98 17.65 23.01
C ARG D 298 -3.81 18.12 24.18
N LYS D 299 -3.59 17.50 25.34
CA LYS D 299 -4.27 17.92 26.56
C LYS D 299 -3.47 19.01 27.24
N LEU D 300 -4.16 19.78 28.09
CA LEU D 300 -3.57 20.91 28.78
C LEU D 300 -3.19 20.59 30.23
N GLY D 301 -2.99 19.31 30.54
CA GLY D 301 -2.59 18.89 31.85
C GLY D 301 -1.14 18.40 31.89
N LEU D 302 -0.83 17.65 32.94
CA LEU D 302 0.52 17.10 33.09
C LEU D 302 0.84 16.13 31.96
N ARG D 303 -0.12 15.28 31.59
CA ARG D 303 0.06 14.32 30.53
C ARG D 303 -0.56 14.87 29.26
N ALA D 304 0.28 15.12 28.26
CA ALA D 304 -0.14 15.68 26.98
C ALA D 304 -0.17 14.52 25.99
N ASP D 305 -1.33 13.88 25.86
CA ASP D 305 -1.50 12.82 24.88
C ASP D 305 -1.60 13.48 23.51
N ALA D 306 -0.44 13.58 22.86
CA ALA D 306 -0.33 14.31 21.60
C ALA D 306 -0.67 13.37 20.45
N THR D 307 -1.68 13.74 19.67
CA THR D 307 -2.03 13.02 18.46
C THR D 307 -1.63 13.83 17.25
N ALA D 308 -1.35 13.12 16.16
CA ALA D 308 -1.04 13.77 14.89
C ALA D 308 -1.45 12.84 13.76
N GLU D 309 -2.30 13.33 12.87
CA GLU D 309 -2.81 12.53 11.77
C GLU D 309 -2.93 13.40 10.53
N TRP D 310 -2.58 12.82 9.39
CA TRP D 310 -2.75 13.48 8.10
C TRP D 310 -4.05 12.97 7.50
N ILE D 311 -5.05 13.85 7.42
CA ILE D 311 -6.43 13.46 7.15
C ILE D 311 -6.82 13.95 5.76
N THR D 312 -7.29 13.04 4.93
CA THR D 312 -7.86 13.36 3.64
C THR D 312 -9.26 12.78 3.55
N GLY D 313 -10.17 13.54 2.94
CA GLY D 313 -11.56 13.15 2.87
C GLY D 313 -12.32 13.49 4.14
N THR D 314 -13.64 13.34 4.06
CA THR D 314 -14.50 13.63 5.19
C THR D 314 -14.46 12.48 6.19
N THR D 315 -14.23 12.80 7.46
CA THR D 315 -14.11 11.81 8.52
C THR D 315 -14.63 12.42 9.80
N SER D 316 -14.56 11.64 10.89
CA SER D 316 -14.91 12.11 12.22
C SER D 316 -13.94 11.48 13.20
N ARG D 317 -13.44 12.29 14.13
CA ARG D 317 -12.49 11.83 15.14
C ARG D 317 -12.99 12.22 16.51
N ASN D 318 -12.86 11.29 17.46
CA ASN D 318 -13.34 11.49 18.83
C ASN D 318 -12.14 11.70 19.75
N PHE D 319 -12.17 12.79 20.51
CA PHE D 319 -11.11 13.14 21.44
C PHE D 319 -11.69 13.34 22.83
N SER D 320 -11.04 12.73 23.83
CA SER D 320 -11.50 12.80 25.21
C SER D 320 -11.01 14.10 25.84
N VAL D 321 -11.94 14.86 26.42
CA VAL D 321 -11.64 16.14 27.05
C VAL D 321 -11.88 16.00 28.54
N GLY D 322 -11.18 16.82 29.33
CA GLY D 322 -11.33 16.77 30.76
C GLY D 322 -11.42 18.15 31.40
N ARG D 323 -11.20 18.22 32.71
CA ARG D 323 -11.23 19.51 33.39
C ARG D 323 -10.07 20.40 32.99
N GLU D 324 -8.95 19.82 32.57
CA GLU D 324 -7.77 20.61 32.20
C GLU D 324 -7.86 21.12 30.77
N GLY D 325 -8.57 20.42 29.90
CA GLY D 325 -8.86 20.90 28.57
C GLY D 325 -8.25 20.05 27.48
N LEU D 326 -8.42 20.51 26.25
CA LEU D 326 -7.85 19.88 25.07
C LEU D 326 -7.72 20.93 23.98
N GLU D 327 -6.64 20.83 23.22
CA GLU D 327 -6.31 21.79 22.18
C GLU D 327 -6.14 21.06 20.86
N TYR D 328 -6.79 21.56 19.81
CA TYR D 328 -6.67 20.94 18.50
C TYR D 328 -6.32 21.99 17.46
N VAL D 329 -5.33 21.68 16.63
CA VAL D 329 -4.94 22.50 15.50
C VAL D 329 -5.35 21.77 14.23
N TRP D 330 -6.03 22.48 13.33
CA TRP D 330 -6.57 21.88 12.12
C TRP D 330 -5.95 22.61 10.92
N GLY D 331 -4.91 22.02 10.35
CA GLY D 331 -4.23 22.66 9.24
C GLY D 331 -3.56 23.97 9.67
N ASN D 332 -3.62 24.95 8.78
CA ASN D 332 -3.03 26.26 9.05
C ASN D 332 -3.98 27.15 9.83
N HIS D 333 -4.51 26.63 10.94
CA HIS D 333 -5.45 27.36 11.78
C HIS D 333 -4.85 27.60 13.16
N GLU D 334 -5.40 28.58 13.86
CA GLU D 334 -4.99 28.83 15.22
C GLU D 334 -5.48 27.72 16.14
N PRO D 335 -4.74 27.42 17.21
CA PRO D 335 -5.22 26.45 18.19
C PRO D 335 -6.51 26.93 18.85
N VAL D 336 -7.40 25.98 19.12
CA VAL D 336 -8.64 26.25 19.83
C VAL D 336 -8.74 25.27 20.99
N ARG D 337 -9.01 25.79 22.19
CA ARG D 337 -9.01 25.00 23.40
C ARG D 337 -10.42 24.80 23.92
N VAL D 338 -10.73 23.58 24.32
CA VAL D 338 -12.04 23.20 24.82
C VAL D 338 -11.86 22.58 26.20
N TRP D 339 -12.68 23.02 27.16
CA TRP D 339 -12.67 22.53 28.52
C TRP D 339 -14.00 21.86 28.84
N ALA D 340 -13.93 20.73 29.53
CA ALA D 340 -15.10 19.91 29.82
C ALA D 340 -15.72 20.29 31.16
N GLN D 341 -17.05 20.28 31.20
CA GLN D 341 -17.81 20.58 32.41
C GLN D 341 -18.34 19.29 33.03
N GLU D 342 -18.80 19.41 34.27
CA GLU D 342 -19.24 18.25 35.05
C GLU D 342 -20.72 17.95 34.83
N SER D 343 -21.10 17.72 33.58
CA SER D 343 -22.48 17.43 33.21
C SER D 343 -22.74 15.93 33.17
N ALA D 344 -22.44 15.23 34.26
CA ALA D 344 -22.69 13.80 34.30
C ALA D 344 -24.20 13.53 34.34
N PRO D 345 -24.63 12.39 33.79
CA PRO D 345 -26.07 12.10 33.77
C PRO D 345 -26.65 12.00 35.17
N GLY D 346 -27.83 12.57 35.34
CA GLY D 346 -28.54 12.55 36.61
C GLY D 346 -28.45 13.88 37.33
N ASP D 347 -28.71 13.81 38.64
CA ASP D 347 -28.75 14.98 39.50
C ASP D 347 -28.00 14.64 40.78
N PRO D 348 -27.30 15.59 41.39
CA PRO D 348 -26.63 15.32 42.68
C PRO D 348 -27.50 15.59 43.89
N HIS D 349 -28.70 16.14 43.74
CA HIS D 349 -29.52 16.55 44.86
C HIS D 349 -30.74 15.68 45.10
N GLY D 350 -31.07 14.77 44.18
CA GLY D 350 -32.25 13.97 44.33
C GLY D 350 -32.04 12.70 45.12
N TRP D 351 -32.37 11.58 44.52
CA TRP D 351 -32.43 10.30 45.19
C TRP D 351 -31.10 9.56 45.10
N PRO D 352 -30.93 8.48 45.87
CA PRO D 352 -29.68 7.73 45.81
C PRO D 352 -29.32 7.25 44.41
N HIS D 353 -30.28 6.82 43.60
CA HIS D 353 -29.93 6.20 42.33
C HIS D 353 -29.30 7.21 41.37
N GLU D 354 -29.92 8.37 41.16
CA GLU D 354 -29.33 9.27 40.18
C GLU D 354 -28.18 10.07 40.78
N ILE D 355 -28.15 10.21 42.11
CA ILE D 355 -26.92 10.68 42.75
C ILE D 355 -25.75 9.75 42.41
N ILE D 356 -25.99 8.44 42.52
CA ILE D 356 -24.91 7.48 42.32
C ILE D 356 -24.49 7.43 40.85
N ILE D 357 -25.44 7.53 39.92
CA ILE D 357 -25.01 7.48 38.51
C ILE D 357 -24.25 8.76 38.16
N HIS D 358 -24.69 9.91 38.69
CA HIS D 358 -23.95 11.16 38.47
C HIS D 358 -22.51 11.03 38.95
N TYR D 359 -22.33 10.61 40.20
CA TYR D 359 -20.97 10.55 40.76
C TYR D 359 -20.16 9.39 40.18
N TYR D 360 -20.81 8.33 39.72
CA TYR D 360 -20.10 7.25 39.03
C TYR D 360 -19.61 7.70 37.67
N HIS D 361 -20.38 8.54 36.98
CA HIS D 361 -19.91 9.07 35.71
C HIS D 361 -18.81 10.10 35.91
N ARG D 362 -18.86 10.88 36.98
CA ARG D 362 -17.80 11.84 37.24
C ARG D 362 -16.54 11.17 37.77
N HIS D 363 -16.64 10.49 38.91
CA HIS D 363 -15.50 9.82 39.55
C HIS D 363 -15.85 8.36 39.76
N PRO D 364 -15.62 7.51 38.75
CA PRO D 364 -16.11 6.12 38.85
C PRO D 364 -15.44 5.31 39.94
N VAL D 365 -14.11 5.29 39.97
CA VAL D 365 -13.40 4.48 40.96
C VAL D 365 -13.68 4.98 42.36
N TYR D 366 -13.68 6.30 42.55
CA TYR D 366 -13.98 6.87 43.87
C TYR D 366 -15.39 6.50 44.32
N THR D 367 -16.36 6.57 43.42
CA THR D 367 -17.74 6.26 43.81
C THR D 367 -17.90 4.77 44.11
N VAL D 368 -17.26 3.90 43.33
CA VAL D 368 -17.33 2.48 43.63
C VAL D 368 -16.67 2.17 44.97
N ILE D 369 -15.57 2.86 45.27
CA ILE D 369 -14.93 2.70 46.58
C ILE D 369 -15.87 3.13 47.69
N VAL D 370 -16.58 4.24 47.50
CA VAL D 370 -17.49 4.72 48.53
C VAL D 370 -18.65 3.76 48.73
N LEU D 371 -19.18 3.20 47.63
CA LEU D 371 -20.28 2.24 47.75
C LEU D 371 -19.84 0.95 48.43
N CYS D 372 -18.67 0.42 48.06
CA CYS D 372 -18.14 -0.73 48.76
C CYS D 372 -17.90 -0.40 50.23
N GLY D 373 -17.48 0.83 50.52
CA GLY D 373 -17.28 1.24 51.89
C GLY D 373 -18.56 1.23 52.70
N VAL D 374 -19.65 1.77 52.15
CA VAL D 374 -20.90 1.79 52.91
C VAL D 374 -21.45 0.38 53.06
N ALA D 375 -21.33 -0.45 52.03
CA ALA D 375 -21.76 -1.84 52.16
C ALA D 375 -20.97 -2.57 53.24
N LEU D 376 -19.65 -2.39 53.26
CA LEU D 376 -18.82 -3.01 54.28
C LEU D 376 -19.16 -2.46 55.67
N ALA D 377 -19.48 -1.16 55.74
CA ALA D 377 -19.82 -0.55 57.03
C ALA D 377 -21.11 -1.13 57.59
N ILE D 378 -22.12 -1.34 56.74
CA ILE D 378 -23.35 -1.95 57.25
C ILE D 378 -23.10 -3.42 57.60
N LEU D 379 -22.29 -4.13 56.81
CA LEU D 379 -22.03 -5.54 57.08
C LEU D 379 -21.31 -5.71 58.41
N VAL D 380 -20.24 -4.93 58.63
CA VAL D 380 -19.56 -4.89 59.92
C VAL D 380 -20.43 -4.05 60.83
N GLY D 381 -21.27 -4.73 61.60
CA GLY D 381 -22.22 -4.10 62.48
C GLY D 381 -23.54 -4.83 62.41
N THR D 382 -24.01 -5.20 61.22
CA THR D 382 -25.13 -6.13 61.18
C THR D 382 -24.67 -7.56 61.37
N ALA D 383 -23.36 -7.82 61.29
CA ALA D 383 -22.78 -9.06 61.74
C ALA D 383 -21.99 -8.89 63.04
N SER D 384 -21.90 -7.68 63.57
CA SER D 384 -21.20 -7.41 64.81
C SER D 384 -22.15 -7.29 66.00
N SER D 385 -23.12 -6.37 65.94
CA SER D 385 -24.08 -6.28 67.03
C SER D 385 -24.98 -7.51 67.06
N ALA D 386 -25.22 -8.13 65.90
CA ALA D 386 -25.97 -9.39 65.89
C ALA D 386 -25.24 -10.48 66.65
N ALA D 387 -23.93 -10.63 66.40
CA ALA D 387 -23.14 -11.60 67.14
C ALA D 387 -23.07 -11.25 68.62
N CYS D 388 -22.91 -9.96 68.94
CA CYS D 388 -22.86 -9.54 70.32
C CYS D 388 -24.18 -9.83 71.04
N ILE D 389 -25.32 -9.61 70.36
CA ILE D 389 -26.62 -9.87 70.97
C ILE D 389 -26.83 -11.36 71.15
N ALA D 390 -26.38 -12.17 70.18
CA ALA D 390 -26.47 -13.61 70.33
C ALA D 390 -25.65 -14.07 71.54
N LYS D 391 -24.43 -13.56 71.68
CA LYS D 391 -23.59 -13.92 72.81
C LYS D 391 -24.22 -13.47 74.12
N ALA D 392 -24.79 -12.26 74.14
CA ALA D 392 -25.37 -11.73 75.37
C ALA D 392 -26.61 -12.50 75.78
N ARG D 393 -27.48 -12.84 74.83
CA ARG D 393 -28.66 -13.62 75.16
C ARG D 393 -28.25 -15.02 75.60
N ARG D 394 -27.19 -15.57 74.98
CA ARG D 394 -26.63 -16.83 75.43
C ARG D 394 -26.21 -16.77 76.89
N ASP D 395 -25.38 -15.78 77.23
CA ASP D 395 -24.79 -15.75 78.57
C ASP D 395 -25.71 -15.15 79.63
N CYS D 396 -26.87 -14.63 79.24
CA CYS D 396 -27.86 -14.23 80.22
C CYS D 396 -28.97 -15.25 80.40
N LEU D 397 -29.21 -16.10 79.40
CA LEU D 397 -30.21 -17.15 79.54
C LEU D 397 -29.60 -18.46 80.05
N THR D 398 -28.34 -18.74 79.70
CA THR D 398 -27.76 -20.04 80.04
C THR D 398 -27.52 -20.23 81.52
N PRO D 399 -26.79 -19.35 82.24
CA PRO D 399 -26.26 -19.75 83.55
C PRO D 399 -27.30 -20.16 84.57
N TYR D 400 -28.46 -19.49 84.61
CA TYR D 400 -29.46 -19.82 85.62
C TYR D 400 -30.88 -19.93 85.09
N ALA D 401 -31.22 -19.33 83.94
CA ALA D 401 -32.60 -19.33 83.49
C ALA D 401 -33.01 -20.70 82.93
N LEU D 402 -32.15 -21.31 82.11
CA LEU D 402 -32.46 -22.59 81.50
C LEU D 402 -31.79 -23.76 82.21
N ALA D 403 -31.21 -23.53 83.38
CA ALA D 403 -30.48 -24.59 84.08
C ALA D 403 -31.44 -25.72 84.43
N PRO D 404 -30.93 -26.97 84.51
CA PRO D 404 -31.80 -28.09 84.87
C PRO D 404 -32.43 -27.88 86.24
N ASN D 405 -33.67 -28.34 86.37
CA ASN D 405 -34.50 -28.16 87.56
C ASN D 405 -34.34 -26.76 88.17
N ALA D 406 -34.61 -25.77 87.33
CA ALA D 406 -34.56 -24.36 87.73
C ALA D 406 -35.86 -23.68 87.34
N THR D 407 -36.17 -22.60 88.07
CA THR D 407 -37.39 -21.83 87.86
C THR D 407 -37.04 -20.36 87.71
N VAL D 408 -37.58 -19.72 86.67
CA VAL D 408 -37.40 -18.30 86.43
C VAL D 408 -38.75 -17.69 86.06
N PRO D 409 -39.30 -16.81 86.88
CA PRO D 409 -40.60 -16.22 86.58
C PRO D 409 -40.53 -15.14 85.51
N THR D 410 -41.69 -14.54 85.23
CA THR D 410 -41.82 -13.60 84.13
C THR D 410 -40.97 -12.35 84.35
N ALA D 411 -40.83 -11.89 85.60
CA ALA D 411 -40.19 -10.61 85.87
C ALA D 411 -38.76 -10.58 85.33
N LEU D 412 -38.00 -11.66 85.54
CA LEU D 412 -36.64 -11.75 85.01
C LEU D 412 -36.55 -12.70 83.81
N ALA D 413 -37.68 -13.17 83.28
CA ALA D 413 -37.67 -13.89 82.01
C ALA D 413 -37.98 -12.97 80.83
N VAL D 414 -39.17 -12.36 80.84
CA VAL D 414 -39.67 -11.64 79.66
C VAL D 414 -39.07 -10.25 79.52
N LEU D 415 -38.35 -9.77 80.54
CA LEU D 415 -37.79 -8.42 80.47
C LEU D 415 -36.83 -8.27 79.29
N CYS D 416 -36.11 -9.33 78.96
CA CYS D 416 -35.22 -9.31 77.79
C CYS D 416 -35.39 -10.57 76.96
N CYS D 417 -35.84 -11.66 77.58
CA CYS D 417 -35.98 -12.91 76.86
C CYS D 417 -37.15 -12.85 75.88
N ILE D 418 -37.07 -13.69 74.85
CA ILE D 418 -38.09 -13.78 73.82
C ILE D 418 -38.34 -12.42 73.18
N PHE E 1 53.58 -49.56 -0.71
CA PHE E 1 52.95 -49.38 0.59
C PHE E 1 51.62 -48.64 0.48
N GLU E 2 50.61 -49.16 1.16
CA GLU E 2 49.26 -48.61 1.10
C GLU E 2 48.94 -47.91 2.42
N HIS E 3 48.36 -46.73 2.32
CA HIS E 3 47.94 -45.96 3.50
C HIS E 3 46.46 -45.65 3.37
N ALA E 4 45.68 -46.05 4.38
CA ALA E 4 44.25 -45.83 4.39
C ALA E 4 43.92 -44.66 5.31
N THR E 5 43.42 -43.58 4.73
CA THR E 5 43.06 -42.38 5.46
C THR E 5 41.60 -42.01 5.16
N THR E 6 41.14 -40.94 5.81
CA THR E 6 39.79 -40.43 5.59
C THR E 6 39.89 -38.91 5.53
N VAL E 7 40.07 -38.38 4.32
CA VAL E 7 40.23 -36.95 4.10
C VAL E 7 38.84 -36.31 4.23
N PRO E 8 38.65 -35.34 5.12
CA PRO E 8 37.40 -34.60 5.14
C PRO E 8 37.20 -33.85 3.82
N ASN E 9 35.96 -33.81 3.36
CA ASN E 9 35.63 -33.14 2.10
C ASN E 9 35.24 -31.70 2.42
N VAL E 10 36.25 -30.90 2.74
CA VAL E 10 36.11 -29.45 2.85
C VAL E 10 37.21 -28.84 2.00
N PRO E 11 36.88 -28.15 0.90
CA PRO E 11 37.93 -27.64 0.01
C PRO E 11 38.71 -26.51 0.67
N GLY E 12 40.04 -26.62 0.60
CA GLY E 12 40.95 -25.57 1.04
C GLY E 12 41.80 -25.94 2.23
N ILE E 13 41.23 -26.60 3.24
CA ILE E 13 41.93 -26.91 4.47
C ILE E 13 42.74 -28.18 4.24
N PRO E 14 44.06 -28.17 4.47
CA PRO E 14 44.86 -29.38 4.27
C PRO E 14 44.62 -30.41 5.36
N TYR E 15 44.87 -31.66 5.02
CA TYR E 15 44.80 -32.77 5.96
C TYR E 15 46.20 -33.37 6.10
N LYS E 16 46.72 -33.37 7.33
CA LYS E 16 48.07 -33.81 7.60
C LYS E 16 48.05 -35.23 8.17
N ALA E 17 48.81 -36.12 7.56
CA ALA E 17 48.90 -37.51 7.99
C ALA E 17 50.36 -37.93 8.01
N LEU E 18 50.64 -38.99 8.77
CA LEU E 18 51.99 -39.51 8.90
C LEU E 18 51.98 -41.01 8.65
N VAL E 19 52.69 -41.43 7.62
CA VAL E 19 52.81 -42.85 7.27
C VAL E 19 54.20 -43.31 7.69
N GLU E 20 54.26 -44.34 8.52
CA GLU E 20 55.51 -44.84 9.06
C GLU E 20 55.65 -46.32 8.77
N ARG E 21 56.85 -46.74 8.39
CA ARG E 21 57.17 -48.15 8.17
C ARG E 21 58.28 -48.57 9.12
N ALA E 22 58.32 -49.86 9.43
CA ALA E 22 59.42 -50.41 10.20
C ALA E 22 60.71 -50.27 9.40
N GLY E 23 61.74 -49.70 10.02
CA GLY E 23 63.01 -49.49 9.36
C GLY E 23 63.11 -48.20 8.57
N TYR E 24 62.02 -47.45 8.46
CA TYR E 24 62.00 -46.19 7.72
C TYR E 24 61.56 -45.04 8.61
N ALA E 25 62.08 -43.85 8.32
CA ALA E 25 61.61 -42.66 8.97
C ALA E 25 60.19 -42.33 8.48
N PRO E 26 59.40 -41.63 9.30
CA PRO E 26 58.05 -41.28 8.86
C PRO E 26 58.07 -40.38 7.64
N LEU E 27 57.06 -40.56 6.79
CA LEU E 27 56.86 -39.68 5.64
C LEU E 27 55.63 -38.83 5.89
N ASN E 28 55.76 -37.53 5.63
CA ASN E 28 54.64 -36.61 5.79
C ASN E 28 53.72 -36.71 4.58
N LEU E 29 52.42 -36.72 4.86
CA LEU E 29 51.40 -36.75 3.82
C LEU E 29 50.45 -35.58 4.01
N GLU E 30 50.19 -34.84 2.94
CA GLU E 30 49.21 -33.76 2.95
C GLU E 30 48.26 -34.00 1.80
N ILE E 31 46.96 -34.11 2.09
CA ILE E 31 45.94 -34.24 1.07
C ILE E 31 44.99 -33.07 1.20
N THR E 32 44.84 -32.30 0.14
CA THR E 32 43.94 -31.16 0.08
C THR E 32 43.00 -31.32 -1.09
N VAL E 33 41.72 -31.03 -0.88
CA VAL E 33 40.73 -31.04 -1.95
C VAL E 33 40.70 -29.62 -2.51
N VAL E 34 41.36 -29.42 -3.65
CA VAL E 34 41.42 -28.09 -4.25
C VAL E 34 40.07 -27.71 -4.85
N SER E 35 39.46 -28.65 -5.58
CA SER E 35 38.19 -28.37 -6.22
C SER E 35 37.42 -29.68 -6.39
N SER E 36 36.12 -29.61 -6.11
CA SER E 36 35.23 -30.76 -6.23
C SER E 36 34.07 -30.41 -7.14
N GLU E 37 33.55 -31.42 -7.83
CA GLU E 37 32.48 -31.22 -8.79
C GLU E 37 31.40 -32.27 -8.55
N LEU E 38 30.15 -31.86 -8.62
CA LEU E 38 29.00 -32.74 -8.47
C LEU E 38 28.18 -32.65 -9.75
N THR E 39 28.52 -33.50 -10.73
CA THR E 39 27.84 -33.49 -12.01
C THR E 39 26.82 -34.62 -12.07
N PRO E 40 25.53 -34.32 -12.17
CA PRO E 40 24.53 -35.37 -12.37
C PRO E 40 24.26 -35.63 -13.85
N SER E 41 23.61 -36.76 -14.11
CA SER E 41 23.20 -37.12 -15.46
C SER E 41 21.89 -36.41 -15.77
N THR E 42 21.87 -35.64 -16.85
CA THR E 42 20.72 -34.82 -17.17
C THR E 42 19.95 -35.39 -18.36
N ASN E 43 18.69 -35.00 -18.46
CA ASN E 43 17.81 -35.45 -19.54
C ASN E 43 16.89 -34.29 -19.88
N LYS E 44 17.06 -33.74 -21.08
CA LYS E 44 16.26 -32.58 -21.47
C LYS E 44 14.86 -33.03 -21.88
N GLU E 45 13.85 -32.57 -21.16
CA GLU E 45 12.48 -32.91 -21.52
C GLU E 45 11.93 -31.96 -22.57
N TYR E 46 12.03 -30.65 -22.34
CA TYR E 46 11.53 -29.70 -23.33
C TYR E 46 12.19 -28.34 -23.12
N VAL E 47 11.85 -27.42 -24.00
CA VAL E 47 12.29 -26.03 -23.94
C VAL E 47 11.04 -25.16 -23.99
N THR E 48 10.96 -24.18 -23.10
CA THR E 48 9.79 -23.32 -23.02
C THR E 48 10.22 -21.85 -22.98
N CYS E 49 9.30 -20.99 -23.38
CA CYS E 49 9.50 -19.54 -23.36
C CYS E 49 8.14 -18.89 -23.59
N LYS E 50 8.15 -17.57 -23.77
CA LYS E 50 6.92 -16.88 -24.09
C LYS E 50 6.46 -17.23 -25.50
N PHE E 51 5.16 -17.45 -25.65
CA PHE E 51 4.63 -17.87 -26.94
C PHE E 51 4.25 -16.66 -27.78
N HIS E 52 3.97 -16.93 -29.05
CA HIS E 52 3.53 -15.91 -30.00
C HIS E 52 2.24 -16.41 -30.65
N THR E 53 1.13 -15.76 -30.34
CA THR E 53 -0.17 -16.19 -30.85
C THR E 53 -0.30 -15.71 -32.29
N VAL E 54 -0.11 -16.63 -33.24
CA VAL E 54 -0.21 -16.31 -34.65
C VAL E 54 -1.67 -16.43 -35.06
N ILE E 55 -2.25 -15.32 -35.47
CA ILE E 55 -3.61 -15.28 -35.99
C ILE E 55 -3.52 -14.96 -37.48
N PRO E 56 -3.66 -15.95 -38.35
CA PRO E 56 -3.52 -15.69 -39.80
C PRO E 56 -4.65 -14.81 -40.30
N SER E 57 -4.56 -14.49 -41.58
CA SER E 57 -5.61 -13.72 -42.22
C SER E 57 -6.91 -14.51 -42.22
N PRO E 58 -8.04 -13.89 -41.87
CA PRO E 58 -9.32 -14.62 -41.91
C PRO E 58 -9.64 -15.11 -43.31
N GLN E 59 -10.31 -16.25 -43.38
CA GLN E 59 -10.82 -16.78 -44.63
C GLN E 59 -12.32 -16.58 -44.67
N VAL E 60 -12.82 -16.01 -45.76
CA VAL E 60 -14.24 -15.82 -45.96
C VAL E 60 -14.62 -16.50 -47.27
N LYS E 61 -15.40 -17.58 -47.17
CA LYS E 61 -16.09 -18.15 -48.31
C LYS E 61 -17.53 -17.71 -48.15
N CYS E 62 -17.82 -16.51 -48.61
CA CYS E 62 -18.97 -15.76 -48.10
C CYS E 62 -20.15 -15.73 -49.06
N CYS E 63 -20.33 -16.78 -49.86
CA CYS E 63 -21.68 -17.21 -50.24
C CYS E 63 -21.55 -18.72 -50.33
N GLY E 64 -21.78 -19.39 -49.22
CA GLY E 64 -21.45 -20.79 -49.08
C GLY E 64 -21.02 -21.08 -47.65
N SER E 65 -20.33 -22.20 -47.47
CA SER E 65 -19.99 -22.70 -46.14
C SER E 65 -18.54 -23.13 -46.09
N LEU E 66 -17.99 -23.08 -44.87
CA LEU E 66 -16.64 -23.52 -44.59
C LEU E 66 -16.65 -24.62 -43.55
N GLU E 67 -15.52 -25.30 -43.41
CA GLU E 67 -15.36 -26.40 -42.48
C GLU E 67 -14.07 -26.26 -41.68
N CYS E 68 -14.09 -26.78 -40.46
CA CYS E 68 -12.90 -26.82 -39.64
C CYS E 68 -12.02 -28.00 -40.04
N LYS E 69 -10.71 -27.81 -40.06
CA LYS E 69 -9.77 -28.87 -40.35
C LYS E 69 -8.85 -29.09 -39.16
N ALA E 70 -8.03 -30.12 -39.26
CA ALA E 70 -7.09 -30.49 -38.20
C ALA E 70 -5.67 -30.18 -38.64
N SER E 71 -4.92 -29.53 -37.76
CA SER E 71 -3.54 -29.15 -38.05
C SER E 71 -2.66 -29.47 -36.84
N SER E 72 -1.38 -29.66 -37.12
CA SER E 72 -0.40 -29.96 -36.09
C SER E 72 0.15 -28.72 -35.40
N LYS E 73 -0.21 -27.53 -35.87
CA LYS E 73 0.30 -26.30 -35.29
C LYS E 73 -0.10 -26.21 -33.82
N ALA E 74 0.82 -25.68 -33.02
CA ALA E 74 0.66 -25.70 -31.57
C ALA E 74 -0.61 -24.98 -31.14
N ASP E 75 -1.42 -25.67 -30.33
CA ASP E 75 -2.68 -25.13 -29.81
C ASP E 75 -3.54 -24.57 -30.93
N TYR E 76 -3.75 -25.37 -31.97
CA TYR E 76 -4.54 -24.94 -33.11
C TYR E 76 -6.00 -24.83 -32.70
N THR E 77 -6.55 -23.62 -32.77
CA THR E 77 -7.94 -23.37 -32.48
C THR E 77 -8.61 -22.82 -33.74
N CYS E 78 -9.74 -23.41 -34.11
CA CYS E 78 -10.46 -23.02 -35.30
C CYS E 78 -11.95 -22.89 -34.98
N ARG E 79 -12.61 -21.96 -35.65
CA ARG E 79 -14.05 -21.80 -35.49
C ARG E 79 -14.64 -21.18 -36.74
N VAL E 80 -15.88 -21.56 -37.02
CA VAL E 80 -16.60 -21.10 -38.21
C VAL E 80 -17.80 -20.28 -37.74
N PHE E 81 -17.92 -19.07 -38.25
CA PHE E 81 -19.01 -18.16 -37.92
C PHE E 81 -19.81 -17.84 -39.17
N GLY E 82 -21.14 -17.94 -39.04
CA GLY E 82 -22.01 -17.63 -40.16
C GLY E 82 -22.66 -16.27 -40.07
N GLY E 83 -23.16 -15.77 -41.20
CA GLY E 83 -23.82 -14.47 -41.25
C GLY E 83 -22.93 -13.31 -40.88
N VAL E 84 -21.73 -13.24 -41.46
CA VAL E 84 -20.75 -12.25 -41.03
C VAL E 84 -20.87 -10.94 -41.81
N TYR E 85 -20.77 -11.00 -43.14
CA TYR E 85 -20.74 -9.80 -43.99
C TYR E 85 -19.65 -8.84 -43.51
N PRO E 86 -18.38 -9.16 -43.72
CA PRO E 86 -17.31 -8.31 -43.20
C PRO E 86 -16.97 -7.16 -44.14
N PHE E 87 -16.36 -6.14 -43.55
CA PHE E 87 -15.98 -4.91 -44.25
C PHE E 87 -14.47 -4.73 -44.17
N MET E 88 -13.92 -4.12 -45.22
CA MET E 88 -12.56 -3.60 -45.20
C MET E 88 -12.60 -2.16 -45.67
N TRP E 89 -11.44 -1.56 -45.90
CA TRP E 89 -11.39 -0.19 -46.40
C TRP E 89 -11.79 -0.20 -47.86
N GLY E 90 -13.05 0.13 -48.12
CA GLY E 90 -13.59 0.07 -49.47
C GLY E 90 -15.03 -0.41 -49.45
N GLY E 91 -15.46 -0.99 -48.34
CA GLY E 91 -16.83 -1.41 -48.19
C GLY E 91 -16.96 -2.91 -48.02
N ALA E 92 -18.12 -3.40 -48.43
CA ALA E 92 -18.42 -4.82 -48.28
C ALA E 92 -17.54 -5.66 -49.21
N GLN E 93 -17.00 -6.74 -48.66
CA GLN E 93 -16.18 -7.69 -49.40
C GLN E 93 -17.01 -8.82 -49.98
N CYS E 94 -18.33 -8.76 -49.86
CA CYS E 94 -19.17 -9.90 -50.16
C CYS E 94 -20.41 -9.43 -50.90
N PHE E 95 -20.96 -10.32 -51.73
CA PHE E 95 -22.17 -10.02 -52.49
C PHE E 95 -23.43 -10.52 -51.80
N CYS E 96 -23.39 -11.70 -51.21
CA CYS E 96 -24.54 -12.22 -50.48
C CYS E 96 -24.59 -11.60 -49.09
N ASP E 97 -25.81 -11.30 -48.62
CA ASP E 97 -25.97 -10.57 -47.37
C ASP E 97 -25.66 -11.44 -46.15
N SER E 98 -26.35 -12.56 -46.01
CA SER E 98 -26.30 -13.32 -44.77
C SER E 98 -25.78 -14.74 -44.92
N GLU E 99 -25.51 -15.20 -46.13
CA GLU E 99 -24.96 -16.53 -46.36
C GLU E 99 -23.44 -16.54 -46.26
N ASN E 100 -22.85 -15.61 -45.52
CA ASN E 100 -21.42 -15.45 -45.46
C ASN E 100 -20.83 -16.23 -44.30
N THR E 101 -19.59 -16.69 -44.47
CA THR E 101 -18.93 -17.50 -43.46
C THR E 101 -17.50 -17.03 -43.26
N GLN E 102 -17.07 -16.93 -42.01
CA GLN E 102 -15.71 -16.56 -41.65
C GLN E 102 -15.07 -17.65 -40.82
N LEU E 103 -13.85 -18.04 -41.16
CA LEU E 103 -13.11 -19.07 -40.45
C LEU E 103 -11.96 -18.41 -39.71
N SER E 104 -12.02 -18.42 -38.38
CA SER E 104 -10.99 -17.83 -37.54
C SER E 104 -10.02 -18.90 -37.08
N GLU E 105 -8.73 -18.61 -37.18
CA GLU E 105 -7.68 -19.49 -36.72
C GLU E 105 -6.79 -18.76 -35.73
N ALA E 106 -6.19 -19.54 -34.82
CA ALA E 106 -5.20 -19.00 -33.89
C ALA E 106 -4.37 -20.17 -33.39
N TYR E 107 -3.07 -20.12 -33.60
CA TYR E 107 -2.16 -21.11 -33.07
C TYR E 107 -1.02 -20.41 -32.33
N VAL E 108 -0.01 -21.18 -31.96
CA VAL E 108 1.05 -20.72 -31.08
C VAL E 108 2.40 -21.04 -31.71
N GLU E 109 3.32 -20.09 -31.64
CA GLU E 109 4.68 -20.27 -32.13
C GLU E 109 5.66 -19.95 -31.00
N PHE E 110 6.95 -19.93 -31.35
CA PHE E 110 7.99 -19.49 -30.44
C PHE E 110 8.34 -18.04 -30.73
N ALA E 111 8.42 -17.23 -29.69
CA ALA E 111 8.70 -15.82 -29.87
C ALA E 111 10.09 -15.62 -30.48
N PRO E 112 10.27 -14.57 -31.28
CA PRO E 112 11.57 -14.38 -31.96
C PRO E 112 12.75 -14.26 -31.01
N ASP E 113 12.55 -13.69 -29.81
CA ASP E 113 13.62 -13.50 -28.85
C ASP E 113 13.80 -14.69 -27.91
N CYS E 114 13.22 -15.85 -28.26
CA CYS E 114 13.32 -17.02 -27.39
C CYS E 114 14.65 -17.75 -27.51
N THR E 115 15.50 -17.38 -28.47
CA THR E 115 16.84 -17.95 -28.51
C THR E 115 17.64 -17.60 -27.28
N ILE E 116 17.32 -16.49 -26.63
CA ILE E 116 18.03 -16.03 -25.43
C ILE E 116 17.20 -16.29 -24.17
N ASP E 117 15.93 -15.85 -24.18
CA ASP E 117 15.09 -15.90 -22.99
C ASP E 117 14.21 -17.14 -23.07
N HIS E 118 14.81 -18.29 -22.78
CA HIS E 118 14.09 -19.55 -22.71
C HIS E 118 14.56 -20.32 -21.49
N ALA E 119 13.76 -21.30 -21.10
CA ALA E 119 14.09 -22.19 -20.00
C ALA E 119 14.15 -23.62 -20.50
N VAL E 120 15.08 -24.38 -19.96
CA VAL E 120 15.26 -25.79 -20.29
C VAL E 120 14.88 -26.62 -19.07
N ALA E 121 13.91 -27.50 -19.24
CA ALA E 121 13.44 -28.36 -18.17
C ALA E 121 14.19 -29.69 -18.22
N LEU E 122 14.80 -30.07 -17.10
CA LEU E 122 15.65 -31.25 -17.01
C LEU E 122 15.27 -32.13 -15.84
N LYS E 123 15.49 -33.42 -16.00
CA LYS E 123 15.48 -34.38 -14.90
C LYS E 123 16.91 -34.86 -14.68
N VAL E 124 17.39 -34.78 -13.45
CA VAL E 124 18.77 -35.09 -13.12
C VAL E 124 18.80 -36.30 -12.19
N HIS E 125 19.66 -37.26 -12.52
CA HIS E 125 19.80 -38.51 -11.77
C HIS E 125 20.87 -38.37 -10.71
N THR E 126 21.30 -39.50 -10.16
CA THR E 126 22.34 -39.50 -9.12
C THR E 126 23.59 -38.82 -9.62
N ALA E 127 24.17 -37.98 -8.77
CA ALA E 127 25.34 -37.18 -9.11
C ALA E 127 26.62 -37.91 -8.75
N ALA E 128 27.71 -37.45 -9.36
CA ALA E 128 29.03 -38.04 -9.14
C ALA E 128 29.98 -36.96 -8.63
N LEU E 129 30.82 -37.33 -7.68
CA LEU E 129 31.80 -36.42 -7.11
C LEU E 129 33.15 -36.66 -7.78
N LYS E 130 33.77 -35.58 -8.24
CA LYS E 130 35.10 -35.61 -8.84
C LYS E 130 35.95 -34.57 -8.14
N VAL E 131 37.06 -35.01 -7.55
CA VAL E 131 37.87 -34.16 -6.69
C VAL E 131 39.26 -34.02 -7.28
N GLY E 132 39.80 -32.80 -7.21
CA GLY E 132 41.20 -32.56 -7.49
C GLY E 132 41.96 -32.51 -6.19
N LEU E 133 43.07 -33.23 -6.15
CA LEU E 133 43.84 -33.39 -4.91
C LEU E 133 45.25 -32.85 -5.07
N ARG E 134 45.84 -32.50 -3.92
CA ARG E 134 47.13 -31.81 -3.83
C ARG E 134 48.08 -32.59 -2.95
N ILE E 135 48.22 -33.89 -3.24
CA ILE E 135 48.97 -34.77 -2.36
C ILE E 135 50.43 -34.37 -2.32
N VAL E 136 50.95 -34.17 -1.11
CA VAL E 136 52.36 -33.88 -0.88
C VAL E 136 52.90 -34.98 0.00
N TYR E 137 53.83 -35.77 -0.53
CA TYR E 137 54.50 -36.83 0.21
C TYR E 137 56.00 -36.60 0.15
N GLY E 138 56.64 -36.52 1.31
CA GLY E 138 58.03 -36.11 1.33
C GLY E 138 58.15 -34.67 0.91
N ASN E 139 58.87 -34.43 -0.19
CA ASN E 139 59.02 -33.10 -0.76
C ASN E 139 58.61 -33.04 -2.22
N THR E 140 57.74 -33.95 -2.67
CA THR E 140 57.21 -33.95 -4.03
C THR E 140 55.71 -33.69 -3.98
N THR E 141 55.23 -32.83 -4.87
CA THR E 141 53.83 -32.44 -4.92
C THR E 141 53.21 -32.94 -6.22
N ALA E 142 52.07 -33.61 -6.11
CA ALA E 142 51.38 -34.16 -7.27
C ALA E 142 49.94 -33.68 -7.29
N HIS E 143 49.50 -33.24 -8.47
CA HIS E 143 48.12 -32.83 -8.69
C HIS E 143 47.42 -33.87 -9.56
N LEU E 144 46.35 -34.45 -9.05
CA LEU E 144 45.59 -35.42 -9.82
C LEU E 144 44.10 -35.25 -9.51
N ASP E 145 43.28 -35.70 -10.46
CA ASP E 145 41.83 -35.68 -10.31
C ASP E 145 41.32 -37.11 -10.29
N THR E 146 40.39 -37.38 -9.39
CA THR E 146 39.91 -38.74 -9.14
C THR E 146 38.40 -38.74 -9.12
N PHE E 147 37.82 -39.89 -9.43
CA PHE E 147 36.39 -40.12 -9.30
C PHE E 147 36.11 -40.71 -7.93
N VAL E 148 35.17 -40.12 -7.21
CA VAL E 148 34.87 -40.56 -5.83
C VAL E 148 33.79 -41.64 -5.98
N ASN E 149 34.25 -42.86 -6.24
CA ASN E 149 33.38 -44.03 -6.22
C ASN E 149 34.04 -45.28 -5.64
N GLY E 150 35.36 -45.27 -5.46
CA GLY E 150 36.08 -46.38 -4.87
C GLY E 150 36.57 -47.42 -5.84
N VAL E 151 36.36 -47.21 -7.14
CA VAL E 151 36.75 -48.20 -8.15
C VAL E 151 37.59 -47.62 -9.27
N THR E 152 37.65 -46.30 -9.46
CA THR E 152 38.38 -45.73 -10.58
C THR E 152 39.75 -45.25 -10.11
N PRO E 153 40.83 -45.87 -10.55
CA PRO E 153 42.18 -45.48 -10.07
C PRO E 153 42.82 -44.38 -10.92
N GLY E 154 42.38 -43.15 -10.70
CA GLY E 154 43.04 -42.02 -11.33
C GLY E 154 44.34 -41.70 -10.63
N SER E 155 45.38 -41.44 -11.42
CA SER E 155 46.70 -41.17 -10.86
C SER E 155 47.49 -40.30 -11.83
N SER E 156 48.01 -39.18 -11.31
CA SER E 156 48.75 -38.24 -12.14
C SER E 156 50.03 -38.85 -12.69
N ARG E 157 50.98 -39.17 -11.83
CA ARG E 157 52.25 -39.74 -12.28
C ARG E 157 52.51 -41.13 -11.74
N ASP E 158 52.60 -41.29 -10.42
CA ASP E 158 52.75 -42.63 -9.87
C ASP E 158 52.02 -42.82 -8.54
N LEU E 159 51.05 -41.98 -8.21
CA LEU E 159 50.47 -42.01 -6.87
C LEU E 159 49.53 -43.20 -6.69
N LYS E 160 48.71 -43.50 -7.69
CA LYS E 160 47.78 -44.63 -7.65
C LYS E 160 46.84 -44.52 -6.45
N VAL E 161 46.01 -43.48 -6.47
CA VAL E 161 45.07 -43.20 -5.38
C VAL E 161 43.70 -43.73 -5.80
N ILE E 162 42.98 -44.31 -4.84
CA ILE E 162 41.59 -44.72 -5.02
C ILE E 162 40.76 -43.99 -3.99
N ALA E 163 39.80 -43.19 -4.45
CA ALA E 163 38.98 -42.37 -3.56
C ALA E 163 37.70 -43.13 -3.23
N GLY E 164 37.58 -43.58 -1.99
CA GLY E 164 36.47 -44.39 -1.56
C GLY E 164 35.15 -43.64 -1.60
N PRO E 165 34.05 -44.37 -1.41
CA PRO E 165 32.73 -43.74 -1.52
C PRO E 165 32.53 -42.62 -0.51
N ILE E 166 31.83 -41.57 -0.94
CA ILE E 166 31.47 -40.48 -0.04
C ILE E 166 30.53 -41.01 1.04
N SER E 167 30.68 -40.48 2.26
CA SER E 167 29.89 -40.98 3.38
C SER E 167 28.40 -40.76 3.17
N ALA E 168 28.00 -39.55 2.78
CA ALA E 168 26.58 -39.21 2.62
C ALA E 168 26.33 -38.76 1.18
N ALA E 169 25.46 -39.48 0.49
CA ALA E 169 25.08 -39.13 -0.88
C ALA E 169 24.21 -37.89 -0.84
N PHE E 170 24.77 -36.76 -1.24
CA PHE E 170 24.10 -35.46 -1.17
C PHE E 170 24.04 -34.86 -2.55
N SER E 171 22.87 -34.33 -2.91
CA SER E 171 22.68 -33.68 -4.19
C SER E 171 21.94 -32.37 -3.96
N PRO E 172 22.52 -31.23 -4.34
CA PRO E 172 21.77 -29.96 -4.23
C PRO E 172 20.57 -29.90 -5.15
N PHE E 173 20.56 -30.68 -6.23
CA PHE E 173 19.49 -30.63 -7.21
C PHE E 173 18.36 -31.59 -6.84
N ASP E 174 17.14 -31.18 -7.13
CA ASP E 174 15.97 -32.04 -6.96
C ASP E 174 15.89 -32.98 -8.17
N HIS E 175 14.77 -33.68 -8.32
CA HIS E 175 14.60 -34.53 -9.50
C HIS E 175 14.33 -33.69 -10.74
N LYS E 176 13.65 -32.55 -10.60
CA LYS E 176 13.29 -31.70 -11.71
C LYS E 176 13.96 -30.34 -11.55
N VAL E 177 14.63 -29.88 -12.60
CA VAL E 177 15.46 -28.69 -12.58
C VAL E 177 15.13 -27.84 -13.79
N VAL E 178 15.08 -26.53 -13.60
CA VAL E 178 14.82 -25.57 -14.67
C VAL E 178 16.01 -24.63 -14.76
N ILE E 179 16.53 -24.45 -15.97
CA ILE E 179 17.69 -23.60 -16.22
C ILE E 179 17.28 -22.47 -17.15
N ARG E 180 17.43 -21.24 -16.67
CA ARG E 180 17.08 -20.06 -17.47
C ARG E 180 18.24 -19.06 -17.36
N LYS E 181 18.99 -18.91 -18.45
CA LYS E 181 20.08 -17.95 -18.54
C LYS E 181 21.09 -18.14 -17.40
N GLY E 182 21.39 -19.40 -17.11
CA GLY E 182 22.39 -19.72 -16.11
C GLY E 182 21.88 -19.89 -14.70
N LEU E 183 20.66 -19.43 -14.41
CA LEU E 183 20.09 -19.55 -13.07
C LEU E 183 19.33 -20.87 -12.97
N VAL E 184 19.73 -21.70 -12.03
CA VAL E 184 19.16 -23.03 -11.85
C VAL E 184 18.07 -22.95 -10.78
N TYR E 185 16.88 -23.43 -11.10
CA TYR E 185 15.76 -23.47 -10.18
C TYR E 185 15.33 -24.91 -9.96
N ASN E 186 14.78 -25.18 -8.78
CA ASN E 186 14.27 -26.50 -8.42
C ASN E 186 12.75 -26.45 -8.56
N TYR E 187 12.27 -26.66 -9.78
CA TYR E 187 10.85 -26.53 -10.09
C TYR E 187 10.28 -27.88 -10.54
N ASP E 188 9.13 -28.23 -9.98
CA ASP E 188 8.39 -29.43 -10.38
C ASP E 188 7.59 -29.10 -11.63
N PHE E 189 8.29 -29.05 -12.76
CA PHE E 189 7.66 -28.60 -13.99
C PHE E 189 6.67 -29.64 -14.51
N PRO E 190 5.64 -29.21 -15.22
CA PRO E 190 4.72 -30.17 -15.85
C PRO E 190 5.44 -31.04 -16.87
N GLU E 191 5.04 -32.31 -16.92
CA GLU E 191 5.68 -33.28 -17.78
C GLU E 191 5.43 -32.95 -19.24
N TYR E 192 6.17 -33.62 -20.12
CA TYR E 192 5.98 -33.43 -21.55
C TYR E 192 4.64 -34.00 -21.99
N GLY E 193 3.84 -33.16 -22.63
CA GLY E 193 2.51 -33.54 -23.07
C GLY E 193 1.41 -33.23 -22.07
N ALA E 194 1.76 -32.88 -20.84
CA ALA E 194 0.80 -32.47 -19.83
C ALA E 194 1.09 -31.01 -19.50
N MET E 195 0.48 -30.11 -20.26
CA MET E 195 0.72 -28.68 -20.15
C MET E 195 -0.53 -27.99 -19.62
N LYS E 196 -0.37 -27.20 -18.58
CA LYS E 196 -1.49 -26.50 -17.98
C LYS E 196 -1.51 -25.06 -18.43
N PRO E 197 -2.63 -24.55 -18.93
CA PRO E 197 -2.70 -23.14 -19.31
C PRO E 197 -2.45 -22.24 -18.11
N GLY E 198 -1.64 -21.21 -18.32
CA GLY E 198 -1.33 -20.26 -17.28
C GLY E 198 -0.22 -20.66 -16.33
N ALA E 199 0.48 -21.77 -16.61
CA ALA E 199 1.54 -22.25 -15.75
C ALA E 199 2.79 -22.53 -16.59
N PHE E 200 3.91 -22.70 -15.89
CA PHE E 200 5.18 -22.96 -16.57
C PHE E 200 5.07 -24.19 -17.45
N GLY E 201 5.58 -24.08 -18.67
CA GLY E 201 5.54 -25.20 -19.60
C GLY E 201 4.22 -25.38 -20.30
N ASP E 202 3.51 -24.30 -20.61
CA ASP E 202 2.32 -24.41 -21.44
C ASP E 202 2.66 -24.48 -22.92
N ILE E 203 3.92 -24.27 -23.27
CA ILE E 203 4.43 -24.50 -24.62
C ILE E 203 5.72 -25.29 -24.49
N GLN E 204 5.78 -26.44 -25.17
CA GLN E 204 6.89 -27.38 -25.01
C GLN E 204 7.37 -27.86 -26.36
N ALA E 205 8.68 -27.97 -26.50
CA ALA E 205 9.28 -28.50 -27.72
C ALA E 205 10.59 -29.18 -27.36
N SER E 206 11.03 -30.08 -28.23
CA SER E 206 12.31 -30.75 -28.01
C SER E 206 13.48 -29.82 -28.27
N SER E 207 13.26 -28.75 -29.02
CA SER E 207 14.30 -27.77 -29.32
C SER E 207 13.61 -26.49 -29.76
N LEU E 208 14.40 -25.40 -29.81
CA LEU E 208 13.85 -24.13 -30.27
C LEU E 208 13.58 -24.14 -31.77
N TYR E 209 14.31 -24.98 -32.52
CA TYR E 209 14.17 -25.08 -33.96
C TYR E 209 13.35 -26.30 -34.37
N ALA E 210 12.37 -26.66 -33.56
CA ALA E 210 11.57 -27.86 -33.78
C ALA E 210 10.26 -27.52 -34.48
N THR E 211 9.81 -28.45 -35.32
CA THR E 211 8.55 -28.35 -36.03
C THR E 211 7.43 -29.13 -35.34
N ASP E 212 7.67 -29.63 -34.15
CA ASP E 212 6.69 -30.43 -33.41
C ASP E 212 6.32 -29.77 -32.08
N ILE E 213 6.10 -28.45 -32.12
CA ILE E 213 5.72 -27.73 -30.91
C ILE E 213 4.35 -28.20 -30.45
N VAL E 214 4.19 -28.33 -29.14
CA VAL E 214 2.92 -28.66 -28.52
C VAL E 214 2.61 -27.62 -27.46
N ALA E 215 1.36 -27.16 -27.41
CA ALA E 215 0.99 -26.09 -26.50
C ALA E 215 -0.47 -26.24 -26.07
N ARG E 216 -0.79 -25.58 -24.97
CA ARG E 216 -2.15 -25.47 -24.46
C ARG E 216 -2.24 -24.14 -23.70
N THR E 217 -2.73 -23.11 -24.39
CA THR E 217 -2.80 -21.77 -23.82
C THR E 217 -4.22 -21.27 -23.66
N ASP E 218 -5.22 -22.12 -23.93
CA ASP E 218 -6.63 -21.78 -23.78
C ASP E 218 -7.02 -20.61 -24.69
N ILE E 219 -6.84 -20.82 -25.99
CA ILE E 219 -7.26 -19.85 -26.99
C ILE E 219 -8.75 -20.01 -27.19
N ARG E 220 -9.50 -18.92 -27.01
CA ARG E 220 -10.94 -18.90 -27.21
C ARG E 220 -11.26 -17.90 -28.31
N LEU E 221 -11.81 -18.40 -29.40
CA LEU E 221 -12.18 -17.57 -30.54
C LEU E 221 -13.60 -17.06 -30.36
N LEU E 222 -13.77 -15.76 -30.50
CA LEU E 222 -15.04 -15.10 -30.22
C LEU E 222 -15.74 -14.73 -31.52
N LYS E 223 -17.05 -14.49 -31.42
CA LYS E 223 -17.84 -14.12 -32.58
C LYS E 223 -17.54 -12.68 -32.97
N PRO E 224 -17.37 -12.38 -34.26
CA PRO E 224 -17.11 -10.99 -34.67
C PRO E 224 -18.33 -10.12 -34.43
N SER E 225 -18.14 -9.04 -33.68
CA SER E 225 -19.22 -8.15 -33.31
C SER E 225 -19.30 -6.89 -34.16
N VAL E 226 -18.20 -6.50 -34.80
CA VAL E 226 -18.16 -5.26 -35.56
C VAL E 226 -18.23 -5.57 -37.05
N LYS E 227 -18.47 -4.53 -37.85
CA LYS E 227 -18.63 -4.72 -39.29
C LYS E 227 -17.29 -4.95 -39.97
N ASN E 228 -16.23 -4.34 -39.47
CA ASN E 228 -14.92 -4.48 -40.09
C ASN E 228 -14.33 -5.86 -39.78
N ILE E 229 -13.40 -6.28 -40.63
CA ILE E 229 -12.87 -7.64 -40.54
C ILE E 229 -12.03 -7.78 -39.28
N HIS E 230 -12.34 -8.78 -38.48
CA HIS E 230 -11.73 -8.93 -37.17
C HIS E 230 -11.73 -10.40 -36.77
N VAL E 231 -10.67 -10.80 -36.08
CA VAL E 231 -10.63 -12.11 -35.43
C VAL E 231 -10.50 -11.87 -33.94
N PRO E 232 -11.60 -11.74 -33.21
CA PRO E 232 -11.50 -11.53 -31.76
C PRO E 232 -11.10 -12.81 -31.05
N TYR E 233 -10.21 -12.68 -30.08
CA TYR E 233 -9.75 -13.83 -29.32
C TYR E 233 -9.38 -13.37 -27.91
N THR E 234 -9.37 -14.34 -27.00
CA THR E 234 -8.87 -14.13 -25.66
C THR E 234 -8.04 -15.34 -25.26
N GLN E 235 -7.05 -15.12 -24.41
CA GLN E 235 -6.04 -16.13 -24.14
C GLN E 235 -5.56 -16.02 -22.71
N ALA E 236 -5.11 -17.15 -22.16
CA ALA E 236 -4.52 -17.15 -20.84
C ALA E 236 -3.14 -16.51 -20.88
N VAL E 237 -2.69 -16.05 -19.70
CA VAL E 237 -1.38 -15.40 -19.63
C VAL E 237 -0.28 -16.41 -19.89
N SER E 238 0.90 -15.90 -20.20
CA SER E 238 2.03 -16.77 -20.50
C SER E 238 2.55 -17.41 -19.22
N GLY E 239 2.55 -18.74 -19.18
CA GLY E 239 3.06 -19.42 -18.01
C GLY E 239 4.53 -19.15 -17.76
N TYR E 240 5.30 -18.98 -18.83
CA TYR E 240 6.71 -18.65 -18.68
C TYR E 240 6.89 -17.29 -17.98
N GLU E 241 6.13 -16.28 -18.39
CA GLU E 241 6.22 -14.98 -17.73
C GLU E 241 5.68 -15.03 -16.31
N MET E 242 4.62 -15.80 -16.07
CA MET E 242 4.11 -15.95 -14.70
C MET E 242 5.16 -16.59 -13.80
N TRP E 243 5.80 -17.65 -14.28
CA TRP E 243 6.86 -18.30 -13.51
C TRP E 243 8.05 -17.36 -13.31
N LYS E 244 8.34 -16.52 -14.31
CA LYS E 244 9.39 -15.53 -14.14
C LYS E 244 9.04 -14.54 -13.04
N ASN E 245 7.76 -14.18 -12.94
CA ASN E 245 7.33 -13.29 -11.86
C ASN E 245 7.39 -13.97 -10.51
N ASN E 246 7.16 -15.29 -10.46
CA ASN E 246 7.15 -16.03 -9.20
C ASN E 246 8.18 -17.16 -9.20
N SER E 247 9.43 -16.86 -9.57
CA SER E 247 10.45 -17.91 -9.62
C SER E 247 11.25 -18.02 -8.34
N GLY E 248 11.11 -17.06 -7.43
CA GLY E 248 11.88 -17.08 -6.21
C GLY E 248 13.36 -16.83 -6.46
N ARG E 249 14.18 -17.31 -5.55
CA ARG E 249 15.60 -17.15 -5.78
C ARG E 249 16.22 -18.46 -6.23
N PRO E 250 17.27 -18.41 -7.04
CA PRO E 250 17.80 -19.65 -7.64
C PRO E 250 18.57 -20.50 -6.65
N LEU E 251 18.96 -21.67 -7.14
CA LEU E 251 19.79 -22.60 -6.39
C LEU E 251 21.15 -22.01 -6.06
N GLN E 252 21.68 -21.13 -6.90
CA GLN E 252 22.92 -20.43 -6.57
C GLN E 252 22.79 -19.65 -5.27
N GLU E 253 21.57 -19.25 -4.91
CA GLU E 253 21.32 -18.48 -3.70
C GLU E 253 20.70 -19.30 -2.57
N THR E 254 20.16 -20.49 -2.85
CA THR E 254 19.54 -21.31 -1.81
C THR E 254 20.16 -22.70 -1.70
N ALA E 255 21.39 -22.88 -2.16
CA ALA E 255 21.98 -24.21 -2.12
C ALA E 255 22.51 -24.55 -0.73
N PRO E 256 22.50 -25.83 -0.36
CA PRO E 256 23.10 -26.25 0.90
C PRO E 256 24.58 -26.52 0.76
N PHE E 257 25.27 -26.50 1.91
CA PHE E 257 26.69 -26.85 2.01
C PHE E 257 27.59 -25.89 1.25
N GLY E 258 27.12 -24.68 0.97
CA GLY E 258 27.93 -23.68 0.31
C GLY E 258 28.41 -24.08 -1.07
N CYS E 259 27.56 -24.74 -1.84
CA CYS E 259 27.93 -25.18 -3.18
C CYS E 259 27.85 -24.03 -4.17
N LYS E 260 28.69 -24.08 -5.19
CA LYS E 260 28.66 -23.12 -6.29
C LYS E 260 27.99 -23.81 -7.48
N ILE E 261 26.74 -23.47 -7.74
CA ILE E 261 25.97 -24.11 -8.79
C ILE E 261 26.29 -23.43 -10.12
N GLU E 262 26.69 -24.23 -11.10
CA GLU E 262 27.12 -23.74 -12.40
C GLU E 262 26.46 -24.57 -13.49
N VAL E 263 26.46 -24.01 -14.71
CA VAL E 263 25.85 -24.64 -15.87
C VAL E 263 26.92 -24.87 -16.93
N GLU E 264 26.56 -25.70 -17.91
CA GLU E 264 27.42 -26.03 -19.05
C GLU E 264 28.73 -26.66 -18.60
N PRO E 265 28.72 -27.88 -18.06
CA PRO E 265 27.58 -28.75 -17.76
C PRO E 265 26.98 -28.43 -16.40
N LEU E 266 25.84 -29.01 -16.04
CA LEU E 266 25.26 -28.72 -14.74
C LEU E 266 26.07 -29.40 -13.65
N ARG E 267 26.59 -28.59 -12.72
CA ARG E 267 27.42 -29.12 -11.65
C ARG E 267 27.26 -28.21 -10.43
N ALA E 268 27.62 -28.78 -9.27
CA ALA E 268 27.77 -28.02 -8.05
C ALA E 268 29.21 -28.17 -7.60
N SER E 269 29.94 -27.07 -7.55
CA SER E 269 31.39 -27.11 -7.36
C SER E 269 31.76 -26.60 -5.98
N ASN E 270 32.77 -27.24 -5.39
CA ASN E 270 33.34 -26.85 -4.11
C ASN E 270 32.31 -26.93 -2.99
N CYS E 271 31.72 -28.11 -2.82
CA CYS E 271 30.82 -28.37 -1.70
C CYS E 271 31.62 -28.92 -0.52
N ALA E 272 31.09 -28.70 0.68
CA ALA E 272 31.74 -29.13 1.92
C ALA E 272 30.83 -30.11 2.64
N TYR E 273 30.95 -31.39 2.32
CA TYR E 273 30.07 -32.40 2.91
C TYR E 273 30.75 -33.76 2.86
N GLY E 274 30.59 -34.54 3.93
CA GLY E 274 31.03 -35.91 3.93
C GLY E 274 32.53 -36.08 4.08
N HIS E 275 32.95 -37.34 4.00
CA HIS E 275 34.34 -37.74 4.12
C HIS E 275 34.71 -38.66 2.97
N ILE E 276 35.94 -38.52 2.49
CA ILE E 276 36.45 -39.32 1.38
C ILE E 276 37.50 -40.31 1.87
N PRO E 277 37.23 -41.61 1.86
CA PRO E 277 38.20 -42.64 2.28
C PRO E 277 39.30 -42.91 1.26
N ILE E 278 40.33 -42.09 1.29
CA ILE E 278 41.39 -42.13 0.29
C ILE E 278 42.41 -43.20 0.63
N SER E 279 42.80 -43.98 -0.36
CA SER E 279 43.87 -44.97 -0.22
C SER E 279 44.95 -44.67 -1.26
N ILE E 280 46.19 -44.53 -0.81
CA ILE E 280 47.29 -44.08 -1.66
C ILE E 280 48.30 -45.22 -1.77
N ASP E 281 49.00 -45.26 -2.91
CA ASP E 281 50.06 -46.23 -3.17
C ASP E 281 51.36 -45.43 -3.34
N ILE E 282 52.05 -45.19 -2.24
CA ILE E 282 53.21 -44.29 -2.26
C ILE E 282 54.39 -45.01 -2.90
N PRO E 283 55.09 -44.39 -3.86
CA PRO E 283 56.29 -45.01 -4.42
C PRO E 283 57.36 -45.21 -3.35
N ASP E 284 58.13 -46.29 -3.50
CA ASP E 284 59.18 -46.59 -2.52
C ASP E 284 60.35 -45.63 -2.61
N ALA E 285 60.47 -44.87 -3.69
CA ALA E 285 61.59 -43.92 -3.81
C ALA E 285 61.48 -42.80 -2.80
N ALA E 286 60.25 -42.36 -2.48
CA ALA E 286 60.09 -41.24 -1.56
C ALA E 286 60.54 -41.59 -0.16
N PHE E 287 60.47 -42.85 0.21
CA PHE E 287 60.81 -43.27 1.57
C PHE E 287 62.32 -43.27 1.78
N VAL E 288 62.73 -42.92 3.00
CA VAL E 288 64.12 -42.85 3.38
C VAL E 288 64.35 -43.76 4.59
N ARG E 289 65.53 -44.39 4.61
CA ARG E 289 65.86 -45.34 5.67
C ARG E 289 65.98 -44.64 7.01
N SER E 290 65.87 -45.43 8.08
CA SER E 290 66.04 -44.88 9.42
C SER E 290 67.47 -44.41 9.63
N SER E 291 68.45 -45.15 9.10
CA SER E 291 69.85 -44.77 9.28
C SER E 291 70.19 -43.44 8.63
N GLU E 292 69.46 -43.03 7.59
CA GLU E 292 69.74 -41.76 6.94
C GLU E 292 69.12 -40.59 7.67
N SER E 293 67.86 -40.70 8.06
CA SER E 293 67.20 -39.59 8.73
C SER E 293 67.80 -39.37 10.12
N PRO E 294 67.83 -38.12 10.58
CA PRO E 294 68.36 -37.85 11.92
C PRO E 294 67.54 -38.57 12.99
N THR E 295 68.24 -39.02 14.04
CA THR E 295 67.61 -39.62 15.19
C THR E 295 67.59 -38.61 16.32
N ILE E 296 66.48 -38.58 17.06
CA ILE E 296 66.26 -37.59 18.11
C ILE E 296 66.38 -38.29 19.45
N LEU E 297 67.21 -37.74 20.34
CA LEU E 297 67.49 -38.42 21.60
C LEU E 297 66.50 -38.00 22.70
N GLU E 298 66.30 -36.70 22.89
CA GLU E 298 65.26 -36.28 23.81
C GLU E 298 64.56 -35.04 23.25
N VAL E 299 63.36 -34.81 23.77
CA VAL E 299 62.48 -33.75 23.27
C VAL E 299 61.39 -33.54 24.30
N SER E 300 60.91 -32.29 24.41
CA SER E 300 59.86 -31.94 25.36
C SER E 300 59.09 -30.72 24.86
N CYS E 301 57.80 -30.68 25.18
CA CYS E 301 56.92 -29.59 24.77
C CYS E 301 56.98 -28.44 25.76
N THR E 302 56.70 -27.23 25.27
CA THR E 302 56.41 -26.07 26.10
C THR E 302 55.52 -25.13 25.31
N VAL E 303 54.22 -25.14 25.62
CA VAL E 303 53.22 -24.38 24.90
C VAL E 303 53.10 -23.01 25.55
N ALA E 304 53.55 -21.98 24.85
CA ALA E 304 53.54 -20.63 25.40
C ALA E 304 52.12 -20.15 25.66
N ASP E 305 51.30 -20.07 24.61
CA ASP E 305 49.91 -19.70 24.77
C ASP E 305 49.12 -20.24 23.58
N CYS E 306 47.80 -20.31 23.75
CA CYS E 306 46.95 -20.88 22.72
C CYS E 306 45.51 -20.43 22.96
N ILE E 307 44.75 -20.36 21.86
CA ILE E 307 43.31 -20.20 21.90
C ILE E 307 42.73 -21.18 20.89
N TYR E 308 41.65 -21.86 21.26
CA TYR E 308 41.00 -22.77 20.32
C TYR E 308 40.21 -21.91 19.33
N SER E 309 40.75 -21.80 18.12
CA SER E 309 40.21 -20.91 17.10
C SER E 309 40.45 -21.52 15.73
N ALA E 310 39.72 -20.98 14.74
CA ALA E 310 39.83 -21.46 13.37
C ALA E 310 41.23 -21.22 12.81
N ASP E 311 41.83 -20.07 13.13
CA ASP E 311 43.15 -19.74 12.64
C ASP E 311 44.20 -20.48 13.46
N PHE E 312 45.47 -20.27 13.14
CA PHE E 312 46.57 -20.91 13.87
C PHE E 312 46.90 -20.09 15.11
N GLY E 313 45.91 -19.99 15.99
CA GLY E 313 46.06 -19.27 17.24
C GLY E 313 46.69 -20.14 18.31
N GLY E 314 47.84 -20.71 18.02
CA GLY E 314 48.57 -21.49 19.00
C GLY E 314 50.03 -21.54 18.63
N SER E 315 50.88 -21.61 19.64
CA SER E 315 52.32 -21.66 19.45
C SER E 315 52.89 -22.76 20.32
N LEU E 316 54.03 -23.31 19.90
CA LEU E 316 54.57 -24.50 20.53
C LEU E 316 56.08 -24.52 20.33
N THR E 317 56.82 -24.37 21.41
CA THR E 317 58.27 -24.46 21.38
C THR E 317 58.70 -25.76 22.04
N LEU E 318 59.54 -26.52 21.36
CA LEU E 318 60.03 -27.78 21.88
C LEU E 318 61.54 -27.84 21.72
N GLN E 319 62.22 -28.39 22.72
CA GLN E 319 63.67 -28.47 22.75
C GLN E 319 64.10 -29.88 22.42
N TYR E 320 64.90 -30.03 21.38
CA TYR E 320 65.40 -31.33 20.95
C TYR E 320 66.92 -31.35 21.05
N LYS E 321 67.46 -32.57 21.08
CA LYS E 321 68.90 -32.79 20.97
C LYS E 321 69.08 -33.78 19.83
N ALA E 322 69.59 -33.28 18.70
CA ALA E 322 69.81 -34.09 17.51
C ALA E 322 71.30 -34.33 17.32
N ASP E 323 71.63 -35.52 16.83
CA ASP E 323 73.02 -35.89 16.62
C ASP E 323 73.55 -35.48 15.25
N ARG E 324 72.70 -34.95 14.37
CA ARG E 324 73.11 -34.69 13.00
C ARG E 324 72.19 -33.66 12.39
N GLU E 325 72.69 -32.94 11.38
CA GLU E 325 71.87 -32.00 10.65
C GLU E 325 70.89 -32.74 9.75
N GLY E 326 70.03 -31.99 9.08
CA GLY E 326 69.10 -32.54 8.13
C GLY E 326 67.69 -32.10 8.45
N HIS E 327 66.71 -32.82 7.90
CA HIS E 327 65.31 -32.53 8.09
C HIS E 327 64.52 -33.81 8.25
N CYS E 328 63.60 -33.83 9.21
CA CYS E 328 62.60 -34.88 9.31
C CYS E 328 61.35 -34.33 9.99
N PRO E 329 60.17 -34.79 9.58
CA PRO E 329 58.94 -34.01 9.76
C PRO E 329 58.35 -34.10 11.16
N VAL E 330 57.43 -33.17 11.44
CA VAL E 330 56.67 -33.12 12.68
C VAL E 330 55.22 -33.48 12.39
N HIS E 331 54.54 -33.99 13.41
CA HIS E 331 53.14 -34.38 13.24
C HIS E 331 52.45 -34.34 14.60
N SER E 332 51.17 -33.99 14.59
CA SER E 332 50.33 -34.00 15.79
C SER E 332 49.43 -35.23 15.74
N HIS E 333 49.59 -36.13 16.70
CA HIS E 333 48.81 -37.36 16.75
C HIS E 333 47.50 -37.13 17.51
N SER E 334 46.75 -36.13 17.04
CA SER E 334 45.47 -35.82 17.63
C SER E 334 44.57 -35.22 16.56
N THR E 335 43.32 -35.69 16.51
CA THR E 335 42.35 -35.19 15.56
C THR E 335 41.98 -33.74 15.81
N THR E 336 41.97 -33.28 17.07
CA THR E 336 41.56 -31.92 17.38
C THR E 336 42.72 -30.92 17.39
N ALA E 337 43.92 -31.33 17.03
CA ALA E 337 45.07 -30.43 16.97
C ALA E 337 45.87 -30.72 15.72
N VAL E 338 46.15 -29.67 14.94
CA VAL E 338 46.83 -29.81 13.66
C VAL E 338 47.97 -28.80 13.61
N LEU E 339 49.11 -29.21 13.04
CA LEU E 339 50.30 -28.37 12.98
C LEU E 339 50.41 -27.68 11.64
N LYS E 340 50.64 -26.36 11.67
CA LYS E 340 50.77 -25.60 10.43
C LYS E 340 51.98 -26.06 9.62
N GLU E 341 53.11 -26.29 10.28
CA GLU E 341 54.31 -26.75 9.61
C GLU E 341 54.27 -28.26 9.39
N ALA E 342 55.04 -28.72 8.42
CA ALA E 342 55.15 -30.15 8.13
C ALA E 342 56.57 -30.68 8.25
N THR E 343 57.56 -29.95 7.75
CA THR E 343 58.95 -30.37 7.83
C THR E 343 59.79 -29.26 8.42
N THR E 344 60.81 -29.64 9.18
CA THR E 344 61.65 -28.69 9.89
C THR E 344 63.10 -29.05 9.71
N HIS E 345 63.97 -28.09 9.99
CA HIS E 345 65.42 -28.29 9.96
C HIS E 345 65.94 -28.33 11.40
N VAL E 346 66.63 -29.41 11.74
CA VAL E 346 67.12 -29.65 13.10
C VAL E 346 68.60 -29.31 13.15
N THR E 347 69.01 -28.58 14.19
CA THR E 347 70.38 -28.09 14.32
C THR E 347 70.92 -28.47 15.70
N ALA E 348 71.39 -29.70 15.83
CA ALA E 348 71.99 -30.20 17.07
C ALA E 348 71.14 -29.84 18.28
N THR E 349 71.69 -28.99 19.16
CA THR E 349 70.90 -28.35 20.20
C THR E 349 70.07 -27.26 19.55
N GLY E 350 68.76 -27.48 19.47
CA GLY E 350 67.94 -26.54 18.74
C GLY E 350 66.53 -26.53 19.28
N SER E 351 65.83 -25.44 18.99
CA SER E 351 64.43 -25.28 19.34
C SER E 351 63.71 -24.65 18.16
N ILE E 352 62.68 -25.32 17.68
CA ILE E 352 61.88 -24.85 16.57
C ILE E 352 60.47 -24.55 17.06
N THR E 353 59.98 -23.36 16.73
CA THR E 353 58.65 -22.93 17.12
C THR E 353 57.67 -23.38 16.04
N LEU E 354 56.69 -24.19 16.44
CA LEU E 354 55.64 -24.66 15.55
C LEU E 354 54.32 -24.05 15.98
N HIS E 355 53.55 -23.55 15.02
CA HIS E 355 52.20 -23.08 15.30
C HIS E 355 51.21 -24.20 15.04
N PHE E 356 50.15 -24.24 15.84
CA PHE E 356 49.11 -25.24 15.69
C PHE E 356 47.74 -24.58 15.82
N SER E 357 46.70 -25.37 15.55
CA SER E 357 45.32 -24.96 15.73
C SER E 357 44.59 -26.06 16.47
N THR E 358 43.64 -25.66 17.32
CA THR E 358 42.95 -26.62 18.16
C THR E 358 41.49 -26.22 18.30
N SER E 359 40.66 -27.22 18.61
CA SER E 359 39.25 -27.00 18.87
C SER E 359 38.85 -27.34 20.30
N SER E 360 39.77 -27.77 21.11
CA SER E 360 39.67 -28.11 22.52
C SER E 360 40.26 -26.99 23.37
N PRO E 361 39.80 -26.84 24.63
CA PRO E 361 40.44 -25.86 25.50
C PRO E 361 41.69 -26.42 26.15
N GLN E 362 42.52 -27.07 25.35
CA GLN E 362 43.72 -27.74 25.84
C GLN E 362 44.72 -27.87 24.72
N ALA E 363 46.00 -27.63 25.03
CA ALA E 363 47.10 -28.13 24.21
C ALA E 363 47.60 -29.44 24.84
N ASN E 364 46.73 -30.45 24.79
CA ASN E 364 46.97 -31.73 25.44
C ASN E 364 47.09 -32.85 24.41
N PHE E 365 47.87 -32.60 23.36
CA PHE E 365 48.07 -33.55 22.27
C PHE E 365 49.52 -34.01 22.26
N ILE E 366 49.86 -34.79 21.25
CA ILE E 366 51.18 -35.42 21.14
C ILE E 366 51.84 -34.93 19.86
N VAL E 367 53.08 -34.48 19.98
CA VAL E 367 53.87 -34.04 18.83
C VAL E 367 55.01 -35.02 18.64
N SER E 368 55.12 -35.57 17.44
CA SER E 368 56.21 -36.46 17.08
C SER E 368 57.12 -35.69 16.15
N LEU E 369 58.21 -35.15 16.68
CA LEU E 369 59.20 -34.49 15.85
C LEU E 369 60.15 -35.59 15.38
N CYS E 370 59.93 -36.05 14.15
CA CYS E 370 60.84 -36.96 13.48
C CYS E 370 60.96 -38.25 14.30
N GLY E 371 59.80 -38.75 14.71
CA GLY E 371 59.70 -39.74 15.76
C GLY E 371 59.59 -39.09 17.12
N LYS E 372 59.87 -39.87 18.16
CA LYS E 372 60.03 -39.36 19.53
C LYS E 372 58.83 -38.53 19.96
N LYS E 373 57.71 -39.23 20.11
CA LYS E 373 56.47 -38.61 20.56
C LYS E 373 56.67 -37.93 21.90
N THR E 374 56.00 -36.78 22.08
CA THR E 374 56.07 -36.04 23.32
C THR E 374 54.70 -35.50 23.68
N THR E 375 54.39 -35.54 24.97
CA THR E 375 53.11 -35.06 25.48
C THR E 375 53.24 -33.60 25.86
N CYS E 376 52.30 -32.79 25.36
CA CYS E 376 52.28 -31.36 25.62
C CYS E 376 51.08 -31.04 26.49
N ASN E 377 51.24 -30.06 27.37
CA ASN E 377 50.15 -29.66 28.26
C ASN E 377 50.15 -28.15 28.43
N ALA E 378 48.97 -27.55 28.35
CA ALA E 378 48.81 -26.12 28.53
C ALA E 378 47.32 -25.80 28.66
N GLU E 379 47.01 -24.51 28.77
CA GLU E 379 45.64 -24.02 28.85
C GLU E 379 45.35 -23.20 27.62
N CYS E 380 44.25 -23.52 26.94
CA CYS E 380 43.83 -22.80 25.73
C CYS E 380 42.59 -21.98 26.09
N LYS E 381 42.77 -20.66 26.22
CA LYS E 381 41.65 -19.80 26.55
C LYS E 381 40.74 -19.63 25.33
N PRO E 382 39.47 -19.25 25.54
CA PRO E 382 38.59 -19.01 24.40
C PRO E 382 39.07 -17.84 23.58
N PRO E 383 38.74 -17.80 22.29
CA PRO E 383 39.30 -16.75 21.41
C PRO E 383 38.67 -15.39 21.71
N ALA E 384 39.36 -14.36 21.23
CA ALA E 384 38.89 -12.99 21.48
C ALA E 384 37.79 -12.61 20.50
N ASP E 385 38.09 -12.58 19.21
CA ASP E 385 37.09 -12.20 18.21
C ASP E 385 36.00 -13.25 18.10
N HIS E 386 34.79 -12.80 17.80
CA HIS E 386 33.62 -13.67 17.76
C HIS E 386 33.41 -14.30 16.39
N ILE E 387 33.66 -13.54 15.32
CA ILE E 387 33.44 -13.99 13.95
C ILE E 387 34.78 -13.89 13.22
N ILE E 388 35.13 -14.95 12.49
CA ILE E 388 36.37 -15.01 11.76
C ILE E 388 36.05 -15.24 10.28
N GLY E 389 37.00 -14.87 9.43
CA GLY E 389 36.79 -14.97 8.00
C GLY E 389 37.49 -16.14 7.34
N GLU E 390 37.54 -17.29 8.03
CA GLU E 390 38.22 -18.46 7.50
C GLU E 390 37.67 -19.70 8.17
N PRO E 391 37.64 -20.85 7.50
CA PRO E 391 37.00 -22.03 8.06
C PRO E 391 37.86 -22.69 9.13
N HIS E 392 37.19 -23.50 9.97
CA HIS E 392 37.88 -24.23 11.01
C HIS E 392 38.66 -25.39 10.41
N LYS E 393 39.86 -25.63 10.95
CA LYS E 393 40.74 -26.67 10.41
C LYS E 393 40.53 -28.03 11.04
N VAL E 394 39.81 -28.12 12.16
CA VAL E 394 39.56 -29.38 12.82
C VAL E 394 38.12 -29.39 13.35
N ASP E 395 37.58 -30.60 13.48
CA ASP E 395 36.21 -30.80 13.93
C ASP E 395 36.16 -30.86 15.46
N GLN E 396 34.95 -30.62 15.98
CA GLN E 396 34.72 -30.59 17.42
C GLN E 396 34.38 -31.99 17.89
N GLU E 397 35.24 -32.57 18.73
CA GLU E 397 35.00 -33.86 19.34
C GLU E 397 34.53 -33.67 20.77
N PHE E 398 33.55 -34.48 21.18
CA PHE E 398 32.89 -34.26 22.46
C PHE E 398 33.87 -34.38 23.62
N GLN E 399 34.74 -35.40 23.58
CA GLN E 399 35.67 -35.61 24.68
C GLN E 399 36.61 -34.43 24.86
N ALA E 400 37.21 -33.96 23.76
CA ALA E 400 38.16 -32.86 23.85
C ALA E 400 37.49 -31.51 24.06
N ALA E 401 36.20 -31.41 23.74
CA ALA E 401 35.51 -30.13 23.86
C ALA E 401 35.32 -29.68 25.30
N VAL E 402 35.57 -30.55 26.28
CA VAL E 402 35.47 -30.20 27.69
C VAL E 402 36.87 -30.17 28.29
N SER E 403 37.08 -29.22 29.20
CA SER E 403 38.38 -28.95 29.78
C SER E 403 38.76 -29.99 30.82
N LYS E 404 40.02 -29.97 31.23
CA LYS E 404 40.45 -30.81 32.35
C LYS E 404 39.77 -30.42 33.65
N THR E 405 39.56 -29.12 33.88
CA THR E 405 38.88 -28.71 35.10
C THR E 405 37.45 -29.24 35.14
N SER E 406 36.73 -29.13 34.03
CA SER E 406 35.35 -29.63 33.99
C SER E 406 35.33 -31.15 34.05
N TRP E 407 36.28 -31.82 33.40
CA TRP E 407 36.37 -33.27 33.50
C TRP E 407 36.63 -33.69 34.93
N ASN E 408 37.57 -33.03 35.61
CA ASN E 408 37.86 -33.37 37.00
C ASN E 408 36.65 -33.15 37.89
N TRP E 409 35.93 -32.05 37.67
CA TRP E 409 34.77 -31.76 38.51
C TRP E 409 33.66 -32.77 38.30
N LEU E 410 33.34 -33.08 37.04
CA LEU E 410 32.31 -34.07 36.76
C LEU E 410 32.70 -35.45 37.25
N LEU E 411 33.97 -35.83 37.06
CA LEU E 411 34.44 -37.12 37.55
C LEU E 411 34.42 -37.19 39.07
N ALA E 412 34.77 -36.09 39.74
CA ALA E 412 34.69 -36.06 41.19
C ALA E 412 33.26 -36.21 41.67
N LEU E 413 32.32 -35.54 41.00
CA LEU E 413 30.91 -35.65 41.40
C LEU E 413 30.40 -37.07 41.20
N PHE E 414 30.65 -37.66 40.04
CA PHE E 414 30.16 -39.01 39.76
C PHE E 414 30.84 -40.03 40.66
N GLY E 415 32.15 -39.89 40.87
CA GLY E 415 32.86 -40.78 41.77
C GLY E 415 32.41 -40.63 43.21
N GLY E 416 32.04 -39.41 43.61
CA GLY E 416 31.48 -39.23 44.94
C GLY E 416 30.15 -39.93 45.10
N ALA E 417 29.29 -39.83 44.09
CA ALA E 417 28.04 -40.58 44.12
C ALA E 417 28.30 -42.08 44.22
N SER E 418 29.19 -42.59 43.36
CA SER E 418 29.49 -44.02 43.38
C SER E 418 30.14 -44.44 44.71
N SER E 419 30.99 -43.59 45.26
CA SER E 419 31.63 -43.90 46.53
C SER E 419 30.64 -43.92 47.67
N LEU E 420 29.67 -43.01 47.66
CA LEU E 420 28.63 -43.03 48.68
C LEU E 420 27.79 -44.30 48.56
N ILE E 421 27.43 -44.69 47.33
CA ILE E 421 26.61 -45.89 47.21
C ILE E 421 27.40 -47.14 47.59
N VAL E 422 28.70 -47.17 47.29
CA VAL E 422 29.47 -48.37 47.66
C VAL E 422 29.78 -48.38 49.15
N VAL E 423 29.91 -47.22 49.80
CA VAL E 423 30.07 -47.22 51.25
C VAL E 423 28.76 -47.66 51.91
N GLY E 424 27.62 -47.27 51.35
CA GLY E 424 26.36 -47.83 51.82
C GLY E 424 26.30 -49.33 51.64
N LEU E 425 26.79 -49.82 50.49
CA LEU E 425 26.80 -51.26 50.24
C LEU E 425 27.70 -52.00 51.22
N ILE E 426 28.88 -51.44 51.52
CA ILE E 426 29.81 -52.12 52.42
C ILE E 426 29.27 -52.11 53.85
N VAL E 427 28.67 -50.99 54.28
CA VAL E 427 28.07 -51.01 55.61
C VAL E 427 26.87 -51.95 55.64
N LEU E 428 26.17 -52.11 54.52
CA LEU E 428 25.08 -53.07 54.45
C LEU E 428 25.58 -54.50 54.64
N VAL E 429 26.62 -54.87 53.90
CA VAL E 429 27.12 -56.24 53.99
C VAL E 429 27.87 -56.49 55.30
N CYS E 430 28.29 -55.44 56.01
CA CYS E 430 28.88 -55.67 57.32
C CYS E 430 27.81 -55.75 58.41
N SER E 431 26.76 -54.92 58.31
CA SER E 431 25.70 -54.97 59.31
C SER E 431 24.86 -56.24 59.16
N SER E 432 24.76 -56.78 57.93
CA SER E 432 24.09 -58.06 57.76
C SER E 432 24.79 -59.18 58.53
N MET E 433 26.12 -59.27 58.37
CA MET E 433 26.88 -60.22 59.18
C MET E 433 26.80 -59.92 60.67
N LEU E 434 26.77 -58.63 61.03
CA LEU E 434 26.62 -58.28 62.44
C LEU E 434 25.32 -58.80 63.02
N ILE E 435 24.21 -58.63 62.28
CA ILE E 435 22.93 -59.15 62.71
C ILE E 435 22.95 -60.67 62.77
N ASN E 436 23.57 -61.30 61.77
CA ASN E 436 23.64 -62.76 61.76
C ASN E 436 24.39 -63.29 62.97
N THR E 437 25.51 -62.65 63.33
CA THR E 437 26.26 -63.06 64.50
C THR E 437 25.58 -62.68 65.81
N ARG E 438 24.73 -61.66 65.80
CA ARG E 438 23.96 -61.32 66.99
C ARG E 438 23.03 -62.45 67.39
N ARG E 439 22.40 -63.09 66.41
CA ARG E 439 21.55 -64.24 66.66
C ARG E 439 22.25 -65.53 66.22
N SER F 1 14.18 -19.53 -49.04
CA SER F 1 15.12 -18.74 -48.27
C SER F 1 14.48 -17.47 -47.75
N ILE F 2 15.22 -16.69 -46.97
CA ILE F 2 14.76 -15.42 -46.45
C ILE F 2 15.30 -14.33 -47.36
N THR F 3 14.41 -13.45 -47.82
CA THR F 3 14.77 -12.43 -48.80
C THR F 3 14.86 -11.06 -48.14
N ASP F 4 15.52 -10.14 -48.84
CA ASP F 4 15.54 -8.73 -48.49
C ASP F 4 15.07 -7.86 -49.65
N ASP F 5 14.44 -8.47 -50.66
CA ASP F 5 13.94 -7.74 -51.83
C ASP F 5 12.55 -7.23 -51.51
N PHE F 6 12.45 -5.94 -51.20
CA PHE F 6 11.16 -5.37 -50.81
C PHE F 6 10.38 -4.83 -52.00
N THR F 7 10.88 -5.01 -53.22
CA THR F 7 10.05 -4.74 -54.40
C THR F 7 8.94 -5.78 -54.54
N LEU F 8 9.17 -7.01 -54.08
CA LEU F 8 8.16 -8.06 -54.10
C LEU F 8 7.26 -8.02 -52.86
N THR F 9 7.41 -7.00 -52.02
CA THR F 9 6.64 -6.86 -50.79
C THR F 9 5.97 -5.50 -50.80
N SER F 10 4.78 -5.41 -50.19
CA SER F 10 4.03 -4.18 -50.17
C SER F 10 3.41 -3.95 -48.81
N PRO F 11 3.17 -2.69 -48.45
CA PRO F 11 2.44 -2.40 -47.20
C PRO F 11 0.94 -2.61 -47.38
N TYR F 12 0.23 -2.55 -46.26
CA TYR F 12 -1.21 -2.78 -46.27
C TYR F 12 -1.86 -1.82 -45.28
N LEU F 13 -3.17 -1.95 -45.14
CA LEU F 13 -3.96 -1.13 -44.23
C LEU F 13 -4.49 -2.03 -43.12
N GLY F 14 -4.22 -1.64 -41.87
CA GLY F 14 -4.71 -2.36 -40.72
C GLY F 14 -5.95 -1.72 -40.11
N PHE F 15 -6.38 -2.28 -38.99
CA PHE F 15 -7.52 -1.77 -38.24
C PHE F 15 -7.03 -1.43 -36.84
N CYS F 16 -6.68 -0.16 -36.64
CA CYS F 16 -6.14 0.27 -35.36
C CYS F 16 -7.26 0.44 -34.34
N PRO F 17 -7.08 -0.02 -33.10
CA PRO F 17 -8.11 0.18 -32.08
C PRO F 17 -8.20 1.60 -31.57
N TYR F 18 -7.18 2.42 -31.80
CA TYR F 18 -7.17 3.80 -31.28
C TYR F 18 -6.39 4.67 -32.27
N CYS F 19 -7.13 5.31 -33.19
CA CYS F 19 -6.53 6.26 -34.11
C CYS F 19 -6.43 7.63 -33.42
N ARG F 20 -6.15 8.68 -34.19
CA ARG F 20 -5.95 9.99 -33.59
C ARG F 20 -7.24 10.55 -33.01
N HIS F 21 -8.39 10.18 -33.55
CA HIS F 21 -9.68 10.66 -33.09
C HIS F 21 -10.29 9.76 -32.03
N SER F 22 -9.46 9.04 -31.26
CA SER F 22 -9.89 8.15 -30.19
C SER F 22 -10.94 7.13 -30.64
N ALA F 23 -10.96 6.78 -31.91
CA ALA F 23 -11.90 5.81 -32.45
C ALA F 23 -11.18 4.79 -33.30
N PRO F 24 -11.69 3.57 -33.40
CA PRO F 24 -11.12 2.60 -34.34
C PRO F 24 -11.24 3.09 -35.77
N CYS F 25 -10.19 2.89 -36.54
CA CYS F 25 -10.16 3.34 -37.92
C CYS F 25 -9.13 2.52 -38.69
N PHE F 26 -9.29 2.49 -40.02
CA PHE F 26 -8.32 1.84 -40.86
C PHE F 26 -7.09 2.73 -41.01
N SER F 27 -5.94 2.22 -40.58
CA SER F 27 -4.72 3.00 -40.50
C SER F 27 -3.67 2.43 -41.44
N PRO F 28 -2.76 3.26 -41.94
CA PRO F 28 -1.61 2.75 -42.68
C PRO F 28 -0.40 2.42 -41.80
N ILE F 29 -0.47 2.73 -40.51
CA ILE F 29 0.64 2.52 -39.58
C ILE F 29 0.20 1.64 -38.43
N LYS F 30 -0.70 0.70 -38.70
CA LYS F 30 -1.22 -0.17 -37.64
C LYS F 30 -0.09 -0.96 -36.98
N ILE F 31 -0.17 -1.07 -35.66
CA ILE F 31 0.85 -1.75 -34.87
C ILE F 31 0.41 -3.20 -34.67
N GLU F 32 1.20 -4.14 -35.16
CA GLU F 32 0.90 -5.57 -35.06
C GLU F 32 1.47 -6.19 -33.79
N ASN F 33 2.78 -6.05 -33.58
CA ASN F 33 3.44 -6.68 -32.44
C ASN F 33 4.43 -5.71 -31.81
N VAL F 34 4.61 -5.84 -30.50
CA VAL F 34 5.60 -5.07 -29.76
C VAL F 34 6.39 -6.03 -28.89
N TRP F 35 7.71 -5.94 -28.95
CA TRP F 35 8.60 -6.86 -28.25
C TRP F 35 9.52 -6.06 -27.32
N ASP F 36 9.40 -6.30 -26.01
CA ASP F 36 10.29 -5.67 -25.03
C ASP F 36 10.97 -6.78 -24.22
N GLU F 37 12.08 -7.28 -24.75
CA GLU F 37 12.94 -8.22 -24.03
C GLU F 37 14.33 -7.63 -23.77
N SER F 38 14.63 -6.48 -24.35
CA SER F 38 15.94 -5.87 -24.18
C SER F 38 16.13 -5.39 -22.76
N ASP F 39 17.34 -5.56 -22.24
CA ASP F 39 17.66 -5.15 -20.88
C ASP F 39 17.91 -3.64 -20.75
N ASP F 40 18.00 -2.92 -21.87
CA ASP F 40 18.21 -1.48 -21.82
C ASP F 40 16.98 -0.68 -22.20
N GLY F 41 15.81 -1.32 -22.28
CA GLY F 41 14.56 -0.62 -22.46
C GLY F 41 14.12 -0.43 -23.90
N SER F 42 14.88 -0.90 -24.88
CA SER F 42 14.45 -0.75 -26.26
C SER F 42 13.32 -1.73 -26.59
N ILE F 43 12.52 -1.35 -27.58
CA ILE F 43 11.37 -2.14 -28.01
C ILE F 43 11.38 -2.26 -29.52
N ARG F 44 10.90 -3.41 -30.01
CA ARG F 44 10.74 -3.65 -31.43
C ARG F 44 9.25 -3.58 -31.76
N ILE F 45 8.89 -2.74 -32.72
CA ILE F 45 7.51 -2.49 -33.08
C ILE F 45 7.30 -2.90 -34.53
N GLN F 46 6.28 -3.72 -34.79
CA GLN F 46 5.91 -4.09 -36.15
C GLN F 46 4.74 -3.22 -36.60
N VAL F 47 4.86 -2.64 -37.78
CA VAL F 47 3.92 -1.68 -38.32
C VAL F 47 3.59 -2.10 -39.74
N SER F 48 2.34 -1.86 -40.15
CA SER F 48 1.89 -2.26 -41.48
C SER F 48 2.66 -1.54 -42.59
N ALA F 49 3.25 -0.39 -42.29
CA ALA F 49 4.03 0.35 -43.27
C ALA F 49 5.42 -0.26 -43.42
N GLN F 50 6.17 0.26 -44.38
CA GLN F 50 7.53 -0.20 -44.63
C GLN F 50 8.50 0.98 -44.57
N PHE F 51 9.47 0.90 -43.68
CA PHE F 51 10.41 1.96 -43.41
C PHE F 51 11.77 1.64 -44.03
N GLY F 52 12.45 2.68 -44.49
CA GLY F 52 13.74 2.50 -45.12
C GLY F 52 13.70 2.15 -46.58
N TYR F 53 12.52 2.10 -47.18
CA TYR F 53 12.37 1.76 -48.60
C TYR F 53 11.45 2.78 -49.25
N ASN F 54 11.70 3.05 -50.54
CA ASN F 54 10.94 4.06 -51.27
C ASN F 54 9.76 3.41 -51.97
N GLN F 55 9.10 4.17 -52.85
CA GLN F 55 7.88 3.70 -53.50
C GLN F 55 8.12 2.44 -54.33
N ALA F 56 9.15 2.45 -55.19
CA ALA F 56 9.40 1.31 -56.05
C ALA F 56 9.91 0.09 -55.28
N GLY F 57 10.34 0.26 -54.03
CA GLY F 57 10.85 -0.83 -53.22
C GLY F 57 12.33 -0.80 -52.98
N THR F 58 13.08 0.02 -53.73
CA THR F 58 14.52 0.10 -53.54
C THR F 58 14.83 0.73 -52.18
N ALA F 59 16.01 0.40 -51.65
CA ALA F 59 16.40 0.90 -50.34
C ALA F 59 16.62 2.41 -50.38
N ASP F 60 16.07 3.11 -49.39
CA ASP F 60 16.31 4.54 -49.22
C ASP F 60 16.05 4.85 -47.75
N VAL F 61 17.12 5.13 -47.00
CA VAL F 61 17.05 5.21 -45.55
C VAL F 61 16.09 6.30 -45.08
N THR F 62 15.89 7.34 -45.87
CA THR F 62 15.09 8.48 -45.47
C THR F 62 13.64 8.41 -45.91
N LYS F 63 13.22 7.34 -46.59
CA LYS F 63 11.86 7.23 -47.08
C LYS F 63 11.16 6.03 -46.45
N PHE F 64 9.84 6.14 -46.31
CA PHE F 64 9.00 5.01 -45.95
C PHE F 64 7.79 5.01 -46.87
N ARG F 65 7.30 3.81 -47.19
CA ARG F 65 6.15 3.64 -48.05
C ARG F 65 4.94 3.19 -47.23
N TYR F 66 3.76 3.63 -47.63
CA TYR F 66 2.53 3.31 -46.94
C TYR F 66 1.41 3.15 -47.97
N MET F 67 0.37 2.43 -47.57
CA MET F 67 -0.77 2.18 -48.44
C MET F 67 -1.70 3.39 -48.42
N SER F 68 -2.21 3.75 -49.59
CA SER F 68 -3.00 4.96 -49.75
C SER F 68 -4.47 4.69 -49.45
N TYR F 69 -5.16 5.74 -48.98
CA TYR F 69 -6.60 5.71 -48.86
C TYR F 69 -7.31 5.93 -50.18
N ASP F 70 -6.57 6.28 -51.23
CA ASP F 70 -7.16 6.52 -52.53
C ASP F 70 -7.78 5.23 -53.08
N HIS F 71 -8.61 5.39 -54.09
CA HIS F 71 -9.34 4.28 -54.69
C HIS F 71 -8.55 3.60 -55.81
N ASP F 72 -7.38 4.11 -56.15
CA ASP F 72 -6.55 3.51 -57.20
C ASP F 72 -5.46 2.60 -56.65
N HIS F 73 -5.46 2.32 -55.35
CA HIS F 73 -4.53 1.36 -54.75
C HIS F 73 -3.07 1.69 -55.05
N ASP F 74 -2.67 2.91 -54.71
CA ASP F 74 -1.27 3.27 -54.91
C ASP F 74 -0.50 3.16 -53.59
N ILE F 75 0.82 3.10 -53.71
CA ILE F 75 1.71 3.07 -52.56
C ILE F 75 2.47 4.39 -52.54
N LYS F 76 2.19 5.23 -51.56
CA LYS F 76 2.85 6.53 -51.46
C LYS F 76 4.07 6.44 -50.57
N GLU F 77 5.01 7.35 -50.78
CA GLU F 77 6.20 7.45 -49.96
C GLU F 77 6.25 8.81 -49.29
N ASP F 78 6.91 8.86 -48.13
CA ASP F 78 7.03 10.08 -47.36
C ASP F 78 8.34 10.01 -46.58
N SER F 79 8.81 11.18 -46.14
CA SER F 79 10.09 11.24 -45.44
C SER F 79 9.97 10.63 -44.05
N MET F 80 11.03 9.94 -43.63
CA MET F 80 11.08 9.31 -42.31
C MET F 80 11.09 10.32 -41.17
N GLU F 81 11.35 11.59 -41.45
CA GLU F 81 11.37 12.60 -40.40
C GLU F 81 10.01 12.77 -39.74
N LYS F 82 8.94 12.26 -40.36
CA LYS F 82 7.60 12.40 -39.83
C LYS F 82 7.18 11.24 -38.93
N ILE F 83 8.07 10.30 -38.66
CA ILE F 83 7.72 9.12 -37.88
C ILE F 83 8.14 9.36 -36.43
N ALA F 84 7.17 9.33 -35.52
CA ALA F 84 7.41 9.52 -34.10
C ALA F 84 6.82 8.35 -33.34
N ILE F 85 7.56 7.85 -32.35
CA ILE F 85 7.09 6.80 -31.46
C ILE F 85 6.99 7.39 -30.06
N SER F 86 5.94 7.01 -29.34
CA SER F 86 5.76 7.50 -27.97
C SER F 86 5.10 6.41 -27.13
N THR F 87 5.48 6.35 -25.86
CA THR F 87 4.86 5.45 -24.89
C THR F 87 4.12 6.24 -23.81
N SER F 88 4.82 7.13 -23.14
CA SER F 88 4.24 8.18 -22.31
C SER F 88 4.77 9.55 -22.73
N GLY F 89 6.06 9.63 -23.05
CA GLY F 89 6.62 10.78 -23.71
C GLY F 89 7.24 10.36 -25.02
N PRO F 90 7.92 11.27 -25.71
CA PRO F 90 8.56 10.92 -26.98
C PRO F 90 9.66 9.89 -26.78
N CYS F 91 9.80 9.01 -27.77
CA CYS F 91 10.77 7.94 -27.74
C CYS F 91 11.87 8.18 -28.78
N ARG F 92 13.06 7.70 -28.47
CA ARG F 92 14.23 7.88 -29.33
C ARG F 92 14.30 6.74 -30.34
N ARG F 93 14.18 7.06 -31.62
CA ARG F 93 14.23 6.04 -32.66
C ARG F 93 15.67 5.55 -32.84
N LEU F 94 15.82 4.23 -32.90
CA LEU F 94 17.13 3.59 -32.97
C LEU F 94 17.43 2.93 -34.32
N GLY F 95 16.40 2.54 -35.05
CA GLY F 95 16.60 1.90 -36.35
C GLY F 95 15.28 1.51 -36.97
N HIS F 96 15.33 1.22 -38.26
CA HIS F 96 14.13 0.85 -38.98
C HIS F 96 14.50 0.03 -40.22
N LYS F 97 13.69 -0.99 -40.50
CA LYS F 97 13.82 -1.76 -41.72
C LYS F 97 12.54 -2.53 -41.95
N GLY F 98 11.92 -2.34 -43.11
CA GLY F 98 10.69 -3.05 -43.40
C GLY F 98 9.56 -2.66 -42.47
N TYR F 99 8.90 -3.67 -41.91
CA TYR F 99 7.78 -3.44 -41.01
C TYR F 99 8.22 -3.08 -39.61
N PHE F 100 9.52 -3.06 -39.33
CA PHE F 100 10.01 -3.09 -37.96
C PHE F 100 10.72 -1.79 -37.59
N LEU F 101 10.46 -1.33 -36.36
CA LEU F 101 11.08 -0.15 -35.80
C LEU F 101 11.72 -0.50 -34.47
N LEU F 102 12.76 0.25 -34.13
CA LEU F 102 13.43 0.13 -32.83
C LEU F 102 13.40 1.48 -32.14
N ALA F 103 13.05 1.49 -30.86
CA ALA F 103 12.95 2.73 -30.12
C ALA F 103 13.26 2.48 -28.65
N GLN F 104 13.82 3.49 -28.00
CA GLN F 104 14.05 3.47 -26.55
C GLN F 104 12.94 4.29 -25.89
N CYS F 105 12.14 3.64 -25.05
CA CYS F 105 10.92 4.27 -24.60
C CYS F 105 10.85 4.34 -23.08
N PRO F 106 10.31 5.41 -22.53
CA PRO F 106 10.03 5.47 -21.10
C PRO F 106 8.89 4.53 -20.73
N PRO F 107 8.72 4.20 -19.46
CA PRO F 107 7.61 3.31 -19.07
C PRO F 107 6.26 3.94 -19.36
N GLY F 108 5.28 3.08 -19.61
CA GLY F 108 3.94 3.53 -19.88
C GLY F 108 3.02 2.35 -20.10
N ASP F 109 1.75 2.66 -20.37
CA ASP F 109 0.73 1.65 -20.58
C ASP F 109 0.32 1.48 -22.04
N SER F 110 0.86 2.28 -22.95
CA SER F 110 0.48 2.21 -24.36
C SER F 110 1.65 2.62 -25.23
N VAL F 111 1.56 2.26 -26.51
CA VAL F 111 2.59 2.56 -27.50
C VAL F 111 1.92 3.16 -28.72
N THR F 112 2.46 4.28 -29.21
CA THR F 112 1.88 5.04 -30.30
C THR F 112 2.92 5.22 -31.41
N VAL F 113 2.46 5.12 -32.65
CA VAL F 113 3.26 5.45 -33.83
C VAL F 113 2.50 6.49 -34.63
N SER F 114 3.17 7.60 -34.96
CA SER F 114 2.53 8.74 -35.56
C SER F 114 3.24 9.14 -36.84
N ILE F 115 2.45 9.65 -37.78
CA ILE F 115 2.95 10.42 -38.91
C ILE F 115 2.60 11.87 -38.62
N THR F 116 3.60 12.66 -38.22
CA THR F 116 3.34 13.93 -37.58
C THR F 116 3.07 15.08 -38.55
N SER F 117 3.21 14.86 -39.85
CA SER F 117 2.98 15.91 -40.83
C SER F 117 2.67 15.28 -42.18
N GLY F 118 2.06 16.08 -43.05
CA GLY F 118 1.79 15.65 -44.40
C GLY F 118 0.33 15.30 -44.62
N ALA F 119 0.08 14.64 -45.75
CA ALA F 119 -1.28 14.22 -46.08
C ALA F 119 -1.79 13.17 -45.10
N SER F 120 -0.97 12.16 -44.82
CA SER F 120 -1.39 11.04 -43.97
C SER F 120 -1.02 11.24 -42.51
N GLU F 121 -1.42 12.36 -41.92
CA GLU F 121 -1.21 12.59 -40.49
C GLU F 121 -2.17 11.70 -39.72
N ASN F 122 -1.63 10.81 -38.88
CA ASN F 122 -2.44 9.81 -38.21
C ASN F 122 -1.71 9.31 -36.98
N SER F 123 -2.27 8.29 -36.34
CA SER F 123 -1.71 7.70 -35.14
C SER F 123 -2.25 6.29 -34.99
N CYS F 124 -1.58 5.50 -34.16
CA CYS F 124 -2.06 4.17 -33.81
C CYS F 124 -1.55 3.83 -32.43
N THR F 125 -2.46 3.74 -31.46
CA THR F 125 -2.11 3.44 -30.08
C THR F 125 -2.58 2.03 -29.74
N VAL F 126 -1.67 1.23 -29.18
CA VAL F 126 -1.99 -0.11 -28.72
C VAL F 126 -1.63 -0.21 -27.25
N GLU F 127 -2.31 -1.12 -26.55
CA GLU F 127 -2.11 -1.32 -25.12
C GLU F 127 -0.94 -2.28 -24.93
N LYS F 128 0.17 -1.76 -24.41
CA LYS F 128 1.33 -2.59 -24.09
C LYS F 128 1.96 -2.10 -22.81
N LYS F 129 2.25 -3.02 -21.92
CA LYS F 129 2.78 -2.71 -20.59
C LYS F 129 4.30 -2.60 -20.69
N ILE F 130 4.81 -1.37 -20.72
CA ILE F 130 6.24 -1.12 -20.81
C ILE F 130 6.74 -0.69 -19.43
N ARG F 131 7.67 -1.44 -18.87
CA ARG F 131 8.19 -1.20 -17.53
C ARG F 131 9.71 -0.99 -17.56
N ARG F 132 10.19 -0.32 -16.53
CA ARG F 132 11.62 -0.08 -16.37
C ARG F 132 12.33 -1.39 -16.04
N LYS F 133 13.48 -1.60 -16.68
CA LYS F 133 14.23 -2.84 -16.54
C LYS F 133 15.63 -2.54 -16.03
N PHE F 134 16.12 -3.40 -15.13
CA PHE F 134 17.47 -3.31 -14.63
C PHE F 134 18.10 -4.69 -14.63
N VAL F 135 19.43 -4.72 -14.72
CA VAL F 135 20.19 -5.97 -14.70
C VAL F 135 20.86 -6.10 -13.34
N GLY F 136 20.78 -7.29 -12.76
CA GLY F 136 21.48 -7.56 -11.52
C GLY F 136 20.59 -7.51 -10.30
N ARG F 137 21.23 -7.29 -9.16
CA ARG F 137 20.58 -7.31 -7.87
C ARG F 137 20.51 -5.91 -7.23
N GLU F 138 20.60 -4.86 -8.04
CA GLU F 138 20.45 -3.49 -7.57
C GLU F 138 19.68 -2.69 -8.60
N GLU F 139 18.74 -1.87 -8.13
CA GLU F 139 17.91 -1.08 -9.03
C GLU F 139 18.61 0.22 -9.40
N TYR F 140 18.36 0.67 -10.63
CA TYR F 140 18.91 1.94 -11.07
C TYR F 140 18.00 2.55 -12.12
N LEU F 141 18.13 3.86 -12.30
CA LEU F 141 17.39 4.57 -13.34
C LEU F 141 18.13 4.55 -14.66
N PHE F 142 19.38 4.97 -14.67
CA PHE F 142 20.27 4.82 -15.80
C PHE F 142 21.60 4.29 -15.29
N PRO F 143 22.38 3.61 -16.12
CA PRO F 143 23.58 2.91 -15.64
C PRO F 143 24.57 3.87 -15.01
N PRO F 144 25.29 3.41 -13.99
CA PRO F 144 26.32 4.24 -13.37
C PRO F 144 27.63 4.20 -14.15
N VAL F 145 28.48 5.19 -13.87
CA VAL F 145 29.81 5.20 -14.47
C VAL F 145 30.68 4.09 -13.89
N HIS F 146 30.65 3.94 -12.57
CA HIS F 146 31.44 2.94 -11.88
C HIS F 146 30.56 1.76 -11.49
N GLY F 147 31.04 0.55 -11.79
CA GLY F 147 30.33 -0.64 -11.41
C GLY F 147 31.08 -1.87 -11.89
N LYS F 148 30.36 -2.98 -11.92
CA LYS F 148 30.91 -4.21 -12.48
C LYS F 148 30.19 -4.54 -13.78
N LEU F 149 30.84 -5.37 -14.59
CA LEU F 149 30.35 -5.70 -15.92
C LEU F 149 29.76 -7.11 -15.90
N LEU F 150 28.44 -7.21 -16.00
CA LEU F 150 27.74 -8.48 -16.13
C LEU F 150 27.31 -8.69 -17.57
N LYS F 151 26.56 -9.77 -17.79
CA LYS F 151 26.04 -10.09 -19.11
C LYS F 151 24.60 -9.62 -19.23
N CYS F 152 24.34 -8.76 -20.21
CA CYS F 152 22.99 -8.31 -20.52
C CYS F 152 22.76 -8.52 -22.01
N HIS F 153 21.52 -8.84 -22.36
CA HIS F 153 21.13 -9.07 -23.74
C HIS F 153 20.28 -7.91 -24.22
N ILE F 154 20.72 -7.26 -25.30
CA ILE F 154 20.03 -6.09 -25.82
C ILE F 154 19.84 -6.24 -27.33
N TYR F 155 18.94 -5.43 -27.86
CA TYR F 155 18.65 -5.45 -29.30
C TYR F 155 19.78 -4.75 -30.04
N ASP F 156 20.37 -5.46 -31.00
CA ASP F 156 21.38 -4.84 -31.85
C ASP F 156 20.78 -3.71 -32.67
N HIS F 157 21.43 -2.55 -32.65
CA HIS F 157 20.95 -1.41 -33.41
C HIS F 157 21.12 -1.60 -34.92
N LEU F 158 21.88 -2.60 -35.35
CA LEU F 158 22.12 -2.81 -36.77
C LEU F 158 20.96 -3.58 -37.39
N LYS F 159 20.44 -3.06 -38.49
CA LYS F 159 19.33 -3.69 -39.18
C LYS F 159 19.76 -4.93 -39.96
N GLU F 160 21.05 -5.17 -40.11
CA GLU F 160 21.51 -6.34 -40.85
C GLU F 160 21.29 -7.63 -40.05
N THR F 161 21.35 -7.56 -38.73
CA THR F 161 21.12 -8.73 -37.90
C THR F 161 19.67 -9.16 -37.96
N SER F 162 19.43 -10.46 -37.73
CA SER F 162 18.09 -11.02 -37.78
C SER F 162 17.81 -11.80 -36.50
N ALA F 163 16.60 -11.62 -35.96
CA ALA F 163 16.14 -12.34 -34.78
C ALA F 163 15.08 -13.38 -35.12
N GLY F 164 14.87 -13.66 -36.39
CA GLY F 164 13.84 -14.59 -36.81
C GLY F 164 13.35 -14.25 -38.20
N TYR F 165 12.08 -14.56 -38.46
CA TYR F 165 11.49 -14.26 -39.75
C TYR F 165 9.98 -14.14 -39.59
N ILE F 166 9.37 -13.50 -40.59
CA ILE F 166 7.92 -13.42 -40.71
C ILE F 166 7.54 -13.96 -42.07
N THR F 167 6.32 -14.49 -42.17
CA THR F 167 5.85 -15.14 -43.38
C THR F 167 5.08 -14.16 -44.26
N MET F 168 5.38 -14.17 -45.54
CA MET F 168 4.79 -13.25 -46.50
C MET F 168 3.91 -14.04 -47.46
N HIS F 169 2.65 -13.62 -47.59
CA HIS F 169 1.65 -14.40 -48.32
C HIS F 169 1.07 -13.59 -49.47
N ARG F 170 0.43 -14.30 -50.38
CA ARG F 170 -0.16 -13.66 -51.55
C ARG F 170 -1.28 -12.71 -51.12
N PRO F 171 -1.33 -11.50 -51.69
CA PRO F 171 -2.34 -10.53 -51.25
C PRO F 171 -3.74 -10.99 -51.62
N GLY F 172 -4.67 -10.87 -50.67
CA GLY F 172 -6.03 -11.29 -50.90
C GLY F 172 -6.84 -10.25 -51.64
N PRO F 173 -8.07 -10.62 -51.98
CA PRO F 173 -8.95 -9.68 -52.67
C PRO F 173 -9.28 -8.49 -51.78
N HIS F 174 -9.40 -7.32 -52.41
CA HIS F 174 -9.76 -6.08 -51.72
C HIS F 174 -10.86 -5.40 -52.53
N ALA F 175 -12.11 -5.75 -52.22
CA ALA F 175 -13.23 -5.19 -52.94
C ALA F 175 -13.42 -3.72 -52.59
N TYR F 176 -13.71 -2.90 -53.61
CA TYR F 176 -13.96 -1.49 -53.42
C TYR F 176 -15.34 -1.14 -53.94
N LYS F 177 -16.09 -0.38 -53.14
CA LYS F 177 -17.42 0.06 -53.56
C LYS F 177 -17.34 1.09 -54.67
N SER F 178 -16.19 1.74 -54.84
CA SER F 178 -16.05 2.77 -55.86
C SER F 178 -16.04 2.19 -57.27
N TYR F 179 -15.89 0.87 -57.41
CA TYR F 179 -15.86 0.26 -58.72
C TYR F 179 -17.23 -0.19 -59.20
N LEU F 180 -18.28 0.03 -58.42
CA LEU F 180 -19.64 -0.30 -58.80
C LEU F 180 -20.45 0.99 -58.91
N LYS F 181 -21.08 1.19 -60.07
CA LYS F 181 -21.75 2.45 -60.36
C LYS F 181 -23.20 2.47 -59.88
N GLU F 182 -24.03 1.54 -60.39
CA GLU F 182 -25.43 1.42 -59.99
C GLU F 182 -26.23 2.68 -60.34
N ALA F 183 -25.83 3.38 -61.40
CA ALA F 183 -26.53 4.61 -61.77
C ALA F 183 -27.93 4.33 -62.31
N SER F 184 -28.03 3.38 -63.24
CA SER F 184 -29.31 3.03 -63.83
C SER F 184 -29.94 1.89 -63.03
N GLY F 185 -31.03 1.33 -63.54
CA GLY F 185 -31.65 0.19 -62.88
C GLY F 185 -30.73 -1.00 -62.77
N GLU F 186 -29.81 -1.13 -63.73
CA GLU F 186 -28.84 -2.21 -63.72
C GLU F 186 -27.57 -1.77 -62.97
N VAL F 187 -26.57 -2.65 -62.97
CA VAL F 187 -25.33 -2.41 -62.26
C VAL F 187 -24.18 -2.33 -63.26
N TYR F 188 -23.45 -1.22 -63.21
CA TYR F 188 -22.27 -1.01 -64.03
C TYR F 188 -21.01 -1.15 -63.18
N ILE F 189 -19.92 -1.56 -63.82
CA ILE F 189 -18.62 -1.65 -63.17
C ILE F 189 -17.70 -0.61 -63.78
N LYS F 190 -16.95 0.07 -62.92
CA LYS F 190 -16.12 1.21 -63.32
C LYS F 190 -14.71 1.00 -62.80
N PRO F 191 -13.86 0.32 -63.55
CA PRO F 191 -12.47 0.12 -63.12
C PRO F 191 -11.73 1.44 -63.08
N PRO F 192 -10.72 1.57 -62.21
CA PRO F 192 -10.01 2.84 -62.06
C PRO F 192 -9.08 3.11 -63.24
N SER F 193 -9.63 3.71 -64.29
CA SER F 193 -8.94 4.04 -65.56
C SER F 193 -8.57 2.71 -66.22
N GLY F 194 -7.42 2.62 -66.89
CA GLY F 194 -7.08 1.44 -67.65
C GLY F 194 -6.47 0.31 -66.84
N LYS F 195 -7.11 -0.07 -65.74
CA LYS F 195 -6.62 -1.13 -64.88
C LYS F 195 -7.66 -2.24 -64.80
N ASN F 196 -7.19 -3.49 -64.84
CA ASN F 196 -8.10 -4.63 -64.84
C ASN F 196 -8.74 -4.83 -63.47
N VAL F 197 -10.00 -5.20 -63.48
CA VAL F 197 -10.78 -5.42 -62.26
C VAL F 197 -11.59 -6.70 -62.42
N THR F 198 -11.57 -7.57 -61.42
CA THR F 198 -12.36 -8.79 -61.42
C THR F 198 -13.60 -8.61 -60.56
N TYR F 199 -14.73 -9.11 -61.06
CA TYR F 199 -15.99 -8.99 -60.36
C TYR F 199 -16.52 -10.37 -59.97
N GLU F 200 -17.23 -10.41 -58.86
CA GLU F 200 -17.89 -11.62 -58.38
C GLU F 200 -19.32 -11.27 -58.04
N CYS F 201 -20.28 -11.85 -58.76
CA CYS F 201 -21.67 -11.46 -58.66
C CYS F 201 -22.56 -12.66 -58.37
N LYS F 202 -23.65 -12.39 -57.65
CA LYS F 202 -24.65 -13.38 -57.28
C LYS F 202 -26.02 -12.90 -57.75
N CYS F 203 -26.09 -12.50 -59.02
CA CYS F 203 -27.31 -11.95 -59.60
C CYS F 203 -28.14 -13.11 -60.16
N GLY F 204 -28.60 -13.95 -59.23
CA GLY F 204 -29.29 -15.18 -59.59
C GLY F 204 -28.31 -16.32 -59.81
N ASP F 205 -27.31 -16.09 -60.64
CA ASP F 205 -26.25 -17.04 -60.89
C ASP F 205 -24.92 -16.42 -60.52
N TYR F 206 -23.90 -17.25 -60.40
CA TYR F 206 -22.56 -16.79 -60.04
C TYR F 206 -21.74 -16.52 -61.29
N SER F 207 -21.23 -15.29 -61.41
CA SER F 207 -20.43 -14.88 -62.55
C SER F 207 -19.15 -14.21 -62.08
N THR F 208 -18.04 -14.59 -62.72
CA THR F 208 -16.74 -13.98 -62.46
C THR F 208 -16.09 -13.63 -63.80
N GLY F 209 -15.38 -12.51 -63.83
CA GLY F 209 -14.75 -12.07 -65.06
C GLY F 209 -13.86 -10.87 -64.79
N ILE F 210 -13.05 -10.55 -65.80
CA ILE F 210 -12.06 -9.47 -65.72
C ILE F 210 -12.40 -8.45 -66.79
N VAL F 211 -12.43 -7.17 -66.40
CA VAL F 211 -12.94 -6.12 -67.26
C VAL F 211 -12.03 -4.90 -67.17
N SER F 212 -11.93 -4.18 -68.29
CA SER F 212 -11.10 -2.99 -68.38
C SER F 212 -11.90 -1.70 -68.54
N THR F 213 -13.15 -1.77 -68.98
CA THR F 213 -13.98 -0.58 -69.14
C THR F 213 -15.33 -0.85 -68.48
N GLN F 214 -16.27 0.05 -68.72
CA GLN F 214 -17.60 -0.08 -68.14
C GLN F 214 -18.32 -1.30 -68.71
N THR F 215 -19.00 -2.04 -67.84
CA THR F 215 -19.77 -3.22 -68.25
C THR F 215 -21.15 -3.20 -67.63
N LYS F 216 -22.13 -3.63 -68.41
CA LYS F 216 -23.54 -3.60 -68.03
C LYS F 216 -23.91 -4.67 -67.02
N MET F 217 -23.11 -5.73 -66.89
CA MET F 217 -23.43 -6.91 -66.07
C MET F 217 -24.71 -7.56 -66.59
N ASN F 218 -25.33 -8.41 -65.79
CA ASN F 218 -26.49 -9.18 -66.21
C ASN F 218 -27.34 -9.54 -65.01
N GLY F 219 -28.58 -9.05 -64.98
CA GLY F 219 -29.52 -9.46 -63.96
C GLY F 219 -29.29 -8.87 -62.59
N CYS F 220 -28.56 -7.76 -62.51
CA CYS F 220 -28.27 -7.11 -61.24
C CYS F 220 -29.08 -5.82 -61.10
N THR F 221 -29.79 -5.69 -59.99
CA THR F 221 -30.56 -4.49 -59.70
C THR F 221 -29.92 -3.62 -58.63
N LYS F 222 -29.06 -4.18 -57.79
CA LYS F 222 -28.39 -3.45 -56.73
C LYS F 222 -26.89 -3.72 -56.79
N ALA F 223 -26.10 -2.74 -56.35
CA ALA F 223 -24.65 -2.94 -56.30
C ALA F 223 -24.23 -3.81 -55.13
N ARG F 224 -25.16 -4.13 -54.23
CA ARG F 224 -24.81 -4.95 -53.06
C ARG F 224 -24.50 -6.38 -53.46
N GLN F 225 -25.06 -6.87 -54.56
CA GLN F 225 -24.86 -8.25 -54.97
C GLN F 225 -23.72 -8.43 -55.97
N CYS F 226 -22.80 -7.45 -56.04
CA CYS F 226 -21.57 -7.61 -56.79
C CYS F 226 -20.44 -7.00 -55.98
N ILE F 227 -19.22 -7.50 -56.19
CA ILE F 227 -18.01 -6.90 -55.65
C ILE F 227 -16.99 -6.83 -56.77
N ALA F 228 -16.00 -5.94 -56.60
CA ALA F 228 -14.99 -5.74 -57.63
C ALA F 228 -13.66 -5.40 -56.97
N TYR F 229 -12.61 -6.12 -57.36
CA TYR F 229 -11.28 -5.88 -56.83
C TYR F 229 -10.26 -6.02 -57.96
N THR F 230 -9.09 -5.43 -57.74
CA THR F 230 -8.05 -5.37 -58.76
C THR F 230 -7.41 -6.75 -58.97
N ARG F 231 -6.93 -6.97 -60.20
CA ARG F 231 -6.35 -8.24 -60.60
C ARG F 231 -4.83 -8.26 -60.49
N ASP F 232 -4.17 -7.11 -60.59
CA ASP F 232 -2.72 -7.05 -60.71
C ASP F 232 -1.98 -7.42 -59.44
N GLN F 233 -2.68 -7.60 -58.32
CA GLN F 233 -2.04 -7.70 -57.00
C GLN F 233 -1.16 -8.94 -56.94
N THR F 234 0.16 -8.73 -56.94
CA THR F 234 1.11 -9.80 -56.71
C THR F 234 2.03 -9.57 -55.51
N LYS F 235 2.19 -8.33 -55.06
CA LYS F 235 3.13 -8.04 -53.99
C LYS F 235 2.63 -8.60 -52.66
N TRP F 236 3.48 -9.37 -51.99
CA TRP F 236 3.07 -10.10 -50.80
C TRP F 236 2.81 -9.16 -49.63
N VAL F 237 1.92 -9.60 -48.73
CA VAL F 237 1.59 -8.88 -47.52
C VAL F 237 1.78 -9.81 -46.32
N PHE F 238 1.93 -9.19 -45.15
CA PHE F 238 2.13 -9.94 -43.92
C PHE F 238 0.87 -10.73 -43.58
N ASN F 239 1.05 -11.76 -42.76
CA ASN F 239 -0.07 -12.55 -42.25
C ASN F 239 -0.81 -11.78 -41.18
N SER F 240 -1.45 -10.69 -41.56
CA SER F 240 -2.15 -9.79 -40.66
C SER F 240 -3.58 -10.28 -40.41
N PRO F 241 -4.07 -10.15 -39.19
CA PRO F 241 -5.46 -10.52 -38.89
C PRO F 241 -6.48 -9.61 -39.53
N ASP F 242 -6.07 -8.49 -40.13
CA ASP F 242 -6.98 -7.50 -40.68
C ASP F 242 -7.08 -7.54 -42.19
N LEU F 243 -6.53 -8.57 -42.83
CA LEU F 243 -6.65 -8.75 -44.27
C LEU F 243 -7.36 -10.06 -44.56
N ILE F 244 -8.09 -10.09 -45.67
CA ILE F 244 -8.79 -11.31 -46.09
C ILE F 244 -7.85 -12.13 -46.98
N ARG F 245 -7.72 -13.41 -46.65
CA ARG F 245 -6.70 -14.24 -47.27
C ARG F 245 -7.10 -14.66 -48.69
N HIS F 246 -6.10 -15.04 -49.45
CA HIS F 246 -6.27 -15.54 -50.81
C HIS F 246 -6.67 -17.01 -50.79
N THR F 247 -7.05 -17.52 -51.96
CA THR F 247 -7.41 -18.93 -52.06
C THR F 247 -6.22 -19.84 -51.83
N ASP F 248 -5.01 -19.31 -52.02
CA ASP F 248 -3.77 -20.05 -51.75
C ASP F 248 -2.97 -19.26 -50.73
N HIS F 249 -3.18 -19.57 -49.45
CA HIS F 249 -2.46 -18.92 -48.36
C HIS F 249 -1.19 -19.68 -47.99
N SER F 250 -0.35 -19.95 -48.98
CA SER F 250 0.92 -20.60 -48.77
C SER F 250 2.03 -19.56 -48.65
N VAL F 251 3.05 -19.89 -47.86
CA VAL F 251 4.15 -18.96 -47.63
C VAL F 251 4.90 -18.77 -48.94
N GLN F 252 4.80 -17.57 -49.51
CA GLN F 252 5.50 -17.24 -50.75
C GLN F 252 6.94 -16.79 -50.51
N GLY F 253 7.24 -16.30 -49.32
CA GLY F 253 8.58 -15.84 -49.00
C GLY F 253 8.66 -15.51 -47.53
N LYS F 254 9.88 -15.21 -47.09
CA LYS F 254 10.13 -14.91 -45.69
C LYS F 254 10.98 -13.64 -45.60
N LEU F 255 10.67 -12.82 -44.60
CA LEU F 255 11.36 -11.55 -44.37
C LEU F 255 12.00 -11.54 -42.99
N HIS F 256 13.24 -11.05 -42.93
CA HIS F 256 13.97 -11.00 -41.67
C HIS F 256 13.28 -10.10 -40.65
N ILE F 257 13.40 -10.49 -39.38
CA ILE F 257 13.02 -9.63 -38.26
C ILE F 257 14.31 -9.00 -37.74
N PRO F 258 14.52 -7.70 -37.96
CA PRO F 258 15.82 -7.11 -37.61
C PRO F 258 16.06 -6.98 -36.12
N PHE F 259 17.20 -6.41 -35.75
CA PHE F 259 17.53 -6.07 -34.37
C PHE F 259 17.51 -7.31 -33.46
N ARG F 260 18.44 -8.20 -33.78
CA ARG F 260 18.58 -9.45 -33.03
C ARG F 260 19.00 -9.18 -31.59
N LEU F 261 18.47 -9.98 -30.68
CA LEU F 261 18.84 -9.91 -29.26
C LEU F 261 20.22 -10.52 -29.08
N THR F 262 21.22 -9.68 -28.83
CA THR F 262 22.60 -10.09 -28.75
C THR F 262 23.12 -10.00 -27.31
N PRO F 263 24.10 -10.81 -26.95
CA PRO F 263 24.74 -10.67 -25.64
C PRO F 263 25.79 -9.57 -25.66
N THR F 264 25.91 -8.89 -24.52
CA THR F 264 26.87 -7.81 -24.35
C THR F 264 27.10 -7.61 -22.85
N VAL F 265 27.88 -6.60 -22.49
CA VAL F 265 28.26 -6.33 -21.11
C VAL F 265 27.69 -4.98 -20.68
N CYS F 266 26.98 -4.99 -19.55
CA CYS F 266 26.35 -3.81 -18.99
C CYS F 266 27.13 -3.32 -17.77
N ARG F 267 26.81 -2.10 -17.34
CA ARG F 267 27.38 -1.52 -16.14
C ARG F 267 26.31 -1.51 -15.05
N VAL F 268 26.62 -2.11 -13.90
CA VAL F 268 25.65 -2.22 -12.83
C VAL F 268 26.23 -1.66 -11.54
N PRO F 269 25.42 -1.04 -10.68
CA PRO F 269 25.96 -0.38 -9.49
C PRO F 269 26.56 -1.35 -8.49
N LEU F 270 27.53 -0.85 -7.74
CA LEU F 270 28.12 -1.55 -6.61
C LEU F 270 27.65 -0.85 -5.34
N ALA F 271 26.86 -1.55 -4.53
CA ALA F 271 26.26 -0.96 -3.35
C ALA F 271 27.31 -0.52 -2.35
N HIS F 272 26.87 0.31 -1.40
CA HIS F 272 27.76 0.74 -0.33
C HIS F 272 28.08 -0.44 0.57
N THR F 273 29.38 -0.71 0.73
CA THR F 273 29.83 -1.88 1.47
C THR F 273 29.33 -1.82 2.91
N PRO F 274 28.66 -2.86 3.41
CA PRO F 274 28.10 -2.80 4.76
C PRO F 274 29.19 -2.83 5.83
N THR F 275 28.87 -2.24 6.97
CA THR F 275 29.71 -2.32 8.15
C THR F 275 29.25 -3.49 9.00
N VAL F 276 30.15 -4.42 9.30
CA VAL F 276 29.82 -5.65 9.99
C VAL F 276 30.18 -5.51 11.46
N THR F 277 29.17 -5.61 12.31
CA THR F 277 29.35 -5.68 13.76
C THR F 277 29.30 -7.15 14.15
N LYS F 278 30.32 -7.61 14.86
CA LYS F 278 30.47 -9.04 15.15
C LYS F 278 30.18 -9.30 16.62
N TRP F 279 29.34 -10.30 16.88
CA TRP F 279 29.08 -10.74 18.25
C TRP F 279 29.04 -12.26 18.30
N PHE F 280 28.70 -12.80 19.48
CA PHE F 280 28.74 -14.24 19.69
C PHE F 280 27.75 -14.95 18.77
N LYS F 281 28.28 -15.72 17.82
CA LYS F 281 27.48 -16.55 16.92
C LYS F 281 26.48 -15.70 16.12
N GLY F 282 26.96 -14.61 15.55
CA GLY F 282 26.11 -13.77 14.73
C GLY F 282 26.87 -12.58 14.19
N ILE F 283 26.25 -11.95 13.19
CA ILE F 283 26.73 -10.70 12.61
C ILE F 283 25.55 -9.75 12.50
N THR F 284 25.85 -8.45 12.46
CA THR F 284 24.87 -7.40 12.21
C THR F 284 25.38 -6.55 11.06
N LEU F 285 24.61 -6.50 9.98
CA LEU F 285 24.97 -5.74 8.79
C LEU F 285 24.26 -4.38 8.83
N HIS F 286 25.05 -3.32 8.90
CA HIS F 286 24.51 -1.95 8.84
C HIS F 286 24.51 -1.53 7.38
N LEU F 287 23.33 -1.51 6.77
CA LEU F 287 23.18 -1.46 5.32
C LEU F 287 22.69 -0.08 4.90
N THR F 288 23.31 0.47 3.85
CA THR F 288 22.90 1.72 3.22
C THR F 288 22.53 1.43 1.78
N ALA F 289 21.33 1.85 1.38
CA ALA F 289 20.86 1.60 0.02
C ALA F 289 19.88 2.70 -0.39
N THR F 290 20.27 3.50 -1.37
CA THR F 290 19.36 4.52 -1.90
C THR F 290 18.26 3.92 -2.77
N ARG F 291 18.56 2.87 -3.50
CA ARG F 291 17.62 2.18 -4.37
C ARG F 291 17.58 0.71 -3.97
N PRO F 292 16.46 0.02 -4.24
CA PRO F 292 16.30 -1.36 -3.75
C PRO F 292 17.43 -2.29 -4.10
N THR F 293 18.09 -2.82 -3.08
CA THR F 293 19.22 -3.73 -3.21
C THR F 293 18.86 -5.08 -2.62
N LEU F 294 19.44 -6.14 -3.18
CA LEU F 294 19.10 -7.50 -2.76
C LEU F 294 20.14 -8.01 -1.77
N LEU F 295 19.68 -8.46 -0.61
CA LEU F 295 20.54 -9.08 0.40
C LEU F 295 20.16 -10.55 0.52
N THR F 296 21.09 -11.43 0.15
CA THR F 296 20.86 -12.86 0.17
C THR F 296 21.81 -13.49 1.18
N THR F 297 21.28 -14.32 2.06
CA THR F 297 22.05 -14.97 3.10
C THR F 297 21.75 -16.47 3.10
N ARG F 298 22.80 -17.28 3.24
CA ARG F 298 22.61 -18.71 3.37
C ARG F 298 23.69 -19.27 4.28
N LYS F 299 23.32 -20.24 5.10
CA LYS F 299 24.29 -20.96 5.92
C LYS F 299 24.99 -22.02 5.09
N LEU F 300 26.24 -22.30 5.44
CA LEU F 300 27.07 -23.25 4.71
C LEU F 300 27.02 -24.65 5.32
N GLY F 301 25.91 -25.00 5.98
CA GLY F 301 25.73 -26.30 6.57
C GLY F 301 24.71 -27.13 5.84
N LEU F 302 24.16 -28.12 6.55
CA LEU F 302 23.16 -29.00 5.96
C LEU F 302 21.89 -28.22 5.64
N ARG F 303 21.46 -27.33 6.53
CA ARG F 303 20.29 -26.51 6.31
C ARG F 303 20.75 -25.14 5.82
N ALA F 304 20.29 -24.75 4.63
CA ALA F 304 20.70 -23.47 4.07
C ALA F 304 20.06 -22.31 4.82
N ASP F 305 18.78 -22.45 5.17
CA ASP F 305 18.03 -21.39 5.85
C ASP F 305 18.18 -20.07 5.10
N ALA F 306 17.93 -20.11 3.80
CA ALA F 306 18.20 -18.95 2.95
C ALA F 306 17.21 -17.82 3.23
N THR F 307 17.72 -16.59 3.12
CA THR F 307 16.89 -15.39 3.23
C THR F 307 17.10 -14.54 1.98
N ALA F 308 16.07 -13.79 1.62
CA ALA F 308 16.16 -12.87 0.49
C ALA F 308 15.25 -11.68 0.76
N GLU F 309 15.83 -10.49 0.77
CA GLU F 309 15.07 -9.27 1.00
C GLU F 309 15.59 -8.18 0.08
N TRP F 310 14.69 -7.29 -0.33
CA TRP F 310 15.04 -6.09 -1.08
C TRP F 310 15.00 -4.92 -0.13
N ILE F 311 16.15 -4.27 0.07
CA ILE F 311 16.36 -3.32 1.15
C ILE F 311 16.44 -1.91 0.58
N THR F 312 15.67 -0.99 1.16
CA THR F 312 15.74 0.42 0.84
C THR F 312 16.04 1.20 2.12
N GLY F 313 16.77 2.29 1.97
CA GLY F 313 17.12 3.14 3.09
C GLY F 313 18.27 2.58 3.91
N THR F 314 18.52 3.26 5.03
CA THR F 314 19.52 2.82 5.99
C THR F 314 18.82 1.95 7.03
N THR F 315 19.40 0.78 7.31
CA THR F 315 18.74 -0.20 8.16
C THR F 315 19.80 -1.16 8.70
N SER F 316 19.35 -2.19 9.41
CA SER F 316 20.23 -3.19 9.99
C SER F 316 19.51 -4.52 10.01
N ARG F 317 20.26 -5.59 9.71
CA ARG F 317 19.73 -6.94 9.72
C ARG F 317 20.68 -7.85 10.51
N ASN F 318 20.11 -8.70 11.35
CA ASN F 318 20.88 -9.57 12.24
C ASN F 318 20.82 -11.00 11.74
N PHE F 319 21.98 -11.62 11.55
CA PHE F 319 22.09 -12.97 11.02
C PHE F 319 22.89 -13.84 11.98
N SER F 320 22.41 -15.06 12.18
CA SER F 320 23.02 -15.98 13.14
C SER F 320 24.02 -16.90 12.45
N VAL F 321 25.29 -16.75 12.79
CA VAL F 321 26.38 -17.51 12.20
C VAL F 321 26.75 -18.65 13.14
N GLY F 322 27.11 -19.80 12.57
CA GLY F 322 27.51 -20.95 13.33
C GLY F 322 28.91 -21.44 12.96
N ARG F 323 29.22 -22.65 13.45
CA ARG F 323 30.51 -23.26 13.14
C ARG F 323 30.62 -23.65 11.66
N GLU F 324 29.50 -23.80 10.97
CA GLU F 324 29.55 -24.12 9.55
C GLU F 324 29.79 -22.87 8.71
N GLY F 325 29.20 -21.75 9.09
CA GLY F 325 29.46 -20.47 8.46
C GLY F 325 28.20 -19.77 8.02
N LEU F 326 28.41 -18.72 7.22
CA LEU F 326 27.32 -17.95 6.64
C LEU F 326 27.87 -17.18 5.45
N GLU F 327 27.05 -17.06 4.41
CA GLU F 327 27.43 -16.36 3.19
C GLU F 327 26.39 -15.30 2.90
N TYR F 328 26.82 -14.06 2.75
CA TYR F 328 25.90 -12.97 2.43
C TYR F 328 26.40 -12.22 1.20
N VAL F 329 25.50 -12.05 0.24
CA VAL F 329 25.76 -11.27 -0.97
C VAL F 329 24.95 -9.99 -0.85
N TRP F 330 25.63 -8.85 -1.00
CA TRP F 330 25.00 -7.54 -0.89
C TRP F 330 25.07 -6.86 -2.25
N GLY F 331 23.95 -6.82 -2.96
CA GLY F 331 23.93 -6.22 -4.28
C GLY F 331 24.81 -6.99 -5.26
N ASN F 332 25.44 -6.25 -6.17
CA ASN F 332 26.33 -6.84 -7.15
C ASN F 332 27.75 -7.02 -6.60
N HIS F 333 27.84 -7.64 -5.43
CA HIS F 333 29.11 -7.87 -4.77
C HIS F 333 29.41 -9.36 -4.69
N GLU F 334 30.70 -9.68 -4.64
CA GLU F 334 31.10 -11.06 -4.51
C GLU F 334 30.70 -11.61 -3.15
N PRO F 335 30.31 -12.88 -3.06
CA PRO F 335 29.93 -13.44 -1.76
C PRO F 335 31.09 -13.43 -0.79
N VAL F 336 30.77 -13.17 0.49
CA VAL F 336 31.75 -13.12 1.55
C VAL F 336 31.28 -14.02 2.69
N ARG F 337 32.16 -14.91 3.14
CA ARG F 337 31.82 -15.96 4.08
C ARG F 337 32.42 -15.67 5.45
N VAL F 338 31.64 -15.94 6.50
CA VAL F 338 32.05 -15.70 7.87
C VAL F 338 31.78 -16.95 8.69
N TRP F 339 32.77 -17.40 9.45
CA TRP F 339 32.66 -18.55 10.32
C TRP F 339 32.71 -18.08 11.78
N ALA F 340 31.91 -18.73 12.62
CA ALA F 340 31.78 -18.32 14.01
C ALA F 340 32.70 -19.14 14.91
N GLN F 341 33.23 -18.49 15.93
CA GLN F 341 34.16 -19.09 16.87
C GLN F 341 33.48 -19.34 18.21
N GLU F 342 34.14 -20.13 19.05
CA GLU F 342 33.62 -20.47 20.38
C GLU F 342 34.05 -19.45 21.42
N SER F 343 33.77 -18.17 21.16
CA SER F 343 34.07 -17.09 22.10
C SER F 343 32.89 -16.79 23.01
N ALA F 344 32.44 -17.81 23.74
CA ALA F 344 31.29 -17.63 24.61
C ALA F 344 31.65 -16.76 25.81
N PRO F 345 30.67 -16.06 26.38
CA PRO F 345 30.95 -15.27 27.58
C PRO F 345 31.27 -16.19 28.76
N GLY F 346 32.54 -16.18 29.15
CA GLY F 346 33.01 -17.04 30.22
C GLY F 346 34.39 -17.59 29.97
N ASP F 347 34.84 -18.41 30.92
CA ASP F 347 36.17 -19.02 30.87
C ASP F 347 36.02 -20.47 31.30
N PRO F 348 36.46 -21.44 30.49
CA PRO F 348 36.25 -22.85 30.84
C PRO F 348 37.31 -23.44 31.76
N HIS F 349 38.16 -22.63 32.38
CA HIS F 349 39.18 -23.11 33.30
C HIS F 349 39.12 -22.44 34.66
N GLY F 350 38.29 -21.41 34.81
CA GLY F 350 38.21 -20.71 36.08
C GLY F 350 37.31 -21.43 37.05
N TRP F 351 36.39 -20.70 37.68
CA TRP F 351 35.52 -21.31 38.66
C TRP F 351 34.42 -22.12 37.98
N PRO F 352 33.86 -23.11 38.70
CA PRO F 352 32.85 -23.97 38.07
C PRO F 352 31.67 -23.22 37.48
N HIS F 353 31.22 -22.13 38.12
CA HIS F 353 30.10 -21.39 37.56
C HIS F 353 30.51 -20.67 36.28
N GLU F 354 31.75 -20.21 36.21
CA GLU F 354 32.26 -19.62 34.97
C GLU F 354 32.27 -20.66 33.85
N ILE F 355 32.73 -21.87 34.17
CA ILE F 355 32.68 -22.98 33.23
C ILE F 355 31.24 -23.24 32.79
N ILE F 356 30.31 -23.18 33.74
CA ILE F 356 28.91 -23.47 33.44
C ILE F 356 28.32 -22.44 32.48
N ILE F 357 28.60 -21.15 32.70
CA ILE F 357 28.09 -20.16 31.77
C ILE F 357 28.71 -20.35 30.39
N HIS F 358 30.02 -20.59 30.33
CA HIS F 358 30.66 -20.83 29.04
C HIS F 358 29.97 -21.95 28.28
N TYR F 359 29.80 -23.11 28.92
CA TYR F 359 29.26 -24.27 28.22
C TYR F 359 27.76 -24.17 27.99
N TYR F 360 27.02 -23.45 28.83
CA TYR F 360 25.61 -23.22 28.55
C TYR F 360 25.44 -22.32 27.33
N HIS F 361 26.26 -21.27 27.22
CA HIS F 361 26.19 -20.45 26.03
C HIS F 361 26.60 -21.21 24.78
N ARG F 362 27.62 -22.06 24.88
CA ARG F 362 28.03 -22.83 23.70
C ARG F 362 27.03 -23.92 23.36
N HIS F 363 26.61 -24.71 24.35
CA HIS F 363 25.70 -25.83 24.14
C HIS F 363 24.64 -25.86 25.24
N PRO F 364 23.51 -25.16 25.04
CA PRO F 364 22.52 -25.05 26.12
C PRO F 364 21.92 -26.38 26.54
N VAL F 365 21.34 -27.12 25.59
CA VAL F 365 20.63 -28.35 25.94
C VAL F 365 21.60 -29.42 26.43
N TYR F 366 22.80 -29.48 25.82
CA TYR F 366 23.81 -30.43 26.29
C TYR F 366 24.24 -30.13 27.72
N THR F 367 24.51 -28.86 28.02
CA THR F 367 24.91 -28.50 29.37
C THR F 367 23.79 -28.76 30.37
N VAL F 368 22.55 -28.44 30.02
CA VAL F 368 21.44 -28.69 30.92
C VAL F 368 21.24 -30.18 31.14
N ILE F 369 21.46 -31.00 30.10
CA ILE F 369 21.36 -32.44 30.25
C ILE F 369 22.43 -32.97 31.19
N VAL F 370 23.66 -32.48 31.03
CA VAL F 370 24.75 -32.92 31.92
C VAL F 370 24.47 -32.50 33.35
N LEU F 371 23.96 -31.28 33.55
CA LEU F 371 23.65 -30.80 34.89
C LEU F 371 22.52 -31.60 35.52
N CYS F 372 21.49 -31.94 34.72
CA CYS F 372 20.44 -32.81 35.24
C CYS F 372 20.99 -34.17 35.62
N GLY F 373 21.90 -34.70 34.81
CA GLY F 373 22.51 -35.97 35.14
C GLY F 373 23.29 -35.95 36.44
N VAL F 374 24.08 -34.89 36.66
CA VAL F 374 24.88 -34.83 37.88
C VAL F 374 23.97 -34.60 39.09
N ALA F 375 22.93 -33.77 38.94
CA ALA F 375 22.00 -33.57 40.06
C ALA F 375 21.27 -34.86 40.41
N LEU F 376 20.84 -35.61 39.39
CA LEU F 376 20.16 -36.88 39.65
C LEU F 376 21.11 -37.88 40.28
N ALA F 377 22.37 -37.91 39.84
CA ALA F 377 23.34 -38.81 40.43
C ALA F 377 23.62 -38.45 41.88
N ILE F 378 23.65 -37.15 42.20
CA ILE F 378 23.79 -36.74 43.59
C ILE F 378 22.57 -37.18 44.40
N LEU F 379 21.38 -37.06 43.81
CA LEU F 379 20.16 -37.48 44.50
C LEU F 379 20.22 -38.98 44.82
N VAL F 380 20.58 -39.80 43.84
CA VAL F 380 20.75 -41.22 44.10
C VAL F 380 22.15 -41.45 44.67
N GLY F 381 22.25 -41.43 46.00
CA GLY F 381 23.53 -41.44 46.67
C GLY F 381 23.50 -40.53 47.88
N THR F 382 22.70 -39.46 47.82
CA THR F 382 22.30 -38.78 49.04
C THR F 382 20.95 -39.25 49.55
N ALA F 383 20.25 -40.07 48.77
CA ALA F 383 19.00 -40.70 49.21
C ALA F 383 19.16 -42.21 49.41
N SER F 384 19.68 -42.92 48.40
CA SER F 384 19.79 -44.37 48.50
C SER F 384 20.80 -44.77 49.57
N SER F 385 21.98 -44.15 49.57
CA SER F 385 22.99 -44.46 50.57
C SER F 385 22.52 -44.08 51.97
N ALA F 386 21.83 -42.94 52.10
CA ALA F 386 21.29 -42.54 53.39
C ALA F 386 20.23 -43.54 53.87
N ALA F 387 19.40 -44.04 52.95
CA ALA F 387 18.43 -45.05 53.31
C ALA F 387 19.10 -46.34 53.76
N CYS F 388 20.20 -46.72 53.09
CA CYS F 388 20.95 -47.89 53.51
C CYS F 388 21.55 -47.70 54.90
N ILE F 389 22.08 -46.51 55.16
CA ILE F 389 22.64 -46.21 56.49
C ILE F 389 21.55 -46.31 57.55
N ALA F 390 20.37 -45.73 57.25
CA ALA F 390 19.27 -45.76 58.20
C ALA F 390 18.78 -47.19 58.43
N LYS F 391 18.72 -48.00 57.37
CA LYS F 391 18.26 -49.37 57.52
C LYS F 391 19.26 -50.19 58.34
N ALA F 392 20.56 -49.98 58.14
CA ALA F 392 21.55 -50.67 58.96
C ALA F 392 21.43 -50.23 60.42
N ARG F 393 21.27 -48.93 60.64
CA ARG F 393 21.04 -48.43 62.00
C ARG F 393 19.86 -49.12 62.64
N ARG F 394 18.72 -49.17 61.95
CA ARG F 394 17.51 -49.71 62.56
C ARG F 394 17.61 -51.22 62.78
N ASP F 395 18.16 -51.97 61.80
CA ASP F 395 18.19 -53.41 61.96
C ASP F 395 19.34 -53.90 62.83
N CYS F 396 20.26 -53.02 63.22
CA CYS F 396 21.23 -53.37 64.24
C CYS F 396 20.93 -52.76 65.60
N LEU F 397 19.99 -51.81 65.68
CA LEU F 397 19.61 -51.19 66.94
C LEU F 397 18.34 -51.79 67.54
N THR F 398 17.30 -51.98 66.71
CA THR F 398 16.06 -52.55 67.22
C THR F 398 16.18 -53.97 67.76
N PRO F 399 16.86 -54.92 67.08
CA PRO F 399 16.67 -56.33 67.46
C PRO F 399 17.02 -56.66 68.90
N TYR F 400 18.08 -56.08 69.45
CA TYR F 400 18.47 -56.42 70.82
C TYR F 400 18.84 -55.24 71.71
N ALA F 401 19.19 -54.08 71.16
CA ALA F 401 19.74 -53.01 72.00
C ALA F 401 18.70 -52.44 72.95
N LEU F 402 17.51 -52.11 72.44
CA LEU F 402 16.45 -51.52 73.25
C LEU F 402 15.27 -52.47 73.39
N ALA F 403 15.53 -53.78 73.30
CA ALA F 403 14.48 -54.76 73.50
C ALA F 403 13.93 -54.66 74.93
N PRO F 404 12.68 -55.02 75.15
CA PRO F 404 12.11 -54.93 76.50
C PRO F 404 12.95 -55.72 77.50
N ASN F 405 13.16 -55.10 78.67
CA ASN F 405 14.03 -55.60 79.73
C ASN F 405 15.31 -56.25 79.18
N ALA F 406 16.08 -55.42 78.46
CA ALA F 406 17.36 -55.82 77.91
C ALA F 406 18.41 -54.78 78.27
N THR F 407 19.67 -55.22 78.36
CA THR F 407 20.77 -54.38 78.78
C THR F 407 21.90 -54.48 77.76
N VAL F 408 22.50 -53.34 77.44
CA VAL F 408 23.62 -53.28 76.49
C VAL F 408 24.73 -52.40 77.08
N PRO F 409 25.94 -52.91 77.24
CA PRO F 409 27.03 -52.11 77.79
C PRO F 409 27.64 -51.18 76.76
N THR F 410 28.65 -50.42 77.21
CA THR F 410 29.22 -49.37 76.38
C THR F 410 29.97 -49.92 75.17
N ALA F 411 30.58 -51.10 75.30
CA ALA F 411 31.44 -51.62 74.24
C ALA F 411 30.69 -51.76 72.92
N LEU F 412 29.47 -52.27 72.96
CA LEU F 412 28.62 -52.33 71.79
C LEU F 412 27.52 -51.27 71.80
N ALA F 413 27.53 -50.37 72.79
CA ALA F 413 26.58 -49.26 72.81
C ALA F 413 27.13 -47.98 72.21
N VAL F 414 28.46 -47.82 72.12
CA VAL F 414 29.06 -46.61 71.61
C VAL F 414 29.98 -46.88 70.42
N LEU F 415 30.15 -48.15 70.01
CA LEU F 415 31.05 -48.44 68.91
C LEU F 415 30.57 -47.79 67.61
N CYS F 416 29.26 -47.77 67.40
CA CYS F 416 28.67 -47.07 66.26
C CYS F 416 27.43 -46.26 66.62
N CYS F 417 26.72 -46.57 67.70
CA CYS F 417 25.49 -45.90 68.03
C CYS F 417 25.74 -44.46 68.47
N ILE F 418 24.67 -43.68 68.54
CA ILE F 418 24.72 -42.26 68.87
C ILE F 418 25.64 -41.51 67.91
#